data_7RW6
#
_entry.id   7RW6
#
_cell.length_a   1.00
_cell.length_b   1.00
_cell.length_c   1.00
_cell.angle_alpha   90.00
_cell.angle_beta   90.00
_cell.angle_gamma   90.00
#
_symmetry.space_group_name_H-M   'P 1'
#
loop_
_entity.id
_entity.type
_entity.pdbx_description
1 polymer 'Maltose/maltodextrin-binding periplasmic protein,Ribonucleoside-diphosphate reductase large subunit'
2 polymer 'DNA dC->dU-editing enzyme APOBEC-3B'
3 non-polymer 'ZINC ION'
#
loop_
_entity_poly.entity_id
_entity_poly.type
_entity_poly.pdbx_seq_one_letter_code
_entity_poly.pdbx_strand_id
1 'polypeptide(L)'
;MKIEEGKLVIWINGDKGYNGLAEVGKKFEKDTGIKVTVEHPDKLEEKFPQVAATGDGPDIIFWAHDRFGGYAQSGLLAEI
TPAAAFQDKLYPFTWDAVRYNGKLIAYPIAVEALSLIYNKDLLPNPPKTWEEIPALDKELKAKGKSALMFNLQEPYFTWP
LIAADGGYAFKYAAGKYDIKDVGVDNAGAKAGLTFLVDLIKNKHMNADTDYSIAEAAFNKGETAMTINGPWAWSNIDTSA
VNYGVTVLPTFKGQPSKPFVGVLSAGINAASPNKELAKEFLENYLLTDEGLEAVNKDKPLGAVALKSYEEELAKDPRIAA
TMENAQKGEIMPNIPQMSAFWYAVRTAVINAASGRQTVDAALAAAQTNAAAMATTSHVEHELLSKLIDELKVKANSDPEA
DVLAGRLLHRLKAESVTHTVAEYLEVFSDKFYDEEFFQMHRDELETRVSAFAQSPAYERIVSSGYLSALRYYDTYLYVGR
SGKQESVQHFYMRLAGFCASTTCLYAGLRAALQRARPEIESDMEVFDYYFEHLTSQTVCCSTPFMRFAGVENSTLASCIL
TTPDLSSEWDVTQALYRHLGRYLFQRAGVGVGVTGAGQDGKHISLLMRMINSHVEYHNYGCKRPVSVAAYMEPWHSQIFK
FLETKLPENHERCPGIFTGLFVPELFFKLFRDTPWSDWYLFDPKDAGDLERLYGEEFEREYYRLVTAGKFCGRVSIKSLM
FSIVNCAVKAGSPFILLKEACNAHFWRDLQGEAMNAANLCAEVLQPSRKSVATCNLANICLPRCLVNAPLAVRAQRADTQ
GDELLLALPRLSVTLPGEGAVGDGFSLARLRDATQCATFVVACSILQGSPTYDSRDMASMGLGVQGLADVFADLGWQYTD
PPSRSLNKEIFEHMYFTALCTSSLIGLHTRKIFPGFKQSKYAGGWFHWHDWAGTDLSIPREIWSRLSERIVRDGLFNSQF
IALMPTSGCAQVTGCSDAFYPFYANASTKVTNKEEALRPNRSFWRHVRLDDREALNLVGGRVSCLPEALRQRYLRFQTAF
DYNQEDLIQMSRDRAPFVDQSQSHSLFLREEDAARASTLANLLVRSYELGLKTIMYYCRIEKAADLGVMECKASAALSVP
REEQNERSPAEQMPPRPMEPAQVAGPVDIMSKGPGEGPGGWCVPGGLEVCYKYRQLFSEDDLLETDGFTERACESCQ
;
A,C
2 'polypeptide(L)'
;MDPDTFTFNFNNDPLVLRRRQTYLCYEVERLDNGTWVLMDQHMGFLCNEAKNLLCGFYGRHAELRFLDLVPSLQLDPAQI
YRVTWFISWSPCFSWGCAGEVRAFLQENTHVRLRIFAARIYDYDPLYKEALQMLRDAGAQVSIMTYDEFEYCWDTFVYRQ
GCPFQPWDGLEEHSQALSGRLRAILQNQGNKLGPEQKLISEEDLNSAVDHHHHHH
;
B,D
#
# COMPACT_ATOMS: atom_id res chain seq x y z
N HIS A 377 11.42 24.46 -23.93
CA HIS A 377 11.24 23.37 -22.96
C HIS A 377 12.46 22.46 -22.94
N VAL A 378 13.23 22.54 -21.84
CA VAL A 378 14.44 21.75 -21.69
C VAL A 378 14.20 20.45 -20.93
N GLU A 379 13.08 20.34 -20.21
CA GLU A 379 12.80 19.13 -19.44
C GLU A 379 12.54 17.93 -20.33
N HIS A 380 11.89 18.14 -21.49
CA HIS A 380 11.55 17.03 -22.36
C HIS A 380 12.79 16.35 -22.94
N GLU A 381 13.80 17.14 -23.34
CA GLU A 381 15.01 16.54 -23.88
C GLU A 381 15.73 15.71 -22.83
N LEU A 382 15.86 16.25 -21.61
CA LEU A 382 16.46 15.48 -20.52
C LEU A 382 15.67 14.22 -20.23
N LEU A 383 14.35 14.34 -20.22
CA LEU A 383 13.50 13.18 -19.97
C LEU A 383 13.72 12.10 -21.02
N SER A 384 13.75 12.50 -22.30
CA SER A 384 13.91 11.51 -23.37
C SER A 384 15.28 10.85 -23.32
N LYS A 385 16.33 11.64 -23.10
CA LYS A 385 17.67 11.08 -23.02
C LYS A 385 17.79 10.10 -21.85
N LEU A 386 17.22 10.46 -20.69
CA LEU A 386 17.29 9.55 -19.56
C LEU A 386 16.39 8.34 -19.75
N ILE A 387 15.30 8.49 -20.51
CA ILE A 387 14.50 7.32 -20.89
C ILE A 387 15.34 6.35 -21.70
N ASP A 388 16.09 6.86 -22.68
CA ASP A 388 16.96 6.00 -23.47
C ASP A 388 18.00 5.33 -22.58
N GLU A 389 18.66 6.11 -21.72
CA GLU A 389 19.73 5.57 -20.89
C GLU A 389 19.23 4.61 -19.84
N LEU A 390 17.95 4.67 -19.49
CA LEU A 390 17.41 3.73 -18.52
C LEU A 390 16.83 2.49 -19.17
N LYS A 391 16.20 2.63 -20.35
CA LYS A 391 15.65 1.48 -21.03
C LYS A 391 16.73 0.65 -21.71
N VAL A 392 17.89 1.24 -22.01
CA VAL A 392 18.99 0.44 -22.54
C VAL A 392 19.49 -0.55 -21.50
N LYS A 393 19.41 -0.18 -20.22
CA LYS A 393 19.86 -1.04 -19.13
C LYS A 393 18.71 -1.55 -18.27
N ALA A 394 17.48 -1.48 -18.77
CA ALA A 394 16.32 -1.90 -18.01
C ALA A 394 16.15 -3.41 -17.93
N ASN A 395 16.88 -4.17 -18.75
CA ASN A 395 16.72 -5.62 -18.75
C ASN A 395 17.30 -6.25 -17.49
N SER A 396 18.42 -5.73 -17.00
CA SER A 396 19.10 -6.29 -15.84
C SER A 396 18.91 -5.46 -14.57
N ASP A 397 18.22 -4.33 -14.66
CA ASP A 397 18.00 -3.46 -13.51
C ASP A 397 16.51 -3.31 -13.26
N PRO A 398 15.95 -3.91 -12.21
CA PRO A 398 14.51 -3.79 -11.96
C PRO A 398 14.12 -2.44 -11.38
N GLU A 399 15.09 -1.63 -10.93
CA GLU A 399 14.82 -0.29 -10.45
C GLU A 399 14.83 0.75 -11.57
N ALA A 400 15.42 0.40 -12.73
CA ALA A 400 15.53 1.33 -13.84
C ALA A 400 14.31 1.33 -14.76
N ASP A 401 13.71 0.16 -15.01
CA ASP A 401 12.54 0.11 -15.86
C ASP A 401 11.33 0.77 -15.20
N VAL A 402 11.22 0.68 -13.87
CA VAL A 402 10.17 1.40 -13.16
C VAL A 402 10.39 2.90 -13.30
N LEU A 403 11.64 3.35 -13.13
CA LEU A 403 11.95 4.76 -13.32
C LEU A 403 11.71 5.19 -14.75
N ALA A 404 12.04 4.31 -15.71
CA ALA A 404 11.77 4.62 -17.11
C ALA A 404 10.28 4.78 -17.37
N GLY A 405 9.45 3.91 -16.79
CA GLY A 405 8.01 4.07 -16.94
C GLY A 405 7.51 5.36 -16.32
N ARG A 406 8.00 5.69 -15.12
CA ARG A 406 7.58 6.93 -14.47
C ARG A 406 7.97 8.15 -15.32
N LEU A 407 9.18 8.16 -15.86
CA LEU A 407 9.63 9.30 -16.63
C LEU A 407 8.97 9.37 -18.00
N LEU A 408 8.58 8.23 -18.57
CA LEU A 408 7.81 8.25 -19.80
C LEU A 408 6.41 8.79 -19.55
N HIS A 409 5.81 8.43 -18.41
CA HIS A 409 4.52 9.03 -18.05
C HIS A 409 4.66 10.52 -17.83
N ARG A 410 5.76 10.95 -17.21
CA ARG A 410 5.99 12.37 -16.98
C ARG A 410 6.21 13.13 -18.29
N LEU A 411 6.90 12.50 -19.25
CA LEU A 411 7.18 13.16 -20.52
C LEU A 411 5.89 13.46 -21.29
N LYS A 412 4.95 12.54 -21.28
CA LYS A 412 3.69 12.71 -21.98
C LYS A 412 2.63 13.39 -21.13
N ALA A 413 2.99 13.91 -19.96
CA ALA A 413 2.00 14.46 -19.04
C ALA A 413 1.28 15.67 -19.64
N GLU A 414 2.02 16.57 -20.28
CA GLU A 414 1.38 17.74 -20.86
C GLU A 414 0.77 17.47 -22.23
N SER A 415 1.08 16.33 -22.84
CA SER A 415 0.51 15.95 -24.12
C SER A 415 -0.77 15.13 -23.97
N VAL A 416 -1.25 14.92 -22.75
CA VAL A 416 -2.46 14.17 -22.51
C VAL A 416 -3.43 15.05 -21.72
N THR A 417 -4.71 14.69 -21.79
CA THR A 417 -5.75 15.44 -21.11
C THR A 417 -5.59 15.34 -19.60
N HIS A 418 -5.78 16.47 -18.91
CA HIS A 418 -5.59 16.53 -17.46
C HIS A 418 -6.90 16.53 -16.68
N THR A 419 -7.99 17.01 -17.28
CA THR A 419 -9.27 17.10 -16.60
C THR A 419 -10.34 16.43 -17.45
N VAL A 420 -11.42 16.02 -16.78
CA VAL A 420 -12.53 15.36 -17.47
C VAL A 420 -13.19 16.34 -18.44
N ALA A 421 -13.26 17.62 -18.06
CA ALA A 421 -13.78 18.62 -18.99
C ALA A 421 -12.92 18.71 -20.23
N GLU A 422 -11.59 18.72 -20.07
CA GLU A 422 -10.70 18.74 -21.23
C GLU A 422 -10.83 17.47 -22.04
N TYR A 423 -10.98 16.32 -21.38
CA TYR A 423 -11.16 15.06 -22.11
C TYR A 423 -12.43 15.07 -22.94
N LEU A 424 -13.52 15.60 -22.40
CA LEU A 424 -14.78 15.66 -23.14
C LEU A 424 -14.74 16.71 -24.22
N GLU A 425 -13.94 17.77 -24.05
CA GLU A 425 -13.81 18.78 -25.09
C GLU A 425 -12.97 18.27 -26.25
N VAL A 426 -11.86 17.60 -25.96
CA VAL A 426 -10.99 17.09 -27.02
C VAL A 426 -11.70 15.98 -27.80
N PHE A 427 -12.38 15.08 -27.11
CA PHE A 427 -13.08 13.97 -27.73
C PHE A 427 -14.59 14.22 -27.79
N SER A 428 -15.00 15.45 -28.05
CA SER A 428 -16.41 15.78 -28.09
C SER A 428 -17.14 15.02 -29.19
N ASP A 429 -16.46 14.77 -30.32
CA ASP A 429 -17.11 14.07 -31.42
C ASP A 429 -17.42 12.61 -31.08
N LYS A 430 -16.83 12.06 -30.02
CA LYS A 430 -17.18 10.73 -29.54
C LYS A 430 -18.04 10.75 -28.28
N PHE A 431 -18.23 11.90 -27.66
CA PHE A 431 -18.95 11.95 -26.39
C PHE A 431 -19.96 13.09 -26.29
N TYR A 432 -20.32 13.72 -27.42
CA TYR A 432 -21.29 14.81 -27.35
C TYR A 432 -22.67 14.29 -26.96
N ASP A 433 -23.02 13.08 -27.37
CA ASP A 433 -24.30 12.48 -27.05
C ASP A 433 -24.20 11.37 -26.01
N GLU A 434 -23.02 11.12 -25.46
CA GLU A 434 -22.86 10.13 -24.40
C GLU A 434 -23.47 10.71 -23.13
N GLU A 435 -24.68 10.26 -22.79
CA GLU A 435 -25.42 10.88 -21.69
C GLU A 435 -24.70 10.74 -20.37
N PHE A 436 -24.08 9.58 -20.12
CA PHE A 436 -23.46 9.32 -18.82
C PHE A 436 -22.39 10.36 -18.49
N PHE A 437 -21.45 10.58 -19.40
CA PHE A 437 -20.38 11.55 -19.15
C PHE A 437 -20.94 12.96 -19.02
N GLN A 438 -21.89 13.32 -19.89
CA GLN A 438 -22.42 14.68 -19.88
C GLN A 438 -23.15 14.99 -18.57
N MET A 439 -23.87 14.02 -18.02
CA MET A 439 -24.58 14.26 -16.78
C MET A 439 -23.77 13.93 -15.53
N HIS A 440 -22.60 13.33 -15.66
CA HIS A 440 -21.77 13.04 -14.50
C HIS A 440 -20.38 13.63 -14.62
N ARG A 441 -20.22 14.70 -15.40
CA ARG A 441 -18.96 15.43 -15.49
C ARG A 441 -18.28 15.65 -14.13
N ASP A 442 -19.00 16.27 -13.19
CA ASP A 442 -18.37 16.66 -11.93
C ASP A 442 -17.98 15.44 -11.09
N GLU A 443 -18.87 14.46 -10.98
CA GLU A 443 -18.55 13.27 -10.20
C GLU A 443 -17.41 12.48 -10.83
N LEU A 444 -17.38 12.41 -12.16
CA LEU A 444 -16.27 11.76 -12.85
C LEU A 444 -14.97 12.49 -12.59
N GLU A 445 -15.00 13.82 -12.61
CA GLU A 445 -13.79 14.59 -12.31
C GLU A 445 -13.31 14.33 -10.90
N THR A 446 -14.23 14.29 -9.93
CA THR A 446 -13.84 14.02 -8.54
C THR A 446 -13.22 12.64 -8.42
N ARG A 447 -13.86 11.62 -9.01
CA ARG A 447 -13.35 10.26 -8.88
C ARG A 447 -12.01 10.10 -9.60
N VAL A 448 -11.85 10.70 -10.77
CA VAL A 448 -10.60 10.61 -11.50
C VAL A 448 -9.48 11.33 -10.75
N SER A 449 -9.78 12.49 -10.16
CA SER A 449 -8.79 13.19 -9.36
C SER A 449 -8.38 12.37 -8.15
N ALA A 450 -9.35 11.72 -7.49
CA ALA A 450 -9.02 10.84 -6.38
C ALA A 450 -8.16 9.67 -6.84
N PHE A 451 -8.45 9.12 -8.03
CA PHE A 451 -7.66 8.03 -8.57
C PHE A 451 -6.24 8.48 -8.89
N ALA A 452 -6.07 9.73 -9.28
CA ALA A 452 -4.74 10.22 -9.67
C ALA A 452 -3.77 10.15 -8.49
N GLN A 453 -4.22 10.54 -7.30
CA GLN A 453 -3.40 10.42 -6.10
C GLN A 453 -3.57 9.08 -5.40
N SER A 454 -4.42 8.20 -5.92
CA SER A 454 -4.62 6.90 -5.31
C SER A 454 -3.39 6.03 -5.53
N PRO A 455 -3.11 5.10 -4.60
CA PRO A 455 -1.99 4.16 -4.81
C PRO A 455 -2.14 3.30 -6.05
N ALA A 456 -3.37 3.09 -6.53
CA ALA A 456 -3.55 2.31 -7.76
C ALA A 456 -2.88 2.99 -8.95
N TYR A 457 -3.01 4.31 -9.05
CA TYR A 457 -2.35 5.04 -10.12
C TYR A 457 -0.84 4.95 -9.99
N GLU A 458 -0.32 5.02 -8.77
CA GLU A 458 1.11 4.87 -8.56
C GLU A 458 1.59 3.49 -8.99
N ARG A 459 0.81 2.46 -8.69
CA ARG A 459 1.15 1.11 -9.12
C ARG A 459 1.14 1.00 -10.64
N ILE A 460 0.12 1.61 -11.28
CA ILE A 460 0.04 1.57 -12.74
C ILE A 460 1.23 2.28 -13.37
N VAL A 461 1.60 3.44 -12.84
CA VAL A 461 2.72 4.19 -13.39
C VAL A 461 4.04 3.44 -13.16
N SER A 462 4.16 2.77 -12.02
CA SER A 462 5.38 2.06 -11.67
C SER A 462 5.39 0.62 -12.18
N SER A 463 4.65 0.34 -13.25
CA SER A 463 4.58 -1.00 -13.83
C SER A 463 5.72 -1.27 -14.81
N GLY A 464 6.57 -0.29 -15.08
CA GLY A 464 7.71 -0.48 -15.96
C GLY A 464 7.60 0.35 -17.22
N TYR A 465 8.68 0.30 -18.00
CA TYR A 465 8.74 1.07 -19.25
C TYR A 465 7.84 0.46 -20.31
N LEU A 466 7.76 -0.87 -20.36
CA LEU A 466 6.94 -1.51 -21.39
C LEU A 466 5.46 -1.18 -21.21
N SER A 467 4.99 -1.14 -19.96
CA SER A 467 3.60 -0.81 -19.70
C SER A 467 3.27 0.59 -20.20
N ALA A 468 4.11 1.57 -19.87
CA ALA A 468 3.88 2.94 -20.31
C ALA A 468 3.97 3.05 -21.83
N LEU A 469 4.92 2.34 -22.43
CA LEU A 469 5.05 2.38 -23.88
C LEU A 469 3.81 1.82 -24.56
N ARG A 470 3.29 0.70 -24.06
CA ARG A 470 2.06 0.14 -24.62
C ARG A 470 0.88 1.09 -24.42
N TYR A 471 0.81 1.72 -23.24
CA TYR A 471 -0.25 2.70 -23.01
C TYR A 471 -0.21 3.81 -24.04
N TYR A 472 0.95 4.44 -24.22
CA TYR A 472 1.04 5.61 -25.09
C TYR A 472 1.16 5.24 -26.56
N ASP A 473 1.29 3.96 -26.90
CA ASP A 473 1.31 3.55 -28.29
C ASP A 473 -0.01 2.98 -28.78
N THR A 474 -0.68 2.15 -27.97
CA THR A 474 -1.87 1.44 -28.41
C THR A 474 -3.13 1.85 -27.66
N TYR A 475 -3.12 1.75 -26.32
CA TYR A 475 -4.38 1.81 -25.58
C TYR A 475 -4.94 3.23 -25.50
N LEU A 476 -4.09 4.22 -25.27
CA LEU A 476 -4.57 5.59 -25.11
C LEU A 476 -4.98 6.16 -26.47
N TYR A 477 -6.25 6.51 -26.59
CA TYR A 477 -6.78 7.04 -27.85
C TYR A 477 -6.28 8.45 -28.10
N VAL A 478 -6.08 8.78 -29.37
CA VAL A 478 -5.58 10.08 -29.79
C VAL A 478 -6.66 10.75 -30.64
N GLY A 479 -7.02 11.98 -30.26
CA GLY A 479 -8.06 12.71 -30.93
C GLY A 479 -7.56 13.49 -32.12
N ARG A 480 -8.47 14.29 -32.70
CA ARG A 480 -8.12 15.10 -33.86
C ARG A 480 -7.14 16.21 -33.49
N SER A 481 -7.32 16.82 -32.31
CA SER A 481 -6.46 17.91 -31.89
C SER A 481 -5.05 17.44 -31.53
N GLY A 482 -4.82 16.13 -31.44
CA GLY A 482 -3.53 15.60 -31.08
C GLY A 482 -3.33 15.37 -29.60
N LYS A 483 -4.28 15.77 -28.76
CA LYS A 483 -4.19 15.54 -27.31
C LYS A 483 -4.64 14.13 -27.01
N GLN A 484 -3.70 13.28 -26.60
CA GLN A 484 -4.02 11.92 -26.23
C GLN A 484 -4.80 11.89 -24.91
N GLU A 485 -5.49 10.79 -24.67
CA GLU A 485 -6.18 10.61 -23.39
C GLU A 485 -5.20 10.08 -22.36
N SER A 486 -5.36 10.54 -21.12
CA SER A 486 -4.48 10.11 -20.06
C SER A 486 -4.87 8.73 -19.55
N VAL A 487 -4.01 8.15 -18.72
CA VAL A 487 -4.27 6.82 -18.16
C VAL A 487 -5.53 6.86 -17.30
N GLN A 488 -5.65 7.89 -16.45
CA GLN A 488 -6.84 8.02 -15.61
C GLN A 488 -8.08 8.20 -16.48
N HIS A 489 -7.98 9.00 -17.53
CA HIS A 489 -9.12 9.18 -18.43
C HIS A 489 -9.39 7.94 -19.25
N PHE A 490 -8.36 7.14 -19.54
CA PHE A 490 -8.56 5.87 -20.24
C PHE A 490 -9.36 4.89 -19.39
N TYR A 491 -8.97 4.74 -18.12
CA TYR A 491 -9.74 3.87 -17.24
C TYR A 491 -11.13 4.44 -16.96
N MET A 492 -11.25 5.78 -16.91
CA MET A 492 -12.56 6.40 -16.84
C MET A 492 -13.42 6.03 -18.04
N ARG A 493 -12.83 6.05 -19.23
CA ARG A 493 -13.59 5.72 -20.43
C ARG A 493 -14.07 4.28 -20.40
N LEU A 494 -13.19 3.35 -19.98
CA LEU A 494 -13.60 1.95 -19.91
C LEU A 494 -14.74 1.77 -18.89
N ALA A 495 -14.55 2.29 -17.68
CA ALA A 495 -15.57 2.13 -16.65
C ALA A 495 -16.86 2.84 -17.01
N GLY A 496 -16.76 4.01 -17.64
CA GLY A 496 -17.94 4.73 -18.05
C GLY A 496 -18.71 4.03 -19.15
N PHE A 497 -17.99 3.41 -20.09
CA PHE A 497 -18.66 2.60 -21.11
C PHE A 497 -19.42 1.46 -20.47
N CYS A 498 -18.78 0.75 -19.54
CA CYS A 498 -19.45 -0.36 -18.87
C CYS A 498 -20.67 0.12 -18.09
N ALA A 499 -20.52 1.21 -17.33
CA ALA A 499 -21.61 1.73 -16.51
C ALA A 499 -22.77 2.23 -17.39
N SER A 500 -22.45 2.91 -18.48
CA SER A 500 -23.48 3.39 -19.39
C SER A 500 -24.23 2.22 -20.02
N THR A 501 -23.51 1.18 -20.43
CA THR A 501 -24.17 0.00 -20.99
C THR A 501 -25.12 -0.63 -19.97
N THR A 502 -24.65 -0.78 -18.72
CA THR A 502 -25.51 -1.33 -17.69
C THR A 502 -26.73 -0.46 -17.45
N CYS A 503 -26.55 0.85 -17.44
CA CYS A 503 -27.67 1.76 -17.20
C CYS A 503 -28.69 1.70 -18.32
N LEU A 504 -28.23 1.66 -19.58
CA LEU A 504 -29.14 1.73 -20.71
C LEU A 504 -29.69 0.38 -21.13
N TYR A 505 -29.20 -0.73 -20.57
CA TYR A 505 -29.86 -2.01 -20.81
C TYR A 505 -30.92 -2.34 -19.76
N ALA A 506 -30.85 -1.74 -18.57
CA ALA A 506 -31.90 -1.82 -17.57
C ALA A 506 -32.14 -3.25 -17.07
N GLY A 507 -31.39 -4.21 -17.61
CA GLY A 507 -31.44 -5.56 -17.12
C GLY A 507 -30.09 -5.94 -16.55
N LEU A 508 -29.03 -5.38 -17.14
CA LEU A 508 -27.70 -5.51 -16.56
C LEU A 508 -27.61 -4.73 -15.26
N ARG A 509 -28.28 -3.58 -15.19
CA ARG A 509 -28.30 -2.81 -13.95
C ARG A 509 -29.02 -3.59 -12.85
N ALA A 510 -30.18 -4.19 -13.18
CA ALA A 510 -30.90 -4.99 -12.20
C ALA A 510 -30.09 -6.20 -11.76
N ALA A 511 -29.43 -6.86 -12.72
CA ALA A 511 -28.59 -8.01 -12.38
C ALA A 511 -27.43 -7.60 -11.49
N LEU A 512 -26.81 -6.46 -11.77
CA LEU A 512 -25.69 -5.99 -10.96
C LEU A 512 -26.16 -5.62 -9.55
N GLN A 513 -27.31 -4.95 -9.45
CA GLN A 513 -27.83 -4.60 -8.12
C GLN A 513 -28.19 -5.84 -7.32
N ARG A 514 -28.76 -6.85 -7.98
CA ARG A 514 -29.02 -8.12 -7.30
C ARG A 514 -27.72 -8.78 -6.88
N ALA A 515 -26.69 -8.71 -7.72
CA ALA A 515 -25.40 -9.31 -7.42
C ALA A 515 -24.50 -8.41 -6.59
N ARG A 516 -24.84 -7.13 -6.45
CA ARG A 516 -24.09 -6.19 -5.62
C ARG A 516 -25.10 -5.26 -4.94
N PRO A 517 -25.71 -5.71 -3.84
CA PRO A 517 -26.76 -4.89 -3.19
C PRO A 517 -26.20 -3.72 -2.38
N GLU A 518 -25.24 -3.01 -2.97
CA GLU A 518 -24.77 -1.75 -2.44
C GLU A 518 -24.67 -0.68 -3.53
N ILE A 519 -25.03 -1.02 -4.76
CA ILE A 519 -24.97 -0.10 -5.89
C ILE A 519 -26.39 0.36 -6.18
N GLU A 520 -26.63 1.66 -6.02
CA GLU A 520 -27.94 2.24 -6.29
C GLU A 520 -27.93 3.19 -7.48
N SER A 521 -27.03 4.17 -7.48
CA SER A 521 -26.93 5.14 -8.56
C SER A 521 -25.98 4.62 -9.65
N ASP A 522 -26.13 5.20 -10.84
CA ASP A 522 -25.24 4.85 -11.93
C ASP A 522 -23.80 5.24 -11.62
N MET A 523 -23.61 6.28 -10.81
CA MET A 523 -22.26 6.65 -10.40
C MET A 523 -21.63 5.55 -9.56
N GLU A 524 -22.44 4.83 -8.77
CA GLU A 524 -21.91 3.69 -8.04
C GLU A 524 -21.57 2.53 -8.98
N VAL A 525 -22.31 2.37 -10.08
CA VAL A 525 -21.92 1.41 -11.10
C VAL A 525 -20.56 1.76 -11.66
N PHE A 526 -20.36 3.05 -11.96
CA PHE A 526 -19.05 3.50 -12.42
C PHE A 526 -17.98 3.25 -11.38
N ASP A 527 -18.31 3.48 -10.10
CA ASP A 527 -17.33 3.22 -9.04
C ASP A 527 -16.94 1.75 -9.00
N TYR A 528 -17.91 0.86 -9.12
CA TYR A 528 -17.63 -0.58 -9.14
C TYR A 528 -16.71 -0.95 -10.28
N TYR A 529 -17.09 -0.55 -11.51
CA TYR A 529 -16.28 -0.90 -12.67
C TYR A 529 -14.90 -0.26 -12.62
N PHE A 530 -14.84 1.00 -12.19
CA PHE A 530 -13.58 1.72 -12.11
C PHE A 530 -12.65 1.10 -11.07
N GLU A 531 -13.19 0.71 -9.91
CA GLU A 531 -12.37 0.08 -8.89
C GLU A 531 -11.85 -1.27 -9.36
N HIS A 532 -12.67 -2.02 -10.08
CA HIS A 532 -12.20 -3.33 -10.54
C HIS A 532 -11.22 -3.21 -11.70
N LEU A 533 -11.34 -2.16 -12.52
CA LEU A 533 -10.45 -2.03 -13.67
C LEU A 533 -9.13 -1.36 -13.31
N THR A 534 -9.17 -0.29 -12.51
CA THR A 534 -7.94 0.41 -12.13
C THR A 534 -7.05 -0.48 -11.28
N SER A 535 -7.65 -1.24 -10.34
CA SER A 535 -6.88 -2.20 -9.57
C SER A 535 -6.37 -3.35 -10.42
N GLN A 536 -6.85 -3.48 -11.65
CA GLN A 536 -6.40 -4.50 -12.59
C GLN A 536 -6.67 -5.91 -12.10
N THR A 537 -7.70 -6.06 -11.25
CA THR A 537 -8.20 -7.39 -10.95
C THR A 537 -8.88 -8.01 -12.15
N VAL A 538 -9.52 -7.19 -12.98
CA VAL A 538 -10.12 -7.61 -14.23
C VAL A 538 -9.45 -6.86 -15.36
N CYS A 539 -8.92 -7.59 -16.32
CA CYS A 539 -8.27 -7.00 -17.48
C CYS A 539 -9.08 -7.32 -18.74
N CYS A 540 -9.52 -6.28 -19.44
CA CYS A 540 -10.32 -6.48 -20.64
C CYS A 540 -9.42 -6.84 -21.82
N SER A 541 -10.06 -7.28 -22.89
CA SER A 541 -9.33 -7.62 -24.10
C SER A 541 -8.79 -6.37 -24.77
N THR A 542 -7.79 -6.56 -25.64
CA THR A 542 -7.19 -5.44 -26.35
C THR A 542 -8.19 -4.64 -27.17
N PRO A 543 -9.07 -5.24 -27.97
CA PRO A 543 -10.06 -4.43 -28.68
C PRO A 543 -10.98 -3.66 -27.76
N PHE A 544 -11.33 -4.24 -26.61
CA PHE A 544 -12.16 -3.53 -25.64
C PHE A 544 -11.45 -2.30 -25.10
N MET A 545 -10.22 -2.47 -24.61
CA MET A 545 -9.49 -1.34 -24.05
C MET A 545 -9.08 -0.34 -25.11
N ARG A 546 -9.12 -0.70 -26.39
CA ARG A 546 -8.78 0.25 -27.44
C ARG A 546 -9.98 0.98 -28.00
N PHE A 547 -11.16 0.36 -28.03
CA PHE A 547 -12.31 0.95 -28.72
C PHE A 547 -13.59 0.82 -27.90
N ALA A 548 -13.52 1.14 -26.61
CA ALA A 548 -14.70 1.15 -25.75
C ALA A 548 -15.25 2.57 -25.71
N GLY A 549 -16.22 2.86 -26.57
CA GLY A 549 -16.88 4.15 -26.58
C GLY A 549 -16.26 5.19 -27.48
N VAL A 550 -15.10 4.92 -28.08
CA VAL A 550 -14.48 5.87 -28.98
C VAL A 550 -14.67 5.44 -30.44
N GLU A 551 -14.89 4.16 -30.69
CA GLU A 551 -15.10 3.67 -32.04
C GLU A 551 -16.20 2.61 -32.02
N ASN A 552 -16.87 2.48 -33.16
CA ASN A 552 -17.91 1.48 -33.35
C ASN A 552 -17.36 0.16 -33.85
N SER A 553 -16.07 -0.11 -33.62
CA SER A 553 -15.48 -1.35 -34.06
C SER A 553 -15.93 -2.51 -33.18
N THR A 554 -15.73 -3.72 -33.68
CA THR A 554 -16.10 -4.91 -32.94
C THR A 554 -15.23 -5.06 -31.70
N LEU A 555 -15.87 -5.36 -30.57
CA LEU A 555 -15.16 -5.58 -29.31
C LEU A 555 -14.86 -7.05 -29.04
N ALA A 556 -15.20 -7.93 -29.97
CA ALA A 556 -14.90 -9.36 -29.83
C ALA A 556 -13.50 -9.62 -30.37
N SER A 557 -12.61 -10.11 -29.51
CA SER A 557 -11.22 -10.29 -29.90
C SER A 557 -11.03 -11.52 -30.78
N CYS A 558 -11.78 -12.60 -30.50
CA CYS A 558 -11.62 -13.86 -31.21
C CYS A 558 -12.81 -14.08 -32.14
N ILE A 559 -12.52 -14.40 -33.39
CA ILE A 559 -13.52 -14.74 -34.39
C ILE A 559 -13.13 -16.05 -35.04
N LEU A 560 -14.06 -17.00 -35.11
CA LEU A 560 -13.82 -18.27 -35.77
C LEU A 560 -14.97 -18.58 -36.70
N THR A 561 -14.65 -19.03 -37.92
CA THR A 561 -15.64 -19.35 -38.94
C THR A 561 -15.22 -20.59 -39.70
N THR A 562 -16.21 -21.32 -40.20
CA THR A 562 -15.99 -22.51 -41.02
C THR A 562 -16.88 -22.40 -42.25
N PRO A 563 -16.45 -21.61 -43.25
CA PRO A 563 -17.29 -21.41 -44.43
C PRO A 563 -17.38 -22.68 -45.27
N ASP A 564 -18.33 -22.67 -46.20
CA ASP A 564 -18.57 -23.78 -47.10
C ASP A 564 -17.65 -23.77 -48.31
N LEU A 565 -16.53 -23.04 -48.24
CA LEU A 565 -15.57 -22.98 -49.33
C LEU A 565 -14.96 -24.35 -49.61
N HIS A 578 -17.87 -13.26 -47.46
CA HIS A 578 -18.21 -13.75 -46.13
C HIS A 578 -17.02 -13.61 -45.19
N LEU A 579 -16.00 -14.44 -45.41
CA LEU A 579 -14.79 -14.36 -44.60
C LEU A 579 -14.03 -13.06 -44.86
N GLY A 580 -14.21 -12.46 -46.04
CA GLY A 580 -13.47 -11.25 -46.36
C GLY A 580 -13.80 -10.07 -45.47
N ARG A 581 -15.06 -9.97 -45.05
CA ARG A 581 -15.47 -8.83 -44.22
C ARG A 581 -14.81 -8.83 -42.84
N TYR A 582 -14.27 -9.97 -42.41
CA TYR A 582 -13.60 -10.06 -41.12
C TYR A 582 -12.08 -9.98 -41.24
N LEU A 583 -11.51 -10.28 -42.41
CA LEU A 583 -10.08 -10.10 -42.60
C LEU A 583 -9.71 -8.62 -42.57
N PHE A 584 -10.59 -7.75 -43.06
CA PHE A 584 -10.35 -6.32 -43.00
C PHE A 584 -10.46 -5.75 -41.59
N GLN A 585 -10.97 -6.53 -40.64
CA GLN A 585 -11.08 -6.09 -39.26
C GLN A 585 -9.73 -6.24 -38.58
N ARG A 586 -9.69 -6.09 -37.26
CA ARG A 586 -8.47 -6.20 -36.48
C ARG A 586 -8.66 -7.19 -35.33
N ALA A 587 -9.23 -8.35 -35.64
CA ALA A 587 -9.46 -9.40 -34.67
C ALA A 587 -8.93 -10.72 -35.21
N GLY A 588 -8.51 -11.59 -34.30
CA GLY A 588 -8.02 -12.89 -34.72
C GLY A 588 -9.10 -13.71 -35.41
N VAL A 589 -8.71 -14.46 -36.44
CA VAL A 589 -9.63 -15.23 -37.25
C VAL A 589 -9.16 -16.69 -37.26
N GLY A 590 -10.08 -17.60 -37.00
CA GLY A 590 -9.81 -19.02 -37.11
C GLY A 590 -10.70 -19.68 -38.14
N VAL A 591 -10.10 -20.17 -39.22
CA VAL A 591 -10.84 -20.70 -40.36
C VAL A 591 -10.64 -22.20 -40.43
N GLY A 592 -11.74 -22.94 -40.58
CA GLY A 592 -11.68 -24.36 -40.83
C GLY A 592 -11.66 -24.67 -42.31
N VAL A 593 -10.52 -25.16 -42.80
CA VAL A 593 -10.33 -25.38 -44.23
C VAL A 593 -10.37 -26.87 -44.54
N THR A 594 -11.09 -27.63 -43.72
CA THR A 594 -11.20 -29.07 -43.95
C THR A 594 -12.02 -29.37 -45.20
N GLY A 595 -12.92 -28.48 -45.59
CA GLY A 595 -13.75 -28.71 -46.76
C GLY A 595 -13.22 -28.02 -48.01
N ALA A 596 -11.94 -27.66 -48.00
CA ALA A 596 -11.36 -26.95 -49.13
C ALA A 596 -11.41 -27.78 -50.40
N GLY A 597 -11.10 -29.07 -50.30
CA GLY A 597 -11.13 -29.95 -51.45
C GLY A 597 -9.81 -29.98 -52.21
N GLN A 598 -9.78 -30.85 -53.21
CA GLN A 598 -8.59 -31.02 -54.05
C GLN A 598 -8.83 -30.49 -55.46
N VAL A 625 -4.88 -9.51 -40.91
CA VAL A 625 -4.58 -9.87 -39.52
C VAL A 625 -4.20 -11.34 -39.42
N SER A 626 -3.85 -11.77 -38.20
CA SER A 626 -3.43 -13.15 -37.99
C SER A 626 -4.61 -14.09 -38.19
N VAL A 627 -4.38 -15.16 -38.96
CA VAL A 627 -5.40 -16.14 -39.28
C VAL A 627 -4.86 -17.52 -38.95
N ALA A 628 -5.70 -18.35 -38.33
CA ALA A 628 -5.35 -19.72 -38.00
C ALA A 628 -6.22 -20.65 -38.85
N ALA A 629 -5.57 -21.55 -39.58
CA ALA A 629 -6.27 -22.50 -40.45
C ALA A 629 -6.24 -23.88 -39.81
N TYR A 630 -7.41 -24.50 -39.70
CA TYR A 630 -7.55 -25.80 -39.06
C TYR A 630 -7.98 -26.84 -40.09
N MET A 631 -7.35 -28.01 -40.02
CA MET A 631 -7.64 -29.09 -40.96
C MET A 631 -7.48 -30.42 -40.23
N GLU A 632 -8.35 -31.37 -40.54
CA GLU A 632 -8.28 -32.67 -39.90
C GLU A 632 -7.19 -33.53 -40.54
N PRO A 633 -6.56 -34.42 -39.77
CA PRO A 633 -5.46 -35.23 -40.31
C PRO A 633 -5.86 -36.12 -41.47
N TRP A 634 -7.12 -36.55 -41.55
CA TRP A 634 -7.54 -37.44 -42.62
C TRP A 634 -7.61 -36.74 -43.98
N HIS A 635 -7.44 -35.42 -44.02
CA HIS A 635 -7.51 -34.68 -45.27
C HIS A 635 -6.46 -35.19 -46.25
N SER A 636 -6.85 -35.24 -47.53
CA SER A 636 -5.94 -35.74 -48.55
C SER A 636 -4.72 -34.84 -48.71
N GLN A 637 -4.90 -33.52 -48.56
CA GLN A 637 -3.82 -32.55 -48.66
C GLN A 637 -3.21 -32.20 -47.31
N ILE A 638 -3.21 -33.15 -46.37
CA ILE A 638 -2.72 -32.86 -45.02
C ILE A 638 -1.23 -32.54 -45.05
N PHE A 639 -0.46 -33.25 -45.88
CA PHE A 639 0.97 -32.99 -45.94
C PHE A 639 1.27 -31.66 -46.59
N LYS A 640 0.54 -31.31 -47.66
CA LYS A 640 0.71 -30.00 -48.26
C LYS A 640 0.28 -28.89 -47.31
N PHE A 641 -0.68 -29.17 -46.44
CA PHE A 641 -1.12 -28.17 -45.47
C PHE A 641 -0.12 -28.02 -44.33
N LEU A 642 0.56 -29.11 -43.95
CA LEU A 642 1.47 -29.06 -42.81
C LEU A 642 2.65 -28.14 -43.07
N GLU A 643 3.32 -28.33 -44.22
CA GLU A 643 4.47 -27.53 -44.59
C GLU A 643 4.10 -26.60 -45.74
N THR A 644 4.46 -25.33 -45.61
CA THR A 644 4.12 -24.34 -46.63
C THR A 644 5.33 -23.47 -46.97
N GLY A 655 2.60 -15.65 -40.98
CA GLY A 655 1.37 -15.01 -41.38
C GLY A 655 0.13 -15.78 -40.99
N ILE A 656 0.02 -17.01 -41.49
CA ILE A 656 -1.11 -17.89 -41.20
C ILE A 656 -0.62 -19.05 -40.36
N PHE A 657 -1.40 -19.41 -39.34
CA PHE A 657 -1.05 -20.52 -38.47
C PHE A 657 -1.64 -21.82 -39.01
N THR A 658 -1.45 -22.90 -38.26
CA THR A 658 -1.87 -24.23 -38.67
C THR A 658 -2.61 -24.89 -37.51
N GLY A 659 -3.69 -25.60 -37.83
CA GLY A 659 -4.46 -26.29 -36.82
C GLY A 659 -4.79 -27.71 -37.24
N LEU A 660 -4.76 -28.62 -36.27
CA LEU A 660 -5.06 -30.03 -36.49
C LEU A 660 -6.07 -30.48 -35.44
N PHE A 661 -7.31 -30.70 -35.87
CA PHE A 661 -8.32 -31.31 -35.00
C PHE A 661 -8.16 -32.83 -35.11
N VAL A 662 -7.22 -33.35 -34.32
CA VAL A 662 -6.81 -34.74 -34.42
C VAL A 662 -7.88 -35.63 -33.78
N PRO A 663 -8.35 -36.65 -34.48
CA PRO A 663 -9.34 -37.56 -33.89
C PRO A 663 -8.71 -38.53 -32.90
N GLU A 664 -9.58 -39.26 -32.20
CA GLU A 664 -9.14 -40.27 -31.26
C GLU A 664 -8.37 -41.39 -31.95
N LEU A 665 -8.82 -41.79 -33.14
CA LEU A 665 -8.23 -42.96 -33.80
C LEU A 665 -6.76 -42.76 -34.13
N PHE A 666 -6.35 -41.53 -34.41
CA PHE A 666 -4.95 -41.26 -34.70
C PHE A 666 -4.06 -41.64 -33.52
N PHE A 667 -4.38 -41.11 -32.34
CA PHE A 667 -3.61 -41.41 -31.15
C PHE A 667 -3.77 -42.86 -30.73
N LYS A 668 -4.95 -43.44 -30.93
CA LYS A 668 -5.15 -44.85 -30.62
C LYS A 668 -4.21 -45.72 -31.45
N LEU A 669 -4.19 -45.52 -32.76
CA LEU A 669 -3.35 -46.34 -33.63
C LEU A 669 -1.87 -46.02 -33.45
N PHE A 670 -1.53 -44.80 -33.01
CA PHE A 670 -0.12 -44.51 -32.78
C PHE A 670 0.37 -45.13 -31.47
N ARG A 671 -0.47 -45.16 -30.45
CA ARG A 671 -0.04 -45.66 -29.14
C ARG A 671 0.30 -47.14 -29.19
N ASP A 672 -0.60 -47.96 -29.72
CA ASP A 672 -0.34 -49.37 -29.95
C ASP A 672 -0.53 -49.67 -31.43
N THR A 673 0.26 -50.62 -31.92
CA THR A 673 0.37 -50.92 -33.35
C THR A 673 0.73 -49.66 -34.15
N PRO A 674 1.92 -49.09 -33.92
CA PRO A 674 2.33 -47.93 -34.71
C PRO A 674 2.54 -48.24 -36.18
N TRP A 675 2.72 -49.51 -36.54
CA TRP A 675 2.86 -49.91 -37.93
C TRP A 675 1.55 -49.81 -38.70
N SER A 676 0.43 -49.59 -38.01
CA SER A 676 -0.85 -49.47 -38.69
C SER A 676 -0.80 -48.32 -39.70
N ASP A 677 -1.54 -48.48 -40.78
CA ASP A 677 -1.43 -47.58 -41.92
C ASP A 677 -2.59 -46.60 -41.93
N TRP A 678 -2.27 -45.31 -41.81
CA TRP A 678 -3.28 -44.27 -41.81
C TRP A 678 -3.83 -44.05 -43.22
N TYR A 679 -5.05 -43.54 -43.29
CA TYR A 679 -5.74 -43.31 -44.55
C TYR A 679 -6.08 -41.85 -44.70
N LEU A 680 -5.94 -41.34 -45.93
CA LEU A 680 -6.30 -39.97 -46.26
C LEU A 680 -7.48 -39.96 -47.22
N PHE A 681 -8.37 -38.97 -47.04
CA PHE A 681 -9.55 -38.84 -47.87
C PHE A 681 -9.66 -37.41 -48.39
N ASP A 682 -10.18 -37.27 -49.61
CA ASP A 682 -10.40 -35.91 -50.07
C ASP A 682 -11.80 -35.44 -49.67
N PRO A 683 -11.99 -34.12 -49.56
CA PRO A 683 -13.32 -33.60 -49.19
C PRO A 683 -14.38 -33.75 -50.26
N LYS A 684 -14.02 -34.23 -51.46
CA LYS A 684 -15.01 -34.39 -52.52
C LYS A 684 -16.12 -35.34 -52.07
N ASP A 685 -15.76 -36.47 -51.46
CA ASP A 685 -16.73 -37.34 -50.84
C ASP A 685 -16.55 -37.40 -49.33
N ALA A 686 -15.37 -37.82 -48.85
CA ALA A 686 -14.98 -37.72 -47.45
C ALA A 686 -15.91 -38.47 -46.51
N GLY A 687 -16.91 -39.16 -47.05
CA GLY A 687 -17.93 -39.76 -46.20
C GLY A 687 -18.59 -38.70 -45.35
N ASP A 688 -18.68 -38.97 -44.05
CA ASP A 688 -19.15 -38.00 -43.07
C ASP A 688 -18.13 -37.83 -41.94
N LEU A 689 -16.85 -38.00 -42.26
CA LEU A 689 -15.81 -37.91 -41.24
C LEU A 689 -15.75 -36.52 -40.63
N GLU A 690 -15.82 -35.49 -41.47
CA GLU A 690 -15.77 -34.12 -40.97
C GLU A 690 -16.99 -33.81 -40.09
N ARG A 691 -18.14 -34.37 -40.43
CA ARG A 691 -19.38 -34.00 -39.74
C ARG A 691 -19.41 -34.57 -38.33
N LEU A 692 -19.06 -35.83 -38.16
CA LEU A 692 -19.26 -36.54 -36.90
C LEU A 692 -17.93 -36.91 -36.26
N TYR A 693 -18.02 -37.55 -35.09
CA TYR A 693 -16.87 -37.85 -34.26
C TYR A 693 -17.22 -39.06 -33.39
N GLY A 694 -16.29 -39.45 -32.53
CA GLY A 694 -16.58 -40.46 -31.53
C GLY A 694 -16.34 -41.87 -31.97
N GLU A 695 -17.10 -42.80 -31.38
CA GLU A 695 -17.00 -44.20 -31.78
C GLU A 695 -17.45 -44.41 -33.21
N GLU A 696 -18.49 -43.68 -33.63
CA GLU A 696 -18.94 -43.80 -35.01
C GLU A 696 -18.03 -43.08 -35.99
N PHE A 697 -17.13 -42.22 -35.50
CA PHE A 697 -16.03 -41.79 -36.36
C PHE A 697 -15.16 -42.98 -36.74
N GLU A 698 -14.89 -43.86 -35.78
CA GLU A 698 -14.14 -45.08 -36.07
C GLU A 698 -14.92 -45.98 -37.02
N ARG A 699 -16.23 -46.12 -36.81
CA ARG A 699 -17.01 -46.97 -37.71
C ARG A 699 -17.14 -46.35 -39.10
N GLU A 700 -17.35 -45.03 -39.17
CA GLU A 700 -17.42 -44.38 -40.47
C GLU A 700 -16.07 -44.40 -41.17
N TYR A 701 -14.98 -44.18 -40.43
CA TYR A 701 -13.64 -44.24 -41.00
C TYR A 701 -13.35 -45.63 -41.54
N TYR A 702 -13.63 -46.66 -40.75
CA TYR A 702 -13.35 -48.02 -41.18
C TYR A 702 -14.31 -48.48 -42.25
N ARG A 703 -15.56 -48.03 -42.23
CA ARG A 703 -16.46 -48.30 -43.34
C ARG A 703 -15.93 -47.71 -44.63
N LEU A 704 -15.43 -46.47 -44.56
CA LEU A 704 -14.86 -45.83 -45.75
C LEU A 704 -13.63 -46.59 -46.25
N VAL A 705 -12.73 -47.00 -45.35
CA VAL A 705 -11.53 -47.67 -45.81
C VAL A 705 -11.85 -49.05 -46.36
N THR A 706 -12.89 -49.71 -45.82
CA THR A 706 -13.33 -50.97 -46.39
C THR A 706 -14.04 -50.77 -47.73
N ALA A 707 -14.61 -49.60 -47.95
CA ALA A 707 -15.23 -49.28 -49.23
C ALA A 707 -14.23 -48.81 -50.28
N GLY A 708 -12.96 -48.69 -49.92
CA GLY A 708 -11.93 -48.29 -50.88
C GLY A 708 -12.08 -46.88 -51.40
N LYS A 709 -12.42 -45.93 -50.54
CA LYS A 709 -12.58 -44.53 -50.93
C LYS A 709 -11.42 -43.66 -50.44
N PHE A 710 -10.33 -44.28 -50.00
CA PHE A 710 -9.19 -43.53 -49.45
C PHE A 710 -8.26 -43.09 -50.58
N CYS A 711 -7.93 -41.80 -50.59
CA CYS A 711 -6.97 -41.27 -51.56
C CYS A 711 -5.54 -41.52 -51.11
N GLY A 712 -5.30 -41.60 -49.81
CA GLY A 712 -3.96 -41.74 -49.28
C GLY A 712 -3.72 -43.06 -48.57
N ARG A 713 -2.44 -43.40 -48.39
CA ARG A 713 -2.03 -44.67 -47.81
C ARG A 713 -0.82 -44.46 -46.90
N VAL A 714 -0.72 -43.30 -46.27
CA VAL A 714 0.47 -42.93 -45.52
C VAL A 714 0.49 -43.65 -44.17
N SER A 715 1.68 -44.06 -43.74
CA SER A 715 1.83 -44.67 -42.42
C SER A 715 1.55 -43.65 -41.32
N ILE A 716 0.89 -44.12 -40.26
CA ILE A 716 0.54 -43.23 -39.17
C ILE A 716 1.77 -42.78 -38.41
N LYS A 717 2.79 -43.64 -38.34
CA LYS A 717 4.05 -43.24 -37.71
C LYS A 717 4.69 -42.08 -38.45
N SER A 718 4.69 -42.14 -39.78
CA SER A 718 5.25 -41.05 -40.58
C SER A 718 4.48 -39.76 -40.40
N LEU A 719 3.14 -39.84 -40.37
CA LEU A 719 2.34 -38.64 -40.19
C LEU A 719 2.56 -38.03 -38.81
N MET A 720 2.60 -38.86 -37.77
CA MET A 720 2.84 -38.36 -36.42
C MET A 720 4.21 -37.71 -36.32
N PHE A 721 5.24 -38.34 -36.90
CA PHE A 721 6.56 -37.75 -36.86
C PHE A 721 6.64 -36.47 -37.68
N SER A 722 5.91 -36.40 -38.80
CA SER A 722 5.88 -35.17 -39.58
C SER A 722 5.24 -34.03 -38.78
N ILE A 723 4.14 -34.33 -38.08
CA ILE A 723 3.49 -33.31 -37.26
C ILE A 723 4.42 -32.87 -36.14
N VAL A 724 5.10 -33.81 -35.48
CA VAL A 724 6.01 -33.47 -34.40
C VAL A 724 7.17 -32.61 -34.92
N ASN A 725 7.73 -32.99 -36.07
CA ASN A 725 8.84 -32.22 -36.63
C ASN A 725 8.40 -30.82 -37.03
N CYS A 726 7.22 -30.70 -37.65
CA CYS A 726 6.73 -29.38 -38.01
C CYS A 726 6.41 -28.54 -36.78
N ALA A 727 6.04 -29.18 -35.68
CA ALA A 727 5.76 -28.43 -34.45
C ALA A 727 7.06 -27.96 -33.79
N VAL A 728 8.09 -28.81 -33.76
CA VAL A 728 9.34 -28.41 -33.12
C VAL A 728 10.07 -27.38 -33.98
N LYS A 729 9.98 -27.48 -35.30
CA LYS A 729 10.59 -26.47 -36.16
C LYS A 729 9.93 -25.12 -35.98
N ALA A 730 8.60 -25.10 -35.87
CA ALA A 730 7.86 -23.87 -35.64
C ALA A 730 6.55 -24.21 -34.95
N GLY A 731 6.08 -23.30 -34.10
CA GLY A 731 4.87 -23.54 -33.35
C GLY A 731 3.60 -23.40 -34.18
N SER A 732 3.73 -23.56 -35.49
CA SER A 732 2.59 -23.38 -36.38
C SER A 732 1.46 -24.38 -36.12
N PRO A 733 1.70 -25.69 -36.09
CA PRO A 733 0.56 -26.62 -35.96
C PRO A 733 -0.03 -26.60 -34.56
N PHE A 734 -1.36 -26.56 -34.50
CA PHE A 734 -2.09 -26.68 -33.24
C PHE A 734 -2.77 -28.04 -33.20
N ILE A 735 -2.53 -28.77 -32.13
CA ILE A 735 -3.12 -30.11 -31.95
C ILE A 735 -4.25 -30.00 -30.96
N LEU A 736 -5.47 -30.25 -31.42
CA LEU A 736 -6.65 -30.26 -30.58
C LEU A 736 -7.36 -31.60 -30.74
N LEU A 737 -7.65 -32.25 -29.61
CA LEU A 737 -8.35 -33.52 -29.64
C LEU A 737 -9.82 -33.28 -29.99
N LYS A 738 -10.26 -33.84 -31.13
CA LYS A 738 -11.64 -33.63 -31.56
C LYS A 738 -12.62 -34.19 -30.55
N GLU A 739 -12.28 -35.33 -29.94
CA GLU A 739 -13.20 -35.98 -29.00
C GLU A 739 -13.45 -35.11 -27.78
N ALA A 740 -12.38 -34.60 -27.16
CA ALA A 740 -12.55 -33.74 -25.99
C ALA A 740 -13.16 -32.40 -26.38
N CYS A 741 -12.85 -31.90 -27.58
CA CYS A 741 -13.41 -30.63 -28.02
C CYS A 741 -14.91 -30.71 -28.21
N ASN A 742 -15.41 -31.81 -28.76
CA ASN A 742 -16.82 -31.90 -29.11
C ASN A 742 -17.67 -32.57 -28.04
N ALA A 743 -17.18 -33.64 -27.42
CA ALA A 743 -18.00 -34.39 -26.46
C ALA A 743 -18.28 -33.61 -25.18
N HIS A 744 -17.51 -32.55 -24.90
CA HIS A 744 -17.71 -31.76 -23.70
C HIS A 744 -18.38 -30.42 -23.99
N PHE A 745 -18.86 -30.20 -25.21
CA PHE A 745 -19.67 -29.04 -25.50
C PHE A 745 -21.03 -29.18 -24.85
N TRP A 746 -21.69 -28.03 -24.61
CA TRP A 746 -22.99 -28.07 -23.93
C TRP A 746 -24.10 -28.60 -24.81
N ARG A 747 -23.88 -28.74 -26.10
CA ARG A 747 -24.80 -29.42 -26.99
C ARG A 747 -24.36 -30.87 -27.14
N ASP A 748 -25.06 -31.62 -28.00
CA ASP A 748 -24.62 -32.97 -28.31
C ASP A 748 -23.47 -32.95 -29.31
N LEU A 749 -23.65 -32.22 -30.42
CA LEU A 749 -22.67 -32.11 -31.50
C LEU A 749 -22.27 -33.45 -32.09
N GLN A 750 -23.02 -34.50 -31.80
CA GLN A 750 -22.69 -35.81 -32.36
C GLN A 750 -23.00 -35.86 -33.85
N GLY A 751 -24.15 -35.32 -34.24
CA GLY A 751 -24.48 -35.29 -35.66
C GLY A 751 -23.56 -34.40 -36.46
N GLU A 752 -23.29 -33.19 -35.97
CA GLU A 752 -22.37 -32.26 -36.61
C GLU A 752 -21.34 -31.81 -35.59
N ALA A 753 -20.07 -31.86 -35.97
CA ALA A 753 -18.97 -31.56 -35.06
C ALA A 753 -18.11 -30.45 -35.63
N MET A 754 -17.68 -29.54 -34.77
CA MET A 754 -16.81 -28.46 -35.19
C MET A 754 -15.40 -28.98 -35.44
N ASN A 755 -14.69 -28.32 -36.35
CA ASN A 755 -13.32 -28.70 -36.66
C ASN A 755 -12.37 -27.51 -36.68
N ALA A 756 -12.80 -26.36 -36.18
CA ALA A 756 -11.98 -25.15 -36.18
C ALA A 756 -12.08 -24.47 -34.83
N ALA A 757 -10.98 -23.85 -34.41
CA ALA A 757 -10.91 -23.07 -33.19
C ALA A 757 -10.54 -21.63 -33.55
N ASN A 758 -10.30 -20.82 -32.53
CA ASN A 758 -9.91 -19.43 -32.73
C ASN A 758 -8.43 -19.37 -33.07
N LEU A 759 -7.86 -18.15 -33.04
CA LEU A 759 -6.45 -17.97 -33.37
C LEU A 759 -5.56 -18.69 -32.36
N CYS A 760 -5.95 -18.69 -31.09
CA CYS A 760 -5.12 -19.22 -30.01
C CYS A 760 -5.52 -20.62 -29.58
N ALA A 761 -6.37 -21.30 -30.36
CA ALA A 761 -6.77 -22.67 -30.08
C ALA A 761 -7.36 -22.82 -28.68
N GLU A 762 -8.17 -21.84 -28.27
CA GLU A 762 -8.77 -21.83 -26.95
C GLU A 762 -10.24 -21.47 -26.95
N VAL A 763 -10.86 -21.27 -28.11
CA VAL A 763 -12.30 -21.03 -28.23
C VAL A 763 -12.89 -22.15 -29.07
N LEU A 764 -13.94 -22.79 -28.57
CA LEU A 764 -14.54 -23.96 -29.22
C LEU A 764 -16.04 -23.73 -29.39
N GLN A 765 -16.43 -23.24 -30.56
CA GLN A 765 -17.83 -23.12 -30.92
C GLN A 765 -18.05 -23.62 -32.33
N PRO A 766 -19.22 -24.19 -32.61
CA PRO A 766 -19.58 -24.47 -34.01
C PRO A 766 -19.63 -23.18 -34.81
N SER A 767 -19.17 -23.24 -36.06
CA SER A 767 -19.10 -22.04 -36.88
C SER A 767 -19.54 -22.26 -38.32
N ARG A 768 -20.15 -23.40 -38.64
CA ARG A 768 -20.62 -23.64 -40.00
C ARG A 768 -21.82 -22.77 -40.33
N LYS A 769 -22.80 -22.73 -39.42
CA LYS A 769 -24.05 -22.02 -39.71
C LYS A 769 -23.85 -20.51 -39.73
N SER A 770 -23.05 -19.99 -38.80
CA SER A 770 -22.85 -18.54 -38.72
C SER A 770 -21.49 -18.28 -38.09
N VAL A 771 -21.02 -17.05 -38.27
CA VAL A 771 -19.73 -16.64 -37.71
C VAL A 771 -19.85 -16.56 -36.20
N ALA A 772 -18.95 -17.25 -35.50
CA ALA A 772 -18.94 -17.27 -34.04
C ALA A 772 -17.82 -16.39 -33.53
N THR A 773 -18.12 -15.59 -32.51
CA THR A 773 -17.15 -14.72 -31.88
C THR A 773 -17.02 -15.08 -30.40
N CYS A 774 -16.04 -14.45 -29.75
CA CYS A 774 -15.84 -14.66 -28.32
C CYS A 774 -15.22 -13.40 -27.72
N ASN A 775 -15.78 -12.95 -26.61
CA ASN A 775 -15.29 -11.79 -25.89
C ASN A 775 -14.54 -12.24 -24.65
N LEU A 776 -13.31 -11.76 -24.51
CA LEU A 776 -12.40 -12.26 -23.49
C LEU A 776 -12.10 -11.19 -22.45
N ALA A 777 -11.89 -11.63 -21.22
CA ALA A 777 -11.44 -10.76 -20.13
C ALA A 777 -10.62 -11.61 -19.17
N ASN A 778 -9.42 -11.13 -18.84
CA ASN A 778 -8.51 -11.86 -17.99
C ASN A 778 -8.60 -11.37 -16.54
N ILE A 779 -8.09 -12.20 -15.64
CA ILE A 779 -8.06 -11.89 -14.21
C ILE A 779 -6.63 -12.07 -13.72
N CYS A 780 -6.02 -11.00 -13.24
CA CYS A 780 -4.72 -11.12 -12.57
C CYS A 780 -4.94 -11.77 -11.22
N LEU A 781 -4.65 -13.07 -11.14
CA LEU A 781 -4.71 -13.78 -9.87
C LEU A 781 -3.79 -13.21 -8.80
N PRO A 782 -2.64 -12.59 -9.10
CA PRO A 782 -1.88 -11.92 -8.03
C PRO A 782 -2.68 -10.88 -7.28
N ARG A 783 -3.64 -10.23 -7.95
CA ARG A 783 -4.52 -9.31 -7.25
C ARG A 783 -5.49 -10.02 -6.32
N CYS A 784 -5.59 -11.35 -6.39
CA CYS A 784 -6.45 -12.11 -5.50
C CYS A 784 -5.75 -12.49 -4.20
N LEU A 785 -4.46 -12.20 -4.07
CA LEU A 785 -3.76 -12.41 -2.81
C LEU A 785 -4.27 -11.43 -1.75
N VAL A 786 -4.25 -11.89 -0.50
CA VAL A 786 -4.78 -11.06 0.59
C VAL A 786 -3.91 -9.84 0.81
N ASN A 787 -2.59 -9.99 0.67
CA ASN A 787 -1.66 -8.90 0.95
C ASN A 787 -1.56 -7.90 -0.20
N ALA A 788 -2.07 -8.25 -1.37
CA ALA A 788 -1.98 -7.34 -2.51
C ALA A 788 -2.94 -6.17 -2.33
N PRO A 789 -2.46 -4.92 -2.36
CA PRO A 789 -3.37 -3.78 -2.25
C PRO A 789 -4.30 -3.68 -3.44
N LEU A 790 -5.52 -3.25 -3.19
CA LEU A 790 -6.54 -3.16 -4.22
C LEU A 790 -7.24 -1.81 -4.13
N ALA A 791 -7.62 -1.28 -5.29
CA ALA A 791 -8.46 -0.09 -5.33
C ALA A 791 -9.90 -0.39 -4.95
N VAL A 792 -10.28 -1.67 -4.94
CA VAL A 792 -11.63 -2.05 -4.51
C VAL A 792 -11.79 -1.75 -3.03
N ARG A 793 -12.94 -1.16 -2.68
CA ARG A 793 -13.17 -0.78 -1.29
C ARG A 793 -13.22 -2.01 -0.40
N ALA A 794 -12.75 -1.83 0.85
CA ALA A 794 -12.77 -2.92 1.81
C ALA A 794 -14.19 -3.37 2.13
N GLN A 795 -15.15 -2.45 2.10
CA GLN A 795 -16.54 -2.80 2.36
C GLN A 795 -17.20 -3.34 1.10
N ARG A 796 -16.56 -4.30 0.45
CA ARG A 796 -17.13 -4.98 -0.72
C ARG A 796 -16.99 -6.49 -0.68
N ALA A 797 -16.07 -7.04 0.11
CA ALA A 797 -16.05 -8.48 0.32
C ALA A 797 -17.33 -8.94 0.99
N ASP A 798 -17.81 -8.18 1.97
CA ASP A 798 -19.13 -8.39 2.53
C ASP A 798 -20.17 -7.77 1.61
N THR A 799 -21.45 -7.94 1.96
CA THR A 799 -22.57 -7.47 1.15
C THR A 799 -22.46 -7.98 -0.27
N GLN A 800 -22.10 -9.25 -0.42
CA GLN A 800 -22.01 -9.87 -1.73
C GLN A 800 -23.38 -9.94 -2.39
N GLY A 801 -24.38 -10.42 -1.67
CA GLY A 801 -25.74 -10.47 -2.19
C GLY A 801 -26.03 -11.60 -3.13
N ASP A 802 -25.07 -12.47 -3.41
CA ASP A 802 -25.28 -13.67 -4.20
C ASP A 802 -25.29 -14.85 -3.23
N GLU A 803 -26.45 -15.47 -3.04
CA GLU A 803 -26.58 -16.51 -2.02
C GLU A 803 -25.70 -17.71 -2.29
N LEU A 804 -25.29 -17.93 -3.55
CA LEU A 804 -24.43 -19.04 -3.88
C LEU A 804 -22.95 -18.70 -3.79
N LEU A 805 -22.60 -17.43 -3.57
CA LEU A 805 -21.21 -17.03 -3.39
C LEU A 805 -20.88 -16.56 -1.98
N LEU A 806 -21.89 -16.23 -1.18
CA LEU A 806 -21.63 -15.86 0.22
C LEU A 806 -21.30 -17.09 1.05
N ALA A 807 -21.85 -18.26 0.70
CA ALA A 807 -21.62 -19.48 1.46
C ALA A 807 -20.32 -20.17 1.11
N LEU A 808 -19.64 -19.75 0.04
CA LEU A 808 -18.41 -20.42 -0.35
C LEU A 808 -17.27 -20.03 0.59
N PRO A 809 -16.36 -20.97 0.86
CA PRO A 809 -15.21 -20.64 1.71
C PRO A 809 -14.25 -19.71 0.99
N ARG A 810 -13.47 -18.99 1.80
CA ARG A 810 -12.47 -18.06 1.30
C ARG A 810 -11.13 -18.36 1.96
N LEU A 811 -10.12 -17.56 1.61
CA LEU A 811 -8.74 -17.66 2.06
C LEU A 811 -8.03 -18.89 1.50
N SER A 812 -8.77 -19.76 0.80
CA SER A 812 -8.20 -20.87 0.04
C SER A 812 -7.11 -21.60 0.81
N VAL A 813 -7.49 -22.26 1.90
CA VAL A 813 -6.54 -22.84 2.82
C VAL A 813 -5.68 -23.87 2.11
N THR A 814 -4.39 -23.56 1.94
CA THR A 814 -3.47 -24.41 1.21
C THR A 814 -2.09 -24.45 1.85
N LEU A 815 -1.91 -23.80 3.01
CA LEU A 815 -0.64 -23.78 3.74
C LEU A 815 0.51 -23.27 2.88
N PRO A 816 0.59 -21.97 2.62
CA PRO A 816 1.71 -21.43 1.83
C PRO A 816 3.05 -21.69 2.49
N GLY A 817 4.09 -21.79 1.66
CA GLY A 817 5.41 -22.15 2.11
C GLY A 817 6.08 -21.05 2.92
N GLU A 818 7.30 -21.37 3.37
CA GLU A 818 8.04 -20.44 4.23
C GLU A 818 8.39 -19.15 3.49
N GLY A 819 8.84 -19.25 2.25
CA GLY A 819 9.21 -18.07 1.48
C GLY A 819 8.04 -17.53 0.69
N ALA A 820 6.95 -17.19 1.37
CA ALA A 820 5.72 -16.76 0.72
C ALA A 820 5.51 -15.28 0.99
N VAL A 821 5.54 -14.48 -0.08
CA VAL A 821 5.14 -13.08 0.04
C VAL A 821 3.63 -12.98 0.25
N GLY A 822 2.86 -13.74 -0.52
CA GLY A 822 1.43 -13.80 -0.31
C GLY A 822 1.08 -14.56 0.96
N ASP A 823 -0.14 -14.34 1.43
CA ASP A 823 -0.58 -14.88 2.71
C ASP A 823 -1.95 -15.55 2.60
N GLY A 824 -2.20 -16.28 1.52
CA GLY A 824 -3.39 -17.10 1.48
C GLY A 824 -4.17 -17.22 0.19
N PHE A 825 -4.09 -16.21 -0.69
CA PHE A 825 -4.89 -16.20 -1.93
C PHE A 825 -6.38 -16.26 -1.59
N SER A 826 -6.88 -15.13 -1.10
CA SER A 826 -8.22 -14.98 -0.52
C SER A 826 -9.30 -15.85 -1.17
N LEU A 827 -9.31 -15.93 -2.50
CA LEU A 827 -10.23 -16.77 -3.27
C LEU A 827 -11.66 -16.25 -3.23
N ALA A 828 -11.93 -15.22 -2.43
CA ALA A 828 -13.22 -14.54 -2.45
C ALA A 828 -13.21 -13.32 -3.35
N ARG A 829 -12.14 -12.53 -3.30
CA ARG A 829 -11.95 -11.46 -4.26
C ARG A 829 -11.72 -11.99 -5.67
N LEU A 830 -11.28 -13.25 -5.78
CA LEU A 830 -11.26 -13.90 -7.09
C LEU A 830 -12.67 -14.04 -7.65
N ARG A 831 -13.63 -14.39 -6.79
CA ARG A 831 -15.01 -14.50 -7.25
C ARG A 831 -15.61 -13.13 -7.57
N ASP A 832 -15.24 -12.10 -6.80
CA ASP A 832 -15.67 -10.75 -7.13
C ASP A 832 -15.10 -10.31 -8.47
N ALA A 833 -13.83 -10.62 -8.72
CA ALA A 833 -13.22 -10.31 -10.01
C ALA A 833 -13.91 -11.06 -11.13
N THR A 834 -14.26 -12.32 -10.90
CA THR A 834 -14.97 -13.09 -11.91
C THR A 834 -16.34 -12.50 -12.20
N GLN A 835 -17.04 -12.07 -11.15
CA GLN A 835 -18.33 -11.40 -11.32
C GLN A 835 -18.20 -10.15 -12.18
N CYS A 836 -17.25 -9.28 -11.83
CA CYS A 836 -17.08 -8.04 -12.58
C CYS A 836 -16.64 -8.32 -14.01
N ALA A 837 -15.78 -9.33 -14.21
CA ALA A 837 -15.37 -9.70 -15.56
C ALA A 837 -16.55 -10.21 -16.37
N THR A 838 -17.42 -11.01 -15.73
CA THR A 838 -18.62 -11.47 -16.43
C THR A 838 -19.51 -10.32 -16.84
N PHE A 839 -19.70 -9.34 -15.96
CA PHE A 839 -20.51 -8.19 -16.31
C PHE A 839 -19.87 -7.36 -17.41
N VAL A 840 -18.55 -7.20 -17.37
CA VAL A 840 -17.83 -6.45 -18.39
C VAL A 840 -17.96 -7.15 -19.75
N VAL A 841 -17.81 -8.48 -19.76
CA VAL A 841 -17.95 -9.23 -21.00
C VAL A 841 -19.39 -9.16 -21.50
N ALA A 842 -20.36 -9.16 -20.59
CA ALA A 842 -21.75 -8.98 -21.01
C ALA A 842 -21.96 -7.64 -21.69
N CYS A 843 -21.39 -6.57 -21.11
CA CYS A 843 -21.48 -5.26 -21.74
C CYS A 843 -20.81 -5.26 -23.11
N SER A 844 -19.64 -5.88 -23.21
CA SER A 844 -18.92 -5.93 -24.48
C SER A 844 -19.71 -6.69 -25.53
N ILE A 845 -20.32 -7.82 -25.14
CA ILE A 845 -21.14 -8.60 -26.07
C ILE A 845 -22.33 -7.77 -26.54
N LEU A 846 -22.99 -7.09 -25.60
CA LEU A 846 -24.21 -6.38 -25.95
C LEU A 846 -23.93 -5.15 -26.81
N GLN A 847 -22.81 -4.47 -26.61
CA GLN A 847 -22.55 -3.22 -27.30
C GLN A 847 -21.46 -3.29 -28.36
N GLY A 848 -20.88 -4.46 -28.62
CA GLY A 848 -19.79 -4.53 -29.58
C GLY A 848 -19.74 -5.79 -30.42
N SER A 849 -20.80 -6.59 -30.38
CA SER A 849 -20.84 -7.78 -31.21
C SER A 849 -21.03 -7.40 -32.67
N PRO A 850 -20.35 -8.08 -33.61
CA PRO A 850 -20.49 -7.72 -35.02
C PRO A 850 -21.76 -8.23 -35.67
N THR A 851 -22.36 -9.30 -35.14
CA THR A 851 -23.59 -9.86 -35.70
C THR A 851 -24.56 -10.15 -34.57
N TYR A 852 -25.85 -10.16 -34.92
CA TYR A 852 -26.88 -10.47 -33.92
C TYR A 852 -26.80 -11.91 -33.45
N ASP A 853 -26.41 -12.83 -34.34
CA ASP A 853 -26.24 -14.23 -33.94
C ASP A 853 -25.13 -14.37 -32.89
N SER A 854 -24.01 -13.68 -33.10
CA SER A 854 -22.95 -13.67 -32.10
C SER A 854 -23.38 -12.92 -30.85
N ARG A 855 -24.14 -11.84 -31.02
CA ARG A 855 -24.62 -11.07 -29.87
C ARG A 855 -25.55 -11.91 -29.00
N ASP A 856 -26.45 -12.68 -29.64
CA ASP A 856 -27.28 -13.61 -28.88
C ASP A 856 -26.47 -14.77 -28.34
N MET A 857 -25.44 -15.20 -29.07
CA MET A 857 -24.66 -16.35 -28.65
C MET A 857 -23.99 -16.10 -27.30
N ALA A 858 -23.45 -14.90 -27.11
CA ALA A 858 -22.89 -14.45 -25.83
C ALA A 858 -21.81 -15.41 -25.34
N SER A 859 -20.80 -15.62 -26.17
CA SER A 859 -19.67 -16.47 -25.82
C SER A 859 -18.68 -15.65 -25.00
N MET A 860 -18.41 -16.10 -23.78
CA MET A 860 -17.49 -15.42 -22.87
C MET A 860 -16.28 -16.30 -22.60
N GLY A 861 -15.09 -15.73 -22.78
CA GLY A 861 -13.88 -16.42 -22.40
C GLY A 861 -13.18 -15.73 -21.25
N LEU A 862 -13.23 -16.33 -20.06
CA LEU A 862 -12.61 -15.78 -18.87
C LEU A 862 -11.32 -16.53 -18.60
N GLY A 863 -10.19 -15.91 -18.93
CA GLY A 863 -8.89 -16.48 -18.67
C GLY A 863 -8.28 -15.94 -17.39
N VAL A 864 -7.07 -16.43 -17.11
CA VAL A 864 -6.31 -15.99 -15.95
C VAL A 864 -4.92 -15.58 -16.40
N GLN A 865 -4.29 -14.73 -15.60
CA GLN A 865 -2.91 -14.34 -15.82
C GLN A 865 -2.27 -14.08 -14.48
N GLY A 866 -0.98 -14.38 -14.38
CA GLY A 866 -0.26 -14.27 -13.13
C GLY A 866 -0.34 -15.49 -12.24
N LEU A 867 -0.77 -16.63 -12.75
CA LEU A 867 -0.83 -17.85 -11.95
C LEU A 867 0.55 -18.26 -11.46
N ALA A 868 1.56 -18.15 -12.33
CA ALA A 868 2.93 -18.42 -11.90
C ALA A 868 3.37 -17.41 -10.84
N ASP A 869 2.97 -16.14 -10.99
CA ASP A 869 3.25 -15.15 -9.96
C ASP A 869 2.59 -15.52 -8.64
N VAL A 870 1.37 -16.05 -8.70
CA VAL A 870 0.69 -16.47 -7.48
C VAL A 870 1.45 -17.61 -6.81
N PHE A 871 1.88 -18.60 -7.60
CA PHE A 871 2.60 -19.73 -7.03
C PHE A 871 3.94 -19.29 -6.44
N ALA A 872 4.64 -18.37 -7.12
CA ALA A 872 5.91 -17.88 -6.60
C ALA A 872 5.72 -17.07 -5.32
N ASP A 873 4.72 -16.18 -5.31
CA ASP A 873 4.47 -15.35 -4.13
C ASP A 873 3.98 -16.16 -2.94
N LEU A 874 3.47 -17.37 -3.17
CA LEU A 874 3.07 -18.26 -2.10
C LEU A 874 4.16 -19.26 -1.73
N GLY A 875 5.37 -19.08 -2.26
CA GLY A 875 6.48 -19.94 -1.91
C GLY A 875 6.35 -21.37 -2.37
N TRP A 876 5.84 -21.59 -3.58
CA TRP A 876 5.69 -22.92 -4.13
C TRP A 876 6.32 -22.98 -5.52
N GLN A 877 6.78 -24.16 -5.89
CA GLN A 877 7.03 -24.43 -7.30
C GLN A 877 5.71 -24.58 -8.03
N TYR A 878 5.78 -24.48 -9.36
CA TYR A 878 4.57 -24.66 -10.17
C TYR A 878 4.01 -26.07 -10.01
N THR A 879 4.85 -27.04 -9.70
CA THR A 879 4.46 -28.45 -9.62
C THR A 879 4.10 -28.91 -8.21
N ASP A 880 4.30 -28.06 -7.20
CA ASP A 880 4.07 -28.48 -5.82
C ASP A 880 2.60 -28.86 -5.62
N PRO A 881 2.33 -29.84 -4.76
CA PRO A 881 0.95 -30.26 -4.52
C PRO A 881 0.06 -29.12 -4.05
N PRO A 882 0.54 -28.20 -3.19
CA PRO A 882 -0.28 -27.01 -2.92
C PRO A 882 -0.58 -26.20 -4.15
N SER A 883 0.38 -26.10 -5.08
CA SER A 883 0.12 -25.35 -6.31
C SER A 883 -0.96 -26.02 -7.15
N ARG A 884 -0.93 -27.34 -7.25
CA ARG A 884 -1.97 -28.06 -8.00
C ARG A 884 -3.33 -27.90 -7.35
N SER A 885 -3.39 -28.02 -6.01
CA SER A 885 -4.66 -27.84 -5.32
C SER A 885 -5.21 -26.44 -5.51
N LEU A 886 -4.34 -25.43 -5.42
CA LEU A 886 -4.77 -24.06 -5.64
C LEU A 886 -5.23 -23.85 -7.08
N ASN A 887 -4.55 -24.48 -8.04
CA ASN A 887 -4.96 -24.39 -9.44
C ASN A 887 -6.38 -24.92 -9.63
N LYS A 888 -6.64 -26.12 -9.11
CA LYS A 888 -7.98 -26.69 -9.23
C LYS A 888 -9.01 -25.83 -8.53
N GLU A 889 -8.68 -25.33 -7.34
CA GLU A 889 -9.61 -24.48 -6.60
C GLU A 889 -9.93 -23.21 -7.39
N ILE A 890 -8.89 -22.56 -7.94
CA ILE A 890 -9.08 -21.33 -8.68
C ILE A 890 -10.02 -21.56 -9.85
N PHE A 891 -9.75 -22.59 -10.65
CA PHE A 891 -10.53 -22.76 -11.86
C PHE A 891 -11.96 -23.21 -11.56
N GLU A 892 -12.14 -24.11 -10.58
CA GLU A 892 -13.49 -24.50 -10.21
C GLU A 892 -14.28 -23.30 -9.68
N HIS A 893 -13.67 -22.50 -8.82
CA HIS A 893 -14.36 -21.36 -8.24
C HIS A 893 -14.72 -20.32 -9.30
N MET A 894 -13.80 -20.04 -10.23
CA MET A 894 -14.08 -19.03 -11.24
C MET A 894 -15.14 -19.53 -12.23
N TYR A 895 -15.12 -20.82 -12.55
CA TYR A 895 -16.18 -21.37 -13.39
C TYR A 895 -17.53 -21.29 -12.70
N PHE A 896 -17.57 -21.62 -11.41
CA PHE A 896 -18.82 -21.53 -10.66
C PHE A 896 -19.34 -20.10 -10.62
N THR A 897 -18.44 -19.14 -10.35
CA THR A 897 -18.85 -17.75 -10.30
C THR A 897 -19.34 -17.25 -11.65
N ALA A 898 -18.66 -17.64 -12.73
CA ALA A 898 -19.12 -17.27 -14.06
C ALA A 898 -20.50 -17.84 -14.35
N LEU A 899 -20.72 -19.11 -13.98
CA LEU A 899 -22.02 -19.71 -14.19
C LEU A 899 -23.11 -18.97 -13.43
N CYS A 900 -22.85 -18.67 -12.15
CA CYS A 900 -23.87 -18.01 -11.33
C CYS A 900 -24.16 -16.61 -11.84
N THR A 901 -23.11 -15.85 -12.18
CA THR A 901 -23.32 -14.49 -12.68
C THR A 901 -24.04 -14.51 -14.02
N SER A 902 -23.68 -15.44 -14.91
CA SER A 902 -24.37 -15.52 -16.20
C SER A 902 -25.82 -15.93 -16.03
N SER A 903 -26.11 -16.82 -15.09
CA SER A 903 -27.50 -17.18 -14.81
C SER A 903 -28.28 -15.98 -14.30
N LEU A 904 -27.68 -15.19 -13.40
CA LEU A 904 -28.34 -14.00 -12.90
C LEU A 904 -28.59 -13.00 -14.01
N ILE A 905 -27.60 -12.80 -14.89
CA ILE A 905 -27.75 -11.87 -16.00
C ILE A 905 -28.85 -12.34 -16.94
N GLY A 906 -28.89 -13.64 -17.25
CA GLY A 906 -29.94 -14.15 -18.11
C GLY A 906 -31.31 -14.02 -17.49
N LEU A 907 -31.42 -14.24 -16.18
CA LEU A 907 -32.70 -14.09 -15.51
C LEU A 907 -33.18 -12.65 -15.54
N HIS A 908 -32.28 -11.69 -15.28
CA HIS A 908 -32.69 -10.29 -15.16
C HIS A 908 -32.64 -9.53 -16.49
N THR A 909 -32.18 -10.17 -17.56
CA THR A 909 -32.17 -9.55 -18.88
C THR A 909 -33.10 -10.22 -19.87
N ARG A 910 -33.59 -11.42 -19.56
CA ARG A 910 -34.44 -12.20 -20.45
C ARG A 910 -33.72 -12.54 -21.76
N LYS A 911 -32.41 -12.51 -21.75
CA LYS A 911 -31.58 -12.82 -22.91
C LYS A 911 -30.82 -14.11 -22.62
N ILE A 912 -31.45 -15.25 -22.93
CA ILE A 912 -30.83 -16.55 -22.79
C ILE A 912 -30.33 -16.98 -24.16
N PHE A 913 -29.15 -17.60 -24.20
CA PHE A 913 -28.59 -17.99 -25.48
C PHE A 913 -29.50 -19.01 -26.15
N PRO A 914 -29.64 -18.96 -27.48
CA PRO A 914 -30.79 -19.63 -28.12
C PRO A 914 -30.91 -21.12 -27.84
N GLY A 915 -29.81 -21.83 -27.70
CA GLY A 915 -29.88 -23.27 -27.55
C GLY A 915 -29.86 -23.78 -26.13
N PHE A 916 -30.20 -22.92 -25.16
CA PHE A 916 -30.14 -23.33 -23.76
C PHE A 916 -31.11 -24.47 -23.47
N LYS A 917 -32.32 -24.37 -23.98
CA LYS A 917 -33.26 -25.46 -23.82
C LYS A 917 -32.77 -26.68 -24.60
N GLN A 918 -33.27 -27.85 -24.18
CA GLN A 918 -32.86 -29.16 -24.73
C GLN A 918 -31.34 -29.28 -24.88
N SER A 919 -30.61 -28.60 -24.01
CA SER A 919 -29.16 -28.68 -23.93
C SER A 919 -28.75 -29.37 -22.63
N LYS A 920 -27.44 -29.45 -22.41
CA LYS A 920 -26.94 -30.15 -21.23
C LYS A 920 -27.22 -29.36 -19.95
N TYR A 921 -27.03 -28.04 -19.98
CA TYR A 921 -27.24 -27.23 -18.79
C TYR A 921 -28.70 -27.29 -18.34
N ALA A 922 -29.64 -27.33 -19.29
CA ALA A 922 -31.06 -27.32 -18.95
C ALA A 922 -31.48 -28.56 -18.19
N GLY A 923 -30.73 -29.65 -18.30
CA GLY A 923 -31.02 -30.87 -17.57
C GLY A 923 -30.16 -31.10 -16.35
N GLY A 924 -29.20 -30.24 -16.08
CA GLY A 924 -28.28 -30.43 -14.97
C GLY A 924 -26.95 -30.96 -15.45
N TRP A 925 -25.97 -30.07 -15.59
CA TRP A 925 -24.69 -30.40 -16.18
C TRP A 925 -23.76 -29.21 -16.00
N PHE A 926 -22.49 -29.49 -15.71
CA PHE A 926 -21.55 -28.42 -15.41
C PHE A 926 -20.17 -28.65 -16.03
N HIS A 927 -20.07 -29.49 -17.05
CA HIS A 927 -18.84 -29.69 -17.81
C HIS A 927 -17.75 -30.36 -16.97
N TRP A 928 -17.99 -30.57 -15.68
CA TRP A 928 -17.12 -31.41 -14.87
C TRP A 928 -17.78 -32.74 -14.55
N HIS A 929 -19.04 -32.94 -14.94
CA HIS A 929 -19.66 -34.24 -14.82
C HIS A 929 -18.95 -35.28 -15.69
N ASP A 930 -18.56 -34.89 -16.89
CA ASP A 930 -17.96 -35.81 -17.86
C ASP A 930 -16.45 -35.85 -17.74
N TRP A 931 -15.95 -36.08 -16.52
CA TRP A 931 -14.53 -36.28 -16.28
C TRP A 931 -14.39 -37.28 -15.15
N ALA A 932 -13.23 -37.92 -15.09
CA ALA A 932 -12.94 -38.96 -14.12
C ALA A 932 -11.98 -38.43 -13.06
N GLY A 933 -12.26 -38.76 -11.81
CA GLY A 933 -11.40 -38.36 -10.70
C GLY A 933 -11.34 -36.87 -10.45
N THR A 934 -12.50 -36.21 -10.46
CA THR A 934 -12.57 -34.78 -10.21
C THR A 934 -12.97 -34.54 -8.75
N ASP A 935 -12.13 -33.80 -8.03
CA ASP A 935 -12.41 -33.41 -6.66
C ASP A 935 -12.94 -31.99 -6.64
N LEU A 936 -14.05 -31.78 -5.94
CA LEU A 936 -14.74 -30.49 -5.92
C LEU A 936 -14.43 -29.76 -4.62
N SER A 937 -14.00 -28.51 -4.73
CA SER A 937 -13.86 -27.65 -3.57
C SER A 937 -15.21 -27.12 -3.08
N ILE A 938 -16.26 -27.31 -3.86
CA ILE A 938 -17.62 -26.92 -3.49
C ILE A 938 -18.30 -28.17 -2.96
N PRO A 939 -19.12 -28.08 -1.91
CA PRO A 939 -19.63 -29.30 -1.26
C PRO A 939 -20.63 -30.10 -2.08
N ARG A 940 -20.80 -29.77 -3.36
CA ARG A 940 -21.60 -30.54 -4.31
C ARG A 940 -23.09 -30.38 -4.03
N GLU A 941 -23.44 -29.73 -2.92
CA GLU A 941 -24.80 -29.30 -2.68
C GLU A 941 -25.07 -27.91 -3.22
N ILE A 942 -24.06 -27.04 -3.16
CA ILE A 942 -24.17 -25.72 -3.77
C ILE A 942 -24.16 -25.84 -5.29
N TRP A 943 -23.47 -26.84 -5.83
CA TRP A 943 -23.57 -27.14 -7.26
C TRP A 943 -24.99 -27.52 -7.64
N SER A 944 -25.66 -28.28 -6.77
CA SER A 944 -27.06 -28.65 -7.04
C SER A 944 -27.96 -27.42 -7.07
N ARG A 945 -27.73 -26.49 -6.14
CA ARG A 945 -28.51 -25.25 -6.15
C ARG A 945 -28.22 -24.43 -7.39
N LEU A 946 -26.96 -24.41 -7.83
CA LEU A 946 -26.63 -23.73 -9.08
C LEU A 946 -27.35 -24.37 -10.25
N SER A 947 -27.41 -25.71 -10.27
CA SER A 947 -28.12 -26.40 -11.33
C SER A 947 -29.60 -26.06 -11.32
N GLU A 948 -30.20 -26.01 -10.12
CA GLU A 948 -31.61 -25.68 -10.01
C GLU A 948 -31.90 -24.27 -10.51
N ARG A 949 -31.07 -23.31 -10.11
CA ARG A 949 -31.28 -21.94 -10.55
C ARG A 949 -31.01 -21.76 -12.04
N ILE A 950 -30.05 -22.51 -12.60
CA ILE A 950 -29.81 -22.47 -14.04
C ILE A 950 -31.00 -23.05 -14.79
N VAL A 951 -31.55 -24.17 -14.30
CA VAL A 951 -32.69 -24.80 -14.96
C VAL A 951 -33.89 -23.86 -14.94
N ARG A 952 -34.15 -23.23 -13.79
CA ARG A 952 -35.34 -22.41 -13.67
C ARG A 952 -35.14 -20.98 -14.18
N ASP A 953 -33.91 -20.58 -14.48
CA ASP A 953 -33.64 -19.23 -14.93
C ASP A 953 -33.00 -19.16 -16.30
N GLY A 954 -32.02 -20.01 -16.59
CA GLY A 954 -31.29 -19.96 -17.83
C GLY A 954 -29.92 -19.34 -17.65
N LEU A 955 -29.17 -19.29 -18.75
CA LEU A 955 -27.83 -18.73 -18.75
C LEU A 955 -27.73 -17.67 -19.84
N PHE A 956 -27.25 -16.49 -19.47
CA PHE A 956 -27.02 -15.44 -20.47
C PHE A 956 -25.89 -15.84 -21.42
N ASN A 957 -24.82 -16.41 -20.90
CA ASN A 957 -23.68 -16.82 -21.69
C ASN A 957 -23.74 -18.32 -21.98
N SER A 958 -23.21 -18.69 -23.15
CA SER A 958 -23.11 -20.10 -23.54
C SER A 958 -21.78 -20.71 -23.15
N GLN A 959 -20.70 -19.93 -23.19
CA GLN A 959 -19.38 -20.37 -22.80
C GLN A 959 -18.83 -19.41 -21.76
N PHE A 960 -18.10 -19.94 -20.79
CA PHE A 960 -17.72 -19.16 -19.61
C PHE A 960 -16.22 -19.02 -19.44
N ILE A 961 -15.46 -20.12 -19.42
CA ILE A 961 -14.04 -20.10 -19.08
C ILE A 961 -13.24 -20.54 -20.30
N ALA A 962 -12.26 -19.73 -20.67
CA ALA A 962 -11.37 -20.04 -21.79
C ALA A 962 -10.03 -19.39 -21.51
N LEU A 963 -8.95 -20.16 -21.66
CA LEU A 963 -7.62 -19.72 -21.27
C LEU A 963 -6.88 -19.14 -22.46
N MET A 964 -6.73 -17.82 -22.47
CA MET A 964 -6.08 -16.90 -23.39
C MET A 964 -4.63 -16.67 -22.98
N PRO A 965 -3.69 -16.71 -23.91
CA PRO A 965 -2.29 -16.38 -23.57
C PRO A 965 -2.11 -14.96 -23.05
N THR A 966 -3.02 -14.05 -23.39
CA THR A 966 -3.04 -12.64 -22.94
C THR A 966 -1.62 -12.05 -22.86
N SER A 967 -0.93 -12.10 -24.00
CA SER A 967 0.42 -11.56 -24.08
C SER A 967 0.46 -10.05 -24.06
N GLY A 968 -0.68 -9.38 -24.20
CA GLY A 968 -0.73 -7.93 -24.20
C GLY A 968 -0.90 -7.34 -22.81
N CYS A 969 -1.86 -7.87 -22.04
CA CYS A 969 -2.15 -7.37 -20.69
C CYS A 969 -1.00 -7.67 -19.72
N ALA A 970 -0.23 -8.74 -19.98
CA ALA A 970 0.88 -9.07 -19.09
C ALA A 970 1.93 -7.99 -19.09
N GLN A 971 2.07 -7.25 -20.19
CA GLN A 971 3.05 -6.18 -20.26
C GLN A 971 2.59 -4.95 -19.48
N VAL A 972 1.30 -4.65 -19.51
CA VAL A 972 0.80 -3.44 -18.85
C VAL A 972 0.46 -3.67 -17.38
N THR A 973 0.28 -4.91 -16.95
CA THR A 973 -0.03 -5.18 -15.56
C THR A 973 1.11 -5.80 -14.78
N GLY A 974 2.11 -6.36 -15.46
CA GLY A 974 3.17 -7.08 -14.80
C GLY A 974 2.82 -8.48 -14.37
N CYS A 975 1.56 -8.89 -14.51
CA CYS A 975 1.16 -10.26 -14.23
C CYS A 975 1.82 -11.20 -15.22
N SER A 976 2.13 -12.42 -14.77
CA SER A 976 2.81 -13.36 -15.63
C SER A 976 1.90 -13.78 -16.77
N ASP A 977 2.51 -14.26 -17.85
CA ASP A 977 1.79 -14.56 -19.08
C ASP A 977 0.86 -15.74 -18.86
N ALA A 978 -0.43 -15.45 -18.73
CA ALA A 978 -1.49 -16.46 -18.66
C ALA A 978 -1.20 -17.42 -17.50
N PHE A 979 -1.57 -18.69 -17.68
CA PHE A 979 -1.38 -19.72 -16.67
C PHE A 979 -0.05 -20.45 -16.82
N TYR A 980 0.78 -20.06 -17.78
CA TYR A 980 2.07 -20.71 -17.97
C TYR A 980 3.02 -20.36 -16.83
N PRO A 981 4.03 -21.21 -16.59
CA PRO A 981 5.12 -20.81 -15.70
C PRO A 981 5.95 -19.71 -16.33
N PHE A 982 6.98 -19.23 -15.63
CA PHE A 982 7.82 -18.17 -16.17
C PHE A 982 8.57 -18.68 -17.39
N TYR A 983 8.40 -18.00 -18.52
CA TYR A 983 9.17 -18.34 -19.70
C TYR A 983 9.63 -17.13 -20.51
N ALA A 984 9.40 -15.91 -20.03
CA ALA A 984 9.82 -14.72 -20.76
C ALA A 984 10.37 -13.66 -19.80
N GLY A 1020 18.70 -13.92 -15.93
CA GLY A 1020 18.08 -14.85 -14.99
C GLY A 1020 18.85 -16.15 -14.86
N ARG A 1021 18.77 -16.98 -15.88
CA ARG A 1021 19.42 -18.29 -15.97
C ARG A 1021 19.40 -19.01 -14.61
N VAL A 1022 18.19 -19.24 -14.12
CA VAL A 1022 18.02 -19.91 -12.82
C VAL A 1022 18.65 -21.29 -12.85
N SER A 1023 18.45 -22.03 -13.94
CA SER A 1023 19.11 -23.33 -14.08
C SER A 1023 20.63 -23.17 -14.17
N CYS A 1024 21.09 -22.19 -14.94
CA CYS A 1024 22.53 -21.95 -15.11
C CYS A 1024 23.03 -20.98 -14.05
N LEU A 1025 22.77 -21.33 -12.80
CA LEU A 1025 23.13 -20.52 -11.64
C LEU A 1025 23.71 -21.44 -10.57
N PRO A 1026 24.63 -20.93 -9.76
CA PRO A 1026 25.27 -21.80 -8.75
C PRO A 1026 24.25 -22.40 -7.78
N GLU A 1027 24.58 -23.60 -7.30
CA GLU A 1027 23.65 -24.35 -6.45
C GLU A 1027 23.31 -23.59 -5.18
N ALA A 1028 24.23 -22.74 -4.70
CA ALA A 1028 23.92 -21.92 -3.53
C ALA A 1028 22.72 -21.02 -3.79
N LEU A 1029 22.75 -20.28 -4.90
CA LEU A 1029 21.62 -19.47 -5.32
C LEU A 1029 20.72 -20.22 -6.30
N ARG A 1030 20.35 -21.44 -5.94
CA ARG A 1030 19.44 -22.21 -6.78
C ARG A 1030 18.24 -22.75 -6.01
N GLN A 1031 18.43 -23.17 -4.77
CA GLN A 1031 17.29 -23.63 -3.97
C GLN A 1031 16.45 -22.46 -3.47
N ARG A 1032 17.10 -21.35 -3.12
CA ARG A 1032 16.36 -20.17 -2.65
C ARG A 1032 15.59 -19.50 -3.78
N TYR A 1033 16.06 -19.63 -5.03
CA TYR A 1033 15.35 -19.13 -6.20
C TYR A 1033 14.78 -20.26 -7.04
N LEU A 1034 14.49 -21.41 -6.42
CA LEU A 1034 13.96 -22.55 -7.15
C LEU A 1034 12.56 -22.27 -7.70
N ARG A 1035 11.77 -21.45 -7.01
CA ARG A 1035 10.42 -21.14 -7.47
C ARG A 1035 10.41 -20.28 -8.72
N PHE A 1036 11.56 -19.71 -9.12
CA PHE A 1036 11.68 -18.97 -10.36
C PHE A 1036 12.13 -19.86 -11.52
N GLN A 1037 11.96 -21.16 -11.41
CA GLN A 1037 12.29 -22.07 -12.49
C GLN A 1037 11.49 -21.73 -13.74
N THR A 1038 12.15 -21.79 -14.89
CA THR A 1038 11.46 -21.57 -16.15
C THR A 1038 10.54 -22.73 -16.46
N ALA A 1039 9.60 -22.49 -17.38
CA ALA A 1039 8.64 -23.53 -17.76
C ALA A 1039 9.34 -24.74 -18.37
N PHE A 1040 10.49 -24.54 -19.01
CA PHE A 1040 11.24 -25.65 -19.57
C PHE A 1040 11.83 -26.53 -18.47
N ASP A 1041 12.12 -25.95 -17.30
CA ASP A 1041 12.71 -26.72 -16.20
C ASP A 1041 11.72 -27.74 -15.65
N TYR A 1042 10.45 -27.37 -15.56
CA TYR A 1042 9.45 -28.27 -15.01
C TYR A 1042 9.21 -29.45 -15.94
N ASN A 1043 8.91 -30.61 -15.35
CA ASN A 1043 8.58 -31.78 -16.14
C ASN A 1043 7.29 -31.54 -16.91
N GLN A 1044 7.32 -31.82 -18.22
CA GLN A 1044 6.18 -31.52 -19.06
C GLN A 1044 4.99 -32.40 -18.74
N GLU A 1045 5.23 -33.63 -18.30
CA GLU A 1045 4.12 -34.50 -17.88
C GLU A 1045 3.37 -33.88 -16.70
N ASP A 1046 4.09 -33.25 -15.78
CA ASP A 1046 3.42 -32.57 -14.67
C ASP A 1046 2.57 -31.41 -15.15
N LEU A 1047 3.08 -30.63 -16.12
CA LEU A 1047 2.28 -29.53 -16.67
C LEU A 1047 1.04 -30.05 -17.36
N ILE A 1048 1.16 -31.15 -18.10
CA ILE A 1048 0.01 -31.74 -18.77
C ILE A 1048 -1.00 -32.25 -17.74
N GLN A 1049 -0.51 -32.83 -16.65
CA GLN A 1049 -1.40 -33.31 -15.60
C GLN A 1049 -2.14 -32.15 -14.94
N MET A 1050 -1.45 -31.04 -14.70
CA MET A 1050 -2.13 -29.88 -14.12
C MET A 1050 -3.15 -29.29 -15.10
N SER A 1051 -2.82 -29.28 -16.39
CA SER A 1051 -3.78 -28.83 -17.39
C SER A 1051 -5.02 -29.71 -17.39
N ARG A 1052 -4.83 -31.03 -17.26
CA ARG A 1052 -5.98 -31.93 -17.17
C ARG A 1052 -6.74 -31.71 -15.88
N ASP A 1053 -6.05 -31.39 -14.78
CA ASP A 1053 -6.72 -31.14 -13.52
C ASP A 1053 -7.63 -29.92 -13.61
N ARG A 1054 -7.16 -28.86 -14.29
CA ARG A 1054 -7.99 -27.67 -14.47
C ARG A 1054 -8.98 -27.79 -15.63
N ALA A 1055 -8.82 -28.81 -16.48
CA ALA A 1055 -9.70 -28.95 -17.64
C ALA A 1055 -11.19 -29.10 -17.30
N PRO A 1056 -11.60 -29.90 -16.31
CA PRO A 1056 -13.06 -30.08 -16.09
C PRO A 1056 -13.79 -28.79 -15.78
N PHE A 1057 -13.11 -27.81 -15.21
CA PHE A 1057 -13.72 -26.54 -14.86
C PHE A 1057 -13.45 -25.46 -15.89
N VAL A 1058 -12.87 -25.81 -17.03
CA VAL A 1058 -12.73 -24.91 -18.17
C VAL A 1058 -13.63 -25.46 -19.27
N ASP A 1059 -14.81 -24.86 -19.43
CA ASP A 1059 -15.78 -25.38 -20.38
C ASP A 1059 -15.27 -25.30 -21.81
N GLN A 1060 -14.59 -24.21 -22.15
CA GLN A 1060 -13.91 -24.11 -23.44
C GLN A 1060 -12.54 -24.76 -23.32
N SER A 1061 -11.68 -24.53 -24.31
CA SER A 1061 -10.36 -25.13 -24.31
C SER A 1061 -9.36 -24.21 -23.60
N GLN A 1062 -8.11 -24.65 -23.54
CA GLN A 1062 -7.02 -23.88 -22.99
C GLN A 1062 -5.99 -23.63 -24.08
N SER A 1063 -5.08 -22.70 -23.82
CA SER A 1063 -3.94 -22.46 -24.70
C SER A 1063 -2.72 -23.22 -24.21
N HIS A 1064 -2.89 -24.54 -24.09
CA HIS A 1064 -1.87 -25.40 -23.52
C HIS A 1064 -0.67 -25.48 -24.45
N SER A 1065 0.44 -24.87 -24.04
CA SER A 1065 1.67 -24.87 -24.80
C SER A 1065 2.72 -25.73 -24.09
N LEU A 1066 3.40 -26.58 -24.84
CA LEU A 1066 4.46 -27.42 -24.30
C LEU A 1066 5.79 -26.71 -24.40
N PHE A 1067 6.62 -26.85 -23.36
CA PHE A 1067 7.92 -26.20 -23.28
C PHE A 1067 9.00 -27.27 -23.30
N LEU A 1068 9.80 -27.27 -24.36
CA LEU A 1068 10.84 -28.28 -24.54
C LEU A 1068 12.18 -27.60 -24.82
N ARG A 1069 13.25 -28.26 -24.40
CA ARG A 1069 14.60 -27.79 -24.65
C ARG A 1069 15.17 -28.43 -25.90
N GLU A 1070 16.30 -27.91 -26.37
CA GLU A 1070 16.94 -28.47 -27.56
C GLU A 1070 17.80 -29.67 -27.21
N GLU A 1071 17.24 -30.61 -26.44
CA GLU A 1071 17.91 -31.86 -26.14
C GLU A 1071 16.93 -33.01 -26.32
N ASP A 1072 15.65 -32.73 -26.14
CA ASP A 1072 14.59 -33.72 -26.34
C ASP A 1072 13.62 -33.37 -27.45
N ALA A 1073 13.49 -32.09 -27.81
CA ALA A 1073 12.66 -31.73 -28.95
C ALA A 1073 13.23 -32.28 -30.24
N ALA A 1074 14.57 -32.24 -30.39
CA ALA A 1074 15.21 -32.79 -31.58
C ALA A 1074 15.07 -34.31 -31.67
N ARG A 1075 14.77 -34.97 -30.56
CA ARG A 1075 14.60 -36.42 -30.59
C ARG A 1075 13.35 -36.83 -31.36
N ALA A 1076 12.35 -35.94 -31.43
CA ALA A 1076 11.12 -36.16 -32.18
C ALA A 1076 10.35 -37.38 -31.69
N SER A 1077 10.62 -37.81 -30.44
CA SER A 1077 9.88 -38.91 -29.83
C SER A 1077 9.33 -38.56 -28.45
N THR A 1078 9.98 -37.64 -27.74
CA THR A 1078 9.42 -37.21 -26.45
C THR A 1078 8.16 -36.38 -26.66
N LEU A 1079 8.13 -35.55 -27.70
CA LEU A 1079 6.95 -34.77 -28.00
C LEU A 1079 5.78 -35.67 -28.39
N ALA A 1080 6.05 -36.73 -29.14
CA ALA A 1080 5.00 -37.68 -29.49
C ALA A 1080 4.43 -38.35 -28.24
N ASN A 1081 5.29 -38.74 -27.31
CA ASN A 1081 4.82 -39.33 -26.07
C ASN A 1081 4.01 -38.32 -25.24
N LEU A 1082 4.44 -37.06 -25.24
CA LEU A 1082 3.68 -36.03 -24.54
C LEU A 1082 2.29 -35.86 -25.15
N LEU A 1083 2.21 -35.87 -26.48
CA LEU A 1083 0.92 -35.77 -27.14
C LEU A 1083 0.04 -36.98 -26.81
N VAL A 1084 0.63 -38.17 -26.79
CA VAL A 1084 -0.14 -39.37 -26.45
C VAL A 1084 -0.65 -39.29 -25.02
N ARG A 1085 0.19 -38.84 -24.08
CA ARG A 1085 -0.25 -38.70 -22.70
C ARG A 1085 -1.35 -37.66 -22.56
N SER A 1086 -1.24 -36.54 -23.30
CA SER A 1086 -2.29 -35.54 -23.28
C SER A 1086 -3.59 -36.11 -23.82
N TYR A 1087 -3.51 -36.94 -24.86
CA TYR A 1087 -4.69 -37.64 -25.35
C TYR A 1087 -5.29 -38.54 -24.28
N GLU A 1088 -4.46 -39.34 -23.60
CA GLU A 1088 -4.97 -40.29 -22.63
C GLU A 1088 -5.67 -39.61 -21.48
N LEU A 1089 -5.30 -38.37 -21.18
CA LEU A 1089 -5.94 -37.59 -20.14
C LEU A 1089 -7.15 -36.81 -20.63
N GLY A 1090 -7.43 -36.84 -21.93
CA GLY A 1090 -8.62 -36.21 -22.45
C GLY A 1090 -8.57 -34.70 -22.56
N LEU A 1091 -7.38 -34.11 -22.72
CA LEU A 1091 -7.29 -32.67 -22.91
C LEU A 1091 -7.89 -32.26 -24.24
N LYS A 1092 -8.40 -31.03 -24.28
CA LYS A 1092 -8.96 -30.50 -25.53
C LYS A 1092 -7.85 -29.99 -26.44
N THR A 1093 -7.10 -28.99 -25.99
CA THR A 1093 -5.95 -28.48 -26.74
C THR A 1093 -4.71 -29.24 -26.28
N ILE A 1094 -4.29 -30.21 -27.08
CA ILE A 1094 -3.16 -31.05 -26.69
C ILE A 1094 -1.86 -30.26 -26.73
N MET A 1095 -1.69 -29.41 -27.74
CA MET A 1095 -0.50 -28.56 -27.82
C MET A 1095 -0.82 -27.32 -28.63
N TYR A 1096 -0.56 -26.15 -28.05
CA TYR A 1096 -0.77 -24.89 -28.74
C TYR A 1096 0.52 -24.41 -29.40
N TYR A 1097 1.55 -24.18 -28.61
CA TYR A 1097 2.89 -23.83 -29.10
C TYR A 1097 3.89 -24.82 -28.53
N CYS A 1098 4.77 -25.33 -29.38
CA CYS A 1098 5.88 -26.17 -28.93
C CYS A 1098 7.09 -25.25 -28.73
N ARG A 1099 7.11 -24.60 -27.57
CA ARG A 1099 8.18 -23.66 -27.26
C ARG A 1099 9.52 -24.38 -27.15
N ILE A 1100 10.53 -23.83 -27.80
CA ILE A 1100 11.88 -24.37 -27.78
C ILE A 1100 12.83 -23.28 -27.30
N GLU A 1101 13.66 -23.62 -26.32
CA GLU A 1101 14.63 -22.66 -25.79
C GLU A 1101 16.03 -22.96 -26.31
N MET B 1 -37.51 14.18 -43.73
CA MET B 1 -36.33 14.15 -42.87
C MET B 1 -35.16 14.84 -43.55
N ASP B 2 -33.95 14.30 -43.32
CA ASP B 2 -32.73 14.89 -43.88
C ASP B 2 -31.68 13.79 -43.93
N PRO B 3 -30.72 13.88 -44.86
CA PRO B 3 -29.65 12.90 -44.90
C PRO B 3 -28.71 13.06 -43.71
N ASP B 4 -27.95 11.99 -43.45
CA ASP B 4 -27.06 11.82 -42.31
C ASP B 4 -27.83 11.66 -41.01
N THR B 5 -29.16 11.76 -41.03
CA THR B 5 -30.01 11.47 -39.87
C THR B 5 -30.79 10.19 -40.05
N PHE B 6 -31.47 10.02 -41.20
CA PHE B 6 -32.12 8.77 -41.50
C PHE B 6 -31.11 7.63 -41.59
N THR B 7 -29.98 7.88 -42.26
CA THR B 7 -28.95 6.85 -42.37
C THR B 7 -28.36 6.51 -41.01
N PHE B 8 -28.12 7.52 -40.18
CA PHE B 8 -27.52 7.27 -38.87
C PHE B 8 -28.47 6.53 -37.95
N ASN B 9 -29.74 6.94 -37.91
CA ASN B 9 -30.68 6.38 -36.95
C ASN B 9 -31.51 5.23 -37.49
N PHE B 10 -31.26 4.81 -38.74
CA PHE B 10 -31.95 3.65 -39.30
C PHE B 10 -30.98 2.53 -39.67
N ASN B 11 -29.69 2.69 -39.40
CA ASN B 11 -28.74 1.61 -39.62
C ASN B 11 -29.01 0.50 -38.61
N ASN B 12 -29.04 -0.75 -39.09
CA ASN B 12 -29.32 -1.90 -38.25
C ASN B 12 -28.07 -2.65 -37.83
N ASP B 13 -26.90 -2.04 -38.00
CA ASP B 13 -25.66 -2.67 -37.58
C ASP B 13 -25.64 -2.77 -36.06
N PRO B 14 -25.40 -3.96 -35.49
CA PRO B 14 -25.31 -4.05 -34.02
C PRO B 14 -24.23 -3.19 -33.42
N LEU B 15 -23.19 -2.86 -34.19
CA LEU B 15 -22.15 -1.97 -33.71
C LEU B 15 -22.62 -0.52 -33.60
N VAL B 16 -23.79 -0.20 -34.14
CA VAL B 16 -24.34 1.14 -34.07
C VAL B 16 -25.43 1.25 -33.01
N LEU B 17 -25.66 0.17 -32.25
CA LEU B 17 -26.66 0.17 -31.19
C LEU B 17 -26.35 1.15 -30.07
N ARG B 18 -25.13 1.68 -30.02
CA ARG B 18 -24.75 2.58 -28.93
C ARG B 18 -25.62 3.83 -28.90
N ARG B 19 -25.94 4.37 -30.07
CA ARG B 19 -26.73 5.58 -30.18
C ARG B 19 -28.19 5.22 -30.44
N ARG B 20 -29.07 5.63 -29.54
CA ARG B 20 -30.49 5.29 -29.61
C ARG B 20 -31.33 6.57 -29.64
N GLN B 21 -32.26 6.63 -30.59
CA GLN B 21 -33.24 7.71 -30.65
C GLN B 21 -34.35 7.26 -31.59
N THR B 22 -35.59 7.24 -31.11
CA THR B 22 -36.68 6.69 -31.88
C THR B 22 -37.14 7.68 -32.95
N TYR B 23 -37.14 7.25 -34.20
CA TYR B 23 -37.65 8.03 -35.32
C TYR B 23 -38.77 7.25 -35.98
N LEU B 24 -39.96 7.84 -36.04
CA LEU B 24 -41.13 7.17 -36.60
C LEU B 24 -41.54 7.89 -37.89
N CYS B 25 -41.55 7.15 -38.99
CA CYS B 25 -42.06 7.65 -40.27
C CYS B 25 -43.41 6.99 -40.52
N TYR B 26 -44.43 7.80 -40.75
CA TYR B 26 -45.79 7.32 -40.86
C TYR B 26 -46.40 7.71 -42.19
N GLU B 27 -47.31 6.86 -42.68
CA GLU B 27 -48.13 7.17 -43.83
C GLU B 27 -49.43 6.40 -43.69
N VAL B 28 -50.53 7.01 -44.12
CA VAL B 28 -51.87 6.47 -43.94
C VAL B 28 -52.45 6.14 -45.31
N GLU B 29 -53.05 4.96 -45.43
CA GLU B 29 -53.62 4.49 -46.68
C GLU B 29 -55.07 4.11 -46.46
N ARG B 30 -55.97 4.79 -47.15
CA ARG B 30 -57.40 4.48 -47.06
C ARG B 30 -57.74 3.30 -47.97
N LEU B 31 -58.63 2.44 -47.49
CA LEU B 31 -59.07 1.29 -48.27
C LEU B 31 -60.23 1.70 -49.15
N ASP B 32 -59.91 2.22 -50.33
CA ASP B 32 -60.92 2.53 -51.33
C ASP B 32 -61.13 1.32 -52.23
N ASN B 33 -62.39 0.94 -52.40
CA ASN B 33 -62.75 -0.26 -53.14
C ASN B 33 -62.08 -1.49 -52.51
N GLY B 34 -60.93 -1.88 -53.04
CA GLY B 34 -60.20 -3.01 -52.50
C GLY B 34 -58.70 -2.79 -52.43
N THR B 35 -58.25 -1.59 -52.81
CA THR B 35 -56.84 -1.26 -52.83
C THR B 35 -56.58 -0.06 -51.92
N TRP B 36 -55.53 -0.16 -51.11
CA TRP B 36 -55.14 0.96 -50.27
C TRP B 36 -54.60 2.10 -51.13
N VAL B 37 -54.96 3.33 -50.78
CA VAL B 37 -54.60 4.52 -51.54
C VAL B 37 -53.86 5.47 -50.62
N LEU B 38 -52.68 5.93 -51.06
CA LEU B 38 -51.85 6.82 -50.28
C LEU B 38 -52.03 8.26 -50.74
N MET B 39 -51.96 9.19 -49.78
CA MET B 39 -52.03 10.61 -50.05
C MET B 39 -50.81 11.32 -49.46
N ASP B 40 -50.48 12.47 -50.04
CA ASP B 40 -49.28 13.18 -49.65
C ASP B 40 -49.43 13.93 -48.34
N GLN B 41 -50.63 14.39 -48.01
CA GLN B 41 -50.79 15.30 -46.88
C GLN B 41 -50.50 14.62 -45.55
N HIS B 42 -50.91 13.36 -45.37
CA HIS B 42 -50.62 12.66 -44.13
C HIS B 42 -49.24 12.03 -44.11
N MET B 43 -48.47 12.15 -45.19
CA MET B 43 -47.09 11.68 -45.16
C MET B 43 -46.25 12.58 -44.26
N GLY B 44 -45.42 11.96 -43.43
CA GLY B 44 -44.58 12.73 -42.53
C GLY B 44 -43.76 11.81 -41.65
N PHE B 45 -43.08 12.43 -40.67
CA PHE B 45 -42.26 11.69 -39.72
C PHE B 45 -42.31 12.40 -38.38
N LEU B 46 -41.93 11.68 -37.33
CA LEU B 46 -41.86 12.20 -35.98
C LEU B 46 -40.43 12.11 -35.45
N CYS B 47 -40.27 12.58 -34.22
CA CYS B 47 -38.98 12.55 -33.52
C CYS B 47 -39.19 11.95 -32.14
N ASN B 48 -38.16 12.00 -31.31
CA ASN B 48 -38.24 11.46 -29.96
C ASN B 48 -38.86 12.48 -29.00
N HIS B 61 -41.22 9.16 -26.58
CA HIS B 61 -41.34 7.90 -27.29
C HIS B 61 -42.26 8.10 -28.49
N ALA B 62 -41.68 8.14 -29.70
CA ALA B 62 -42.42 8.53 -30.91
C ALA B 62 -43.73 7.77 -31.08
N GLU B 63 -43.81 6.56 -30.54
CA GLU B 63 -45.03 5.77 -30.66
C GLU B 63 -46.21 6.49 -30.03
N LEU B 64 -46.06 6.97 -28.80
CA LEU B 64 -47.17 7.66 -28.17
C LEU B 64 -47.45 8.97 -28.89
N ARG B 65 -46.42 9.78 -29.12
CA ARG B 65 -46.56 11.01 -29.89
C ARG B 65 -47.48 10.80 -31.10
N PHE B 66 -47.27 9.70 -31.83
CA PHE B 66 -48.19 9.39 -32.92
C PHE B 66 -49.57 8.98 -32.41
N LEU B 67 -49.62 8.29 -31.27
CA LEU B 67 -50.92 7.88 -30.74
C LEU B 67 -51.78 9.07 -30.33
N ASP B 68 -51.16 10.17 -29.93
CA ASP B 68 -51.90 11.39 -29.62
C ASP B 68 -52.06 12.30 -30.83
N LEU B 69 -51.22 12.12 -31.86
CA LEU B 69 -51.40 12.89 -33.10
C LEU B 69 -52.50 12.31 -33.97
N VAL B 70 -52.77 11.01 -33.88
CA VAL B 70 -53.74 10.38 -34.79
C VAL B 70 -55.15 10.93 -34.64
N PRO B 71 -55.68 11.22 -33.44
CA PRO B 71 -57.07 11.73 -33.40
C PRO B 71 -57.26 13.05 -34.12
N SER B 72 -56.20 13.86 -34.23
CA SER B 72 -56.26 15.14 -34.92
C SER B 72 -55.71 15.07 -36.34
N LEU B 73 -55.88 13.93 -37.01
CA LEU B 73 -55.41 13.73 -38.37
C LEU B 73 -56.56 13.56 -39.35
N GLN B 74 -57.68 14.26 -39.10
CA GLN B 74 -58.87 14.19 -39.95
C GLN B 74 -59.35 12.75 -40.13
N LEU B 75 -59.38 12.01 -39.03
CA LEU B 75 -59.82 10.62 -39.07
C LEU B 75 -61.30 10.53 -39.35
N ASP B 76 -61.68 9.59 -40.22
CA ASP B 76 -63.08 9.35 -40.57
C ASP B 76 -63.46 7.95 -40.13
N PRO B 77 -64.27 7.80 -39.08
CA PRO B 77 -64.63 6.44 -38.63
C PRO B 77 -65.39 5.64 -39.68
N ALA B 78 -66.11 6.29 -40.58
CA ALA B 78 -66.90 5.56 -41.58
C ALA B 78 -65.99 4.73 -42.50
N GLN B 79 -64.88 5.31 -42.94
CA GLN B 79 -63.94 4.63 -43.81
C GLN B 79 -62.83 4.02 -42.96
N ILE B 80 -62.49 2.76 -43.23
CA ILE B 80 -61.43 2.10 -42.48
C ILE B 80 -60.08 2.52 -43.06
N TYR B 81 -59.15 2.87 -42.18
CA TYR B 81 -57.84 3.36 -42.56
C TYR B 81 -56.76 2.37 -42.12
N ARG B 82 -55.59 2.50 -42.74
CA ARG B 82 -54.41 1.72 -42.36
C ARG B 82 -53.21 2.63 -42.32
N VAL B 83 -52.42 2.53 -41.26
CA VAL B 83 -51.23 3.35 -41.06
C VAL B 83 -50.04 2.44 -40.88
N THR B 84 -48.91 2.81 -41.50
CA THR B 84 -47.69 2.03 -41.45
C THR B 84 -46.62 2.81 -40.72
N TRP B 85 -45.98 2.18 -39.74
CA TRP B 85 -44.89 2.80 -38.98
C TRP B 85 -43.56 2.30 -39.51
N PHE B 86 -42.76 3.21 -40.04
CA PHE B 86 -41.38 2.91 -40.41
C PHE B 86 -40.45 3.38 -39.28
N ILE B 87 -40.61 2.73 -38.14
CA ILE B 87 -39.99 3.14 -36.89
C ILE B 87 -38.58 2.57 -36.81
N SER B 88 -37.67 3.35 -36.21
CA SER B 88 -36.29 2.91 -36.07
C SER B 88 -36.15 1.78 -35.05
N TRP B 89 -36.82 1.91 -33.91
CA TRP B 89 -36.78 0.91 -32.85
C TRP B 89 -38.13 0.23 -32.71
N SER B 90 -38.10 -1.06 -32.36
CA SER B 90 -39.33 -1.78 -32.09
C SER B 90 -40.01 -1.18 -30.86
N PRO B 91 -41.34 -1.16 -30.84
CA PRO B 91 -42.05 -0.59 -29.69
C PRO B 91 -41.70 -1.30 -28.39
N CYS B 92 -41.58 -0.51 -27.33
CA CYS B 92 -41.12 -0.98 -26.03
C CYS B 92 -42.31 -1.27 -25.10
N PHE B 93 -42.03 -1.96 -24.00
CA PHE B 93 -43.05 -2.47 -23.10
C PHE B 93 -43.03 -1.82 -21.72
N SER B 94 -41.88 -1.84 -21.04
CA SER B 94 -41.84 -1.37 -19.65
C SER B 94 -42.17 0.11 -19.54
N TRP B 95 -42.03 0.87 -20.62
CA TRP B 95 -42.51 2.25 -20.66
C TRP B 95 -43.96 2.33 -21.17
N GLY B 96 -44.61 1.20 -21.40
CA GLY B 96 -46.01 1.17 -21.71
C GLY B 96 -46.39 1.49 -23.14
N CYS B 97 -45.40 1.66 -24.03
CA CYS B 97 -45.71 2.03 -25.41
C CYS B 97 -46.52 0.93 -26.11
N ALA B 98 -46.12 -0.33 -25.92
CA ALA B 98 -46.88 -1.42 -26.50
C ALA B 98 -48.30 -1.48 -25.92
N GLY B 99 -48.42 -1.24 -24.62
CA GLY B 99 -49.74 -1.21 -24.00
C GLY B 99 -50.61 -0.08 -24.54
N GLU B 100 -50.03 1.10 -24.74
CA GLU B 100 -50.78 2.21 -25.30
C GLU B 100 -51.20 1.93 -26.73
N VAL B 101 -50.32 1.32 -27.52
CA VAL B 101 -50.69 0.97 -28.90
C VAL B 101 -51.81 -0.06 -28.90
N ARG B 102 -51.72 -1.06 -28.02
CA ARG B 102 -52.78 -2.07 -27.94
C ARG B 102 -54.11 -1.45 -27.53
N ALA B 103 -54.08 -0.52 -26.57
CA ALA B 103 -55.30 0.15 -26.15
C ALA B 103 -55.90 0.96 -27.28
N PHE B 104 -55.07 1.65 -28.06
CA PHE B 104 -55.57 2.42 -29.19
C PHE B 104 -56.22 1.53 -30.22
N LEU B 105 -55.60 0.39 -30.52
CA LEU B 105 -56.16 -0.55 -31.49
C LEU B 105 -57.29 -1.41 -30.90
N GLN B 106 -57.43 -1.43 -29.59
CA GLN B 106 -58.52 -2.20 -28.97
C GLN B 106 -59.86 -1.52 -29.20
N GLU B 107 -59.92 -0.19 -29.07
CA GLU B 107 -61.16 0.55 -29.25
C GLU B 107 -61.35 1.04 -30.67
N ASN B 108 -60.27 1.54 -31.30
CA ASN B 108 -60.34 2.02 -32.68
C ASN B 108 -60.14 0.81 -33.60
N THR B 109 -61.23 0.09 -33.83
CA THR B 109 -61.20 -1.14 -34.61
C THR B 109 -61.20 -0.90 -36.12
N HIS B 110 -61.33 0.35 -36.55
CA HIS B 110 -61.35 0.67 -37.97
C HIS B 110 -59.98 1.12 -38.49
N VAL B 111 -58.93 0.98 -37.70
CA VAL B 111 -57.59 1.37 -38.08
C VAL B 111 -56.67 0.16 -37.93
N ARG B 112 -55.94 -0.16 -38.99
CA ARG B 112 -54.95 -1.22 -38.97
C ARG B 112 -53.56 -0.61 -38.92
N LEU B 113 -52.68 -1.23 -38.14
CA LEU B 113 -51.32 -0.73 -37.93
C LEU B 113 -50.31 -1.70 -38.53
N ARG B 114 -49.36 -1.17 -39.29
CA ARG B 114 -48.24 -1.92 -39.82
C ARG B 114 -46.97 -1.33 -39.24
N ILE B 115 -46.15 -2.17 -38.62
CA ILE B 115 -44.92 -1.73 -37.96
C ILE B 115 -43.74 -2.32 -38.70
N PHE B 116 -42.84 -1.46 -39.17
CA PHE B 116 -41.62 -1.85 -39.86
C PHE B 116 -40.45 -1.30 -39.04
N ALA B 117 -39.86 -2.15 -38.21
CA ALA B 117 -38.81 -1.73 -37.29
C ALA B 117 -37.44 -1.99 -37.90
N ALA B 118 -36.62 -0.94 -37.98
CA ALA B 118 -35.25 -1.12 -38.44
C ALA B 118 -34.44 -1.96 -37.47
N ARG B 119 -34.72 -1.83 -36.18
CA ARG B 119 -34.02 -2.60 -35.14
C ARG B 119 -35.03 -3.05 -34.10
N ILE B 120 -34.63 -4.05 -33.33
CA ILE B 120 -35.43 -4.55 -32.21
C ILE B 120 -34.93 -3.87 -30.95
N TYR B 121 -35.78 -3.08 -30.30
CA TYR B 121 -35.41 -2.36 -29.09
C TYR B 121 -35.35 -3.36 -27.94
N ASP B 122 -34.24 -4.08 -27.88
CA ASP B 122 -34.02 -5.09 -26.85
C ASP B 122 -33.46 -4.50 -25.57
N TYR B 123 -33.28 -3.19 -25.51
CA TYR B 123 -32.89 -2.54 -24.26
C TYR B 123 -33.95 -2.79 -23.20
N ASP B 124 -35.22 -2.81 -23.60
CA ASP B 124 -36.31 -3.18 -22.71
C ASP B 124 -36.25 -4.68 -22.44
N PRO B 125 -36.21 -5.11 -21.17
CA PRO B 125 -36.19 -6.54 -20.89
C PRO B 125 -37.43 -7.30 -21.37
N LEU B 126 -38.54 -6.60 -21.61
CA LEU B 126 -39.79 -7.23 -22.02
C LEU B 126 -40.11 -6.92 -23.49
N TYR B 127 -39.07 -6.85 -24.34
CA TYR B 127 -39.31 -6.56 -25.75
C TYR B 127 -40.04 -7.71 -26.43
N LYS B 128 -39.75 -8.95 -26.03
CA LYS B 128 -40.48 -10.10 -26.56
C LYS B 128 -41.96 -10.01 -26.22
N GLU B 129 -42.27 -9.65 -24.97
CA GLU B 129 -43.67 -9.51 -24.57
C GLU B 129 -44.32 -8.36 -25.31
N ALA B 130 -43.60 -7.26 -25.51
CA ALA B 130 -44.15 -6.14 -26.26
C ALA B 130 -44.51 -6.55 -27.68
N LEU B 131 -43.60 -7.25 -28.36
CA LEU B 131 -43.88 -7.70 -29.72
C LEU B 131 -45.03 -8.69 -29.76
N GLN B 132 -45.07 -9.62 -28.79
CA GLN B 132 -46.15 -10.60 -28.74
C GLN B 132 -47.49 -9.93 -28.55
N MET B 133 -47.57 -8.94 -27.66
CA MET B 133 -48.84 -8.27 -27.40
C MET B 133 -49.23 -7.36 -28.56
N LEU B 134 -48.25 -6.79 -29.26
CA LEU B 134 -48.57 -6.06 -30.48
C LEU B 134 -49.14 -6.97 -31.55
N ARG B 135 -48.58 -8.18 -31.67
CA ARG B 135 -49.15 -9.16 -32.59
C ARG B 135 -50.57 -9.54 -32.16
N ASP B 136 -50.78 -9.73 -30.85
CA ASP B 136 -52.12 -10.01 -30.33
C ASP B 136 -53.08 -8.86 -30.56
N ALA B 137 -52.57 -7.64 -30.72
CA ALA B 137 -53.42 -6.48 -30.95
C ALA B 137 -53.94 -6.39 -32.38
N GLY B 138 -53.54 -7.32 -33.26
CA GLY B 138 -53.97 -7.29 -34.63
C GLY B 138 -53.07 -6.52 -35.58
N ALA B 139 -52.00 -5.92 -35.08
CA ALA B 139 -51.06 -5.18 -35.91
C ALA B 139 -49.85 -6.07 -36.17
N GLN B 140 -49.63 -6.42 -37.44
CA GLN B 140 -48.50 -7.28 -37.79
C GLN B 140 -47.22 -6.45 -37.78
N VAL B 141 -46.16 -7.03 -37.23
CA VAL B 141 -44.89 -6.34 -37.07
C VAL B 141 -43.82 -7.09 -37.86
N SER B 142 -43.00 -6.35 -38.59
CA SER B 142 -41.93 -6.94 -39.39
C SER B 142 -40.66 -6.11 -39.24
N ILE B 143 -39.61 -6.50 -39.96
CA ILE B 143 -38.32 -5.83 -39.93
C ILE B 143 -38.02 -5.28 -41.32
N MET B 144 -37.57 -4.03 -41.38
CA MET B 144 -37.34 -3.35 -42.65
C MET B 144 -36.27 -4.06 -43.48
N THR B 145 -36.63 -4.46 -44.69
CA THR B 145 -35.68 -4.97 -45.66
C THR B 145 -35.17 -3.80 -46.51
N TYR B 146 -34.43 -4.12 -47.58
CA TYR B 146 -33.87 -3.06 -48.41
C TYR B 146 -34.95 -2.23 -49.08
N ASP B 147 -36.02 -2.87 -49.54
CA ASP B 147 -37.08 -2.14 -50.23
C ASP B 147 -37.73 -1.12 -49.30
N GLU B 148 -37.96 -1.50 -48.04
CA GLU B 148 -38.54 -0.58 -47.09
C GLU B 148 -37.62 0.60 -46.83
N PHE B 149 -36.31 0.33 -46.72
CA PHE B 149 -35.34 1.40 -46.47
C PHE B 149 -35.29 2.37 -47.65
N GLU B 150 -35.29 1.86 -48.88
CA GLU B 150 -35.27 2.76 -50.03
C GLU B 150 -36.58 3.53 -50.17
N TYR B 151 -37.71 2.90 -49.82
CA TYR B 151 -38.98 3.63 -49.81
C TYR B 151 -38.93 4.77 -48.81
N CYS B 152 -38.38 4.52 -47.63
CA CYS B 152 -38.22 5.60 -46.64
C CYS B 152 -37.30 6.69 -47.19
N TRP B 153 -36.20 6.30 -47.83
CA TRP B 153 -35.25 7.26 -48.35
C TRP B 153 -35.88 8.19 -49.38
N ASP B 154 -36.64 7.62 -50.32
CA ASP B 154 -37.21 8.42 -51.38
C ASP B 154 -38.59 8.98 -51.06
N THR B 155 -39.13 8.69 -49.87
CA THR B 155 -40.41 9.26 -49.46
C THR B 155 -40.28 10.28 -48.34
N PHE B 156 -39.68 9.90 -47.21
CA PHE B 156 -39.67 10.74 -46.02
C PHE B 156 -38.38 11.51 -45.82
N VAL B 157 -37.43 11.41 -46.76
CA VAL B 157 -36.13 12.06 -46.62
C VAL B 157 -35.97 13.07 -47.74
N TYR B 158 -35.56 14.29 -47.36
CA TYR B 158 -35.29 15.34 -48.34
C TYR B 158 -33.98 14.93 -49.05
N ARG B 159 -34.09 14.03 -50.02
CA ARG B 159 -32.89 13.56 -50.70
C ARG B 159 -32.40 14.49 -51.80
N GLN B 160 -33.27 15.34 -52.33
CA GLN B 160 -33.00 16.33 -53.38
C GLN B 160 -32.39 15.61 -54.58
N GLY B 161 -32.86 14.40 -54.82
CA GLY B 161 -32.48 13.64 -55.99
C GLY B 161 -31.35 12.65 -55.79
N CYS B 162 -30.67 12.69 -54.65
CA CYS B 162 -29.58 11.74 -54.41
C CYS B 162 -30.16 10.34 -54.22
N PRO B 163 -29.65 9.34 -54.94
CA PRO B 163 -30.19 7.98 -54.80
C PRO B 163 -29.81 7.37 -53.45
N PHE B 164 -30.46 6.25 -53.13
CA PHE B 164 -30.26 5.60 -51.84
C PHE B 164 -28.92 4.86 -51.82
N GLN B 165 -28.11 5.13 -50.79
CA GLN B 165 -26.81 4.50 -50.65
C GLN B 165 -26.85 3.50 -49.50
N PRO B 166 -26.90 2.21 -49.76
CA PRO B 166 -26.96 1.23 -48.67
C PRO B 166 -25.68 1.21 -47.86
N TRP B 167 -25.81 0.83 -46.60
CA TRP B 167 -24.65 0.63 -45.74
C TRP B 167 -24.22 -0.83 -45.78
N ASP B 168 -23.04 -1.10 -45.23
CA ASP B 168 -22.52 -2.45 -45.20
C ASP B 168 -23.34 -3.32 -44.26
N GLY B 169 -23.63 -4.55 -44.70
CA GLY B 169 -24.33 -5.50 -43.86
C GLY B 169 -25.80 -5.23 -43.68
N LEU B 170 -26.43 -4.50 -44.60
CA LEU B 170 -27.86 -4.24 -44.49
C LEU B 170 -28.66 -5.54 -44.61
N GLU B 171 -28.38 -6.33 -45.64
CA GLU B 171 -29.15 -7.55 -45.87
C GLU B 171 -28.98 -8.54 -44.74
N GLU B 172 -27.73 -8.75 -44.29
CA GLU B 172 -27.49 -9.75 -43.26
C GLU B 172 -28.15 -9.39 -41.94
N HIS B 173 -27.99 -8.13 -41.52
CA HIS B 173 -28.60 -7.69 -40.28
C HIS B 173 -30.12 -7.69 -40.37
N SER B 174 -30.66 -7.27 -41.52
CA SER B 174 -32.11 -7.31 -41.70
C SER B 174 -32.64 -8.73 -41.62
N GLN B 175 -31.96 -9.68 -42.25
CA GLN B 175 -32.39 -11.07 -42.19
C GLN B 175 -32.30 -11.63 -40.78
N ALA B 176 -31.22 -11.30 -40.06
CA ALA B 176 -31.08 -11.77 -38.69
C ALA B 176 -32.19 -11.22 -37.80
N LEU B 177 -32.48 -9.92 -37.92
CA LEU B 177 -33.55 -9.33 -37.13
C LEU B 177 -34.91 -9.91 -37.49
N SER B 178 -35.15 -10.15 -38.79
CA SER B 178 -36.41 -10.76 -39.20
C SER B 178 -36.55 -12.17 -38.64
N GLY B 179 -35.45 -12.93 -38.63
CA GLY B 179 -35.50 -14.25 -38.04
C GLY B 179 -35.78 -14.21 -36.55
N ARG B 180 -35.14 -13.28 -35.85
CA ARG B 180 -35.42 -13.11 -34.42
C ARG B 180 -36.88 -12.76 -34.19
N LEU B 181 -37.42 -11.86 -35.01
CA LEU B 181 -38.80 -11.42 -34.82
C LEU B 181 -39.79 -12.54 -35.09
N ARG B 182 -39.58 -13.29 -36.17
CA ARG B 182 -40.49 -14.41 -36.44
C ARG B 182 -40.33 -15.54 -35.44
N ALA B 183 -39.15 -15.65 -34.80
CA ALA B 183 -39.02 -16.59 -33.69
C ALA B 183 -39.76 -16.10 -32.46
N ILE B 184 -39.78 -14.79 -32.23
CA ILE B 184 -40.48 -14.24 -31.07
C ILE B 184 -42.00 -14.40 -31.22
N LEU B 185 -42.52 -14.06 -32.39
CA LEU B 185 -43.97 -14.08 -32.60
C LEU B 185 -44.53 -15.49 -32.53
N GLN B 186 -43.82 -16.46 -33.10
CA GLN B 186 -44.33 -17.83 -33.10
C GLN B 186 -44.41 -18.42 -31.70
N ASN B 187 -43.51 -18.00 -30.81
CA ASN B 187 -43.43 -18.47 -29.42
C ASN B 187 -43.68 -19.97 -29.26
N HIS C 377 29.85 8.03 -17.65
CA HIS C 377 28.57 7.99 -16.98
C HIS C 377 27.69 9.20 -17.35
N VAL C 378 26.96 9.07 -18.45
CA VAL C 378 26.09 10.15 -18.90
C VAL C 378 24.75 10.18 -18.18
N GLU C 379 24.40 9.12 -17.45
CA GLU C 379 23.13 9.09 -16.74
C GLU C 379 23.11 10.09 -15.59
N HIS C 380 24.24 10.26 -14.90
CA HIS C 380 24.25 11.10 -13.71
C HIS C 380 24.09 12.58 -14.06
N GLU C 381 24.66 13.03 -15.17
CA GLU C 381 24.46 14.40 -15.61
C GLU C 381 23.00 14.68 -15.92
N LEU C 382 22.36 13.76 -16.66
CA LEU C 382 20.93 13.89 -16.93
C LEU C 382 20.12 13.87 -15.63
N LEU C 383 20.51 12.99 -14.70
CA LEU C 383 19.81 12.93 -13.42
C LEU C 383 19.90 14.24 -12.67
N SER C 384 21.09 14.85 -12.62
CA SER C 384 21.25 16.10 -11.89
C SER C 384 20.49 17.25 -12.57
N LYS C 385 20.56 17.32 -13.90
CA LYS C 385 19.84 18.36 -14.61
C LYS C 385 18.33 18.23 -14.39
N LEU C 386 17.81 17.00 -14.47
CA LEU C 386 16.39 16.80 -14.20
C LEU C 386 16.05 17.09 -12.75
N ILE C 387 16.98 16.81 -11.83
CA ILE C 387 16.78 17.15 -10.42
C ILE C 387 16.57 18.65 -10.27
N ASP C 388 17.44 19.43 -10.91
CA ASP C 388 17.29 20.89 -10.84
C ASP C 388 15.98 21.34 -11.48
N GLU C 389 15.67 20.82 -12.67
CA GLU C 389 14.49 21.25 -13.39
C GLU C 389 13.20 20.84 -12.68
N LEU C 390 13.25 19.81 -11.84
CA LEU C 390 12.06 19.40 -11.11
C LEU C 390 11.96 20.06 -9.74
N LYS C 391 13.08 20.31 -9.07
CA LYS C 391 13.04 20.98 -7.77
C LYS C 391 12.79 22.47 -7.91
N VAL C 392 13.09 23.06 -9.07
CA VAL C 392 12.78 24.47 -9.26
C VAL C 392 11.26 24.67 -9.29
N LYS C 393 10.52 23.71 -9.83
CA LYS C 393 9.06 23.78 -9.92
C LYS C 393 8.36 22.84 -8.95
N ALA C 394 9.08 22.36 -7.93
CA ALA C 394 8.51 21.41 -6.98
C ALA C 394 7.61 22.06 -5.95
N ASN C 395 7.61 23.39 -5.85
CA ASN C 395 6.79 24.06 -4.84
C ASN C 395 5.30 23.95 -5.17
N SER C 396 4.95 24.12 -6.44
CA SER C 396 3.55 24.10 -6.85
C SER C 396 3.15 22.80 -7.54
N ASP C 397 4.06 21.85 -7.67
CA ASP C 397 3.77 20.56 -8.33
C ASP C 397 3.97 19.42 -7.34
N PRO C 398 2.91 18.89 -6.75
CA PRO C 398 3.08 17.77 -5.81
C PRO C 398 3.60 16.50 -6.45
N GLU C 399 3.53 16.37 -7.77
CA GLU C 399 4.02 15.19 -8.47
C GLU C 399 5.50 15.31 -8.85
N ALA C 400 6.05 16.52 -8.84
CA ALA C 400 7.43 16.74 -9.25
C ALA C 400 8.42 16.59 -8.10
N ASP C 401 8.06 16.97 -6.88
CA ASP C 401 8.98 16.80 -5.76
C ASP C 401 9.17 15.33 -5.40
N VAL C 402 8.13 14.51 -5.57
CA VAL C 402 8.28 13.07 -5.38
C VAL C 402 9.22 12.51 -6.44
N LEU C 403 9.05 12.93 -7.70
CA LEU C 403 9.96 12.50 -8.75
C LEU C 403 11.37 13.01 -8.48
N ALA C 404 11.49 14.23 -7.94
CA ALA C 404 12.81 14.74 -7.58
C ALA C 404 13.45 13.90 -6.51
N GLY C 405 12.69 13.49 -5.49
CA GLY C 405 13.25 12.60 -4.48
C GLY C 405 13.68 11.27 -5.05
N ARG C 406 12.86 10.69 -5.93
CA ARG C 406 13.22 9.43 -6.56
C ARG C 406 14.50 9.56 -7.38
N LEU C 407 14.63 10.64 -8.15
CA LEU C 407 15.80 10.83 -8.98
C LEU C 407 17.04 11.13 -8.14
N LEU C 408 16.87 11.81 -7.00
CA LEU C 408 18.01 12.05 -6.12
C LEU C 408 18.48 10.75 -5.47
N HIS C 409 17.53 9.88 -5.09
CA HIS C 409 17.91 8.57 -4.57
C HIS C 409 18.60 7.74 -5.64
N ARG C 410 18.12 7.82 -6.88
CA ARG C 410 18.77 7.10 -7.98
C ARG C 410 20.17 7.63 -8.25
N LEU C 411 20.36 8.95 -8.16
CA LEU C 411 21.65 9.55 -8.43
C LEU C 411 22.71 9.07 -7.43
N LYS C 412 22.34 8.97 -6.16
CA LYS C 412 23.25 8.54 -5.12
C LYS C 412 23.24 7.03 -4.93
N ALA C 413 22.59 6.28 -5.82
CA ALA C 413 22.45 4.84 -5.62
C ALA C 413 23.80 4.13 -5.63
N GLU C 414 24.68 4.49 -6.56
CA GLU C 414 25.99 3.83 -6.62
C GLU C 414 26.98 4.40 -5.61
N SER C 415 26.69 5.55 -5.02
CA SER C 415 27.57 6.17 -4.03
C SER C 415 27.27 5.72 -2.62
N VAL C 416 26.30 4.82 -2.43
CA VAL C 416 25.94 4.33 -1.11
C VAL C 416 26.14 2.83 -1.07
N THR C 417 26.24 2.31 0.15
CA THR C 417 26.46 0.88 0.34
C THR C 417 25.24 0.09 -0.11
N HIS C 418 25.48 -1.02 -0.80
CA HIS C 418 24.41 -1.85 -1.35
C HIS C 418 24.12 -3.10 -0.54
N THR C 419 25.12 -3.62 0.17
CA THR C 419 24.97 -4.84 0.95
C THR C 419 25.45 -4.60 2.37
N VAL C 420 24.95 -5.42 3.30
CA VAL C 420 25.36 -5.31 4.69
C VAL C 420 26.85 -5.63 4.84
N ALA C 421 27.35 -6.58 4.05
CA ALA C 421 28.78 -6.86 4.06
C ALA C 421 29.58 -5.64 3.62
N GLU C 422 29.12 -4.96 2.56
CA GLU C 422 29.80 -3.74 2.12
C GLU C 422 29.69 -2.65 3.17
N TYR C 423 28.53 -2.54 3.83
CA TYR C 423 28.37 -1.54 4.88
C TYR C 423 29.34 -1.78 6.03
N LEU C 424 29.51 -3.05 6.44
CA LEU C 424 30.42 -3.37 7.52
C LEU C 424 31.88 -3.26 7.08
N GLU C 425 32.15 -3.42 5.79
CA GLU C 425 33.52 -3.23 5.30
C GLU C 425 33.90 -1.76 5.24
N VAL C 426 32.99 -0.91 4.75
CA VAL C 426 33.27 0.52 4.64
C VAL C 426 33.39 1.15 6.01
N PHE C 427 32.47 0.80 6.92
CA PHE C 427 32.45 1.35 8.28
C PHE C 427 32.99 0.34 9.29
N SER C 428 34.03 -0.41 8.92
CA SER C 428 34.59 -1.39 9.83
C SER C 428 35.13 -0.76 11.09
N ASP C 429 35.64 0.47 11.00
CA ASP C 429 36.22 1.11 12.17
C ASP C 429 35.16 1.41 13.24
N LYS C 430 33.89 1.57 12.84
CA LYS C 430 32.81 1.72 13.82
C LYS C 430 32.10 0.41 14.13
N PHE C 431 32.41 -0.68 13.43
CA PHE C 431 31.66 -1.92 13.62
C PHE C 431 32.53 -3.17 13.67
N TYR C 432 33.85 -3.04 13.82
CA TYR C 432 34.69 -4.24 13.88
C TYR C 432 34.44 -5.01 15.17
N ASP C 433 34.07 -4.33 16.25
CA ASP C 433 33.82 -4.98 17.52
C ASP C 433 32.36 -4.88 17.96
N GLU C 434 31.46 -4.48 17.07
CA GLU C 434 30.03 -4.48 17.35
C GLU C 434 29.51 -5.90 17.18
N GLU C 435 29.23 -6.57 18.30
CA GLU C 435 28.93 -8.00 18.26
C GLU C 435 27.67 -8.29 17.46
N PHE C 436 26.64 -7.46 17.61
CA PHE C 436 25.35 -7.74 17.01
C PHE C 436 25.45 -7.86 15.49
N PHE C 437 26.04 -6.87 14.84
CA PHE C 437 26.15 -6.89 13.38
C PHE C 437 27.04 -8.04 12.93
N GLN C 438 28.15 -8.27 13.63
CA GLN C 438 29.09 -9.31 13.20
C GLN C 438 28.47 -10.69 13.29
N MET C 439 27.64 -10.94 14.31
CA MET C 439 27.04 -12.26 14.44
C MET C 439 25.69 -12.38 13.75
N HIS C 440 25.13 -11.27 13.24
CA HIS C 440 23.86 -11.34 12.52
C HIS C 440 23.96 -10.76 11.12
N ARG C 441 25.16 -10.77 10.54
CA ARG C 441 25.35 -10.37 9.14
C ARG C 441 24.27 -10.91 8.21
N ASP C 442 24.08 -12.23 8.21
CA ASP C 442 23.19 -12.85 7.22
C ASP C 442 21.73 -12.46 7.43
N GLU C 443 21.26 -12.51 8.69
CA GLU C 443 19.89 -12.13 8.96
C GLU C 443 19.65 -10.65 8.68
N LEU C 444 20.62 -9.80 9.01
CA LEU C 444 20.50 -8.39 8.69
C LEU C 444 20.44 -8.17 7.18
N GLU C 445 21.25 -8.90 6.43
CA GLU C 445 21.21 -8.78 4.97
C GLU C 445 19.84 -9.20 4.43
N THR C 446 19.29 -10.30 4.95
CA THR C 446 17.98 -10.76 4.50
C THR C 446 16.91 -9.71 4.79
N ARG C 447 16.91 -9.17 6.01
CA ARG C 447 15.87 -8.21 6.39
C ARG C 447 16.03 -6.89 5.64
N VAL C 448 17.27 -6.45 5.41
CA VAL C 448 17.48 -5.21 4.68
C VAL C 448 17.09 -5.37 3.22
N SER C 449 17.40 -6.53 2.61
CA SER C 449 16.97 -6.78 1.25
C SER C 449 15.45 -6.84 1.15
N ALA C 450 14.80 -7.44 2.15
CA ALA C 450 13.34 -7.43 2.18
C ALA C 450 12.80 -6.01 2.30
N PHE C 451 13.46 -5.19 3.13
CA PHE C 451 13.01 -3.81 3.32
C PHE C 451 13.19 -3.00 2.04
N ALA C 452 14.24 -3.27 1.27
CA ALA C 452 14.48 -2.49 0.05
C ALA C 452 13.34 -2.64 -0.94
N GLN C 453 12.81 -3.85 -1.09
CA GLN C 453 11.64 -4.08 -1.92
C GLN C 453 10.33 -3.85 -1.19
N SER C 454 10.38 -3.57 0.10
CA SER C 454 9.16 -3.37 0.87
C SER C 454 8.50 -2.04 0.48
N PRO C 455 7.17 -1.95 0.61
CA PRO C 455 6.51 -0.66 0.35
C PRO C 455 6.95 0.46 1.27
N ALA C 456 7.49 0.14 2.45
CA ALA C 456 8.00 1.18 3.33
C ALA C 456 9.16 1.93 2.69
N TYR C 457 10.05 1.21 2.00
CA TYR C 457 11.15 1.85 1.31
C TYR C 457 10.65 2.74 0.17
N GLU C 458 9.62 2.28 -0.56
CA GLU C 458 9.04 3.11 -1.61
C GLU C 458 8.42 4.37 -1.03
N ARG C 459 7.76 4.26 0.12
CA ARG C 459 7.19 5.44 0.77
C ARG C 459 8.28 6.40 1.21
N ILE C 460 9.38 5.86 1.76
CA ILE C 460 10.48 6.72 2.20
C ILE C 460 11.11 7.44 1.02
N VAL C 461 11.33 6.72 -0.08
CA VAL C 461 11.92 7.33 -1.27
C VAL C 461 10.98 8.36 -1.87
N SER C 462 9.67 8.09 -1.84
CA SER C 462 8.67 8.99 -2.41
C SER C 462 8.19 10.04 -1.42
N SER C 463 9.01 10.37 -0.41
CA SER C 463 8.64 11.37 0.58
C SER C 463 8.95 12.80 0.13
N GLY C 464 9.51 12.98 -1.06
CA GLY C 464 9.80 14.29 -1.59
C GLY C 464 11.28 14.54 -1.72
N TYR C 465 11.59 15.68 -2.36
CA TYR C 465 12.98 16.05 -2.58
C TYR C 465 13.65 16.47 -1.27
N LEU C 466 12.91 17.16 -0.39
CA LEU C 466 13.50 17.62 0.86
C LEU C 466 13.91 16.45 1.74
N SER C 467 13.10 15.39 1.77
CA SER C 467 13.44 14.21 2.56
C SER C 467 14.74 13.58 2.09
N ALA C 468 14.87 13.38 0.78
CA ALA C 468 16.10 12.78 0.24
C ALA C 468 17.30 13.69 0.47
N LEU C 469 17.11 15.00 0.29
CA LEU C 469 18.21 15.93 0.51
C LEU C 469 18.68 15.90 1.95
N ARG C 470 17.73 15.88 2.90
CA ARG C 470 18.11 15.80 4.31
C ARG C 470 18.82 14.48 4.61
N TYR C 471 18.33 13.38 4.02
CA TYR C 471 18.99 12.09 4.20
C TYR C 471 20.45 12.15 3.75
N TYR C 472 20.68 12.61 2.52
CA TYR C 472 22.02 12.59 1.96
C TYR C 472 22.89 13.74 2.43
N ASP C 473 22.34 14.69 3.19
CA ASP C 473 23.13 15.77 3.75
C ASP C 473 23.49 15.56 5.22
N THR C 474 22.55 15.09 6.05
CA THR C 474 22.77 15.01 7.48
C THR C 474 22.72 13.60 8.03
N TYR C 475 21.66 12.84 7.75
CA TYR C 475 21.43 11.60 8.48
C TYR C 475 22.37 10.49 8.03
N LEU C 476 22.59 10.36 6.72
CA LEU C 476 23.41 9.25 6.20
C LEU C 476 24.88 9.52 6.48
N TYR C 477 25.50 8.65 7.27
CA TYR C 477 26.90 8.82 7.66
C TYR C 477 27.82 8.49 6.48
N VAL C 478 28.98 9.17 6.47
CA VAL C 478 29.98 9.00 5.41
C VAL C 478 31.27 8.52 6.06
N GLY C 479 31.84 7.44 5.51
CA GLY C 479 33.08 6.88 6.01
C GLY C 479 34.29 7.54 5.38
N ARG C 480 35.46 6.94 5.64
CA ARG C 480 36.70 7.46 5.07
C ARG C 480 36.70 7.33 3.55
N SER C 481 36.25 6.19 3.03
CA SER C 481 36.32 5.91 1.60
C SER C 481 35.36 6.76 0.79
N GLY C 482 34.46 7.49 1.44
CA GLY C 482 33.47 8.30 0.74
C GLY C 482 32.19 7.58 0.40
N LYS C 483 32.12 6.28 0.65
CA LYS C 483 30.89 5.52 0.39
C LYS C 483 29.91 5.80 1.53
N GLN C 484 28.88 6.59 1.23
CA GLN C 484 27.87 6.90 2.22
C GLN C 484 27.03 5.65 2.53
N GLU C 485 26.33 5.70 3.66
CA GLU C 485 25.45 4.60 4.02
C GLU C 485 24.09 4.82 3.36
N SER C 486 23.48 3.72 2.89
CA SER C 486 22.20 3.80 2.24
C SER C 486 21.09 3.98 3.27
N VAL C 487 19.89 4.31 2.77
CA VAL C 487 18.75 4.51 3.66
C VAL C 487 18.41 3.21 4.39
N GLN C 488 18.41 2.09 3.66
CA GLN C 488 18.14 0.81 4.30
C GLN C 488 19.20 0.49 5.34
N HIS C 489 20.47 0.74 5.03
CA HIS C 489 21.53 0.51 6.01
C HIS C 489 21.48 1.53 7.13
N PHE C 490 20.96 2.72 6.88
CA PHE C 490 20.80 3.72 7.93
C PHE C 490 19.77 3.25 8.97
N TYR C 491 18.61 2.80 8.49
CA TYR C 491 17.61 2.26 9.41
C TYR C 491 18.08 0.96 10.05
N MET C 492 18.88 0.17 9.33
CA MET C 492 19.53 -0.97 9.94
C MET C 492 20.42 -0.55 11.09
N ARG C 493 21.19 0.52 10.90
CA ARG C 493 22.08 0.99 11.96
C ARG C 493 21.29 1.45 13.18
N LEU C 494 20.21 2.20 12.95
CA LEU C 494 19.40 2.67 14.08
C LEU C 494 18.79 1.50 14.85
N ALA C 495 18.10 0.60 14.13
CA ALA C 495 17.47 -0.53 14.79
C ALA C 495 18.49 -1.47 15.41
N GLY C 496 19.65 -1.63 14.79
CA GLY C 496 20.69 -2.46 15.37
C GLY C 496 21.29 -1.87 16.62
N PHE C 497 21.46 -0.54 16.64
CA PHE C 497 21.91 0.10 17.88
C PHE C 497 20.91 -0.13 19.00
N CYS C 498 19.62 0.05 18.70
CA CYS C 498 18.60 -0.17 19.73
C CYS C 498 18.59 -1.62 20.19
N ALA C 499 18.64 -2.57 19.25
CA ALA C 499 18.60 -3.98 19.59
C ALA C 499 19.84 -4.41 20.37
N SER C 500 21.01 -3.89 19.97
CA SER C 500 22.24 -4.20 20.69
C SER C 500 22.19 -3.66 22.10
N THR C 501 21.67 -2.44 22.28
CA THR C 501 21.55 -1.89 23.63
C THR C 501 20.60 -2.74 24.48
N THR C 502 19.47 -3.16 23.91
CA THR C 502 18.53 -3.95 24.67
C THR C 502 19.11 -5.31 25.05
N CYS C 503 19.72 -6.00 24.09
CA CYS C 503 20.31 -7.30 24.37
C CYS C 503 21.55 -7.18 25.26
N LEU C 504 22.16 -6.01 25.29
CA LEU C 504 23.40 -5.81 26.01
C LEU C 504 23.16 -5.40 27.46
N TYR C 505 22.02 -4.76 27.73
CA TYR C 505 21.68 -4.39 29.09
C TYR C 505 20.99 -5.51 29.87
N ALA C 506 20.43 -6.51 29.17
CA ALA C 506 19.85 -7.70 29.79
C ALA C 506 18.66 -7.36 30.70
N GLY C 507 18.34 -6.08 30.81
CA GLY C 507 17.16 -5.64 31.56
C GLY C 507 16.18 -4.96 30.64
N LEU C 508 16.71 -4.28 29.61
CA LEU C 508 15.83 -3.76 28.57
C LEU C 508 15.28 -4.90 27.71
N ARG C 509 16.08 -5.95 27.50
CA ARG C 509 15.57 -7.13 26.80
C ARG C 509 14.46 -7.80 27.59
N ALA C 510 14.66 -7.96 28.90
CA ALA C 510 13.63 -8.56 29.73
C ALA C 510 12.37 -7.70 29.76
N ALA C 511 12.54 -6.38 29.86
CA ALA C 511 11.40 -5.49 29.85
C ALA C 511 10.64 -5.55 28.53
N LEU C 512 11.38 -5.61 27.42
CA LEU C 512 10.74 -5.70 26.12
C LEU C 512 10.01 -7.02 25.94
N GLN C 513 10.62 -8.12 26.39
CA GLN C 513 9.96 -9.42 26.29
C GLN C 513 8.70 -9.48 27.15
N ARG C 514 8.75 -8.88 28.34
CA ARG C 514 7.55 -8.78 29.16
C ARG C 514 6.49 -7.90 28.48
N ALA C 515 6.94 -6.83 27.83
CA ALA C 515 6.03 -5.93 27.13
C ALA C 515 5.70 -6.37 25.72
N ARG C 516 6.44 -7.33 25.16
CA ARG C 516 6.16 -7.89 23.84
C ARG C 516 6.43 -9.38 23.88
N PRO C 517 5.47 -10.18 24.37
CA PRO C 517 5.70 -11.62 24.52
C PRO C 517 5.66 -12.39 23.20
N GLU C 518 6.31 -11.85 22.18
CA GLU C 518 6.53 -12.56 20.94
C GLU C 518 7.98 -12.44 20.48
N ILE C 519 8.82 -11.75 21.24
CA ILE C 519 10.22 -11.53 20.90
C ILE C 519 11.05 -12.47 21.78
N GLU C 520 11.77 -13.39 21.14
CA GLU C 520 12.65 -14.31 21.84
C GLU C 520 14.12 -14.08 21.53
N SER C 521 14.48 -14.06 20.26
CA SER C 521 15.87 -13.85 19.86
C SER C 521 16.17 -12.37 19.73
N ASP C 522 17.46 -12.04 19.76
CA ASP C 522 17.88 -10.65 19.56
C ASP C 522 17.51 -10.16 18.16
N MET C 523 17.49 -11.06 17.18
CA MET C 523 17.09 -10.65 15.85
C MET C 523 15.63 -10.26 15.80
N GLU C 524 14.81 -10.85 16.67
CA GLU C 524 13.43 -10.39 16.79
C GLU C 524 13.35 -9.00 17.43
N VAL C 525 14.27 -8.69 18.35
CA VAL C 525 14.36 -7.33 18.86
C VAL C 525 14.69 -6.36 17.72
N PHE C 526 15.64 -6.74 16.88
CA PHE C 526 15.95 -5.93 15.71
C PHE C 526 14.74 -5.79 14.81
N ASP C 527 13.97 -6.87 14.64
CA ASP C 527 12.77 -6.80 13.82
C ASP C 527 11.77 -5.80 14.40
N TYR C 528 11.55 -5.86 15.70
CA TYR C 528 10.63 -4.92 16.36
C TYR C 528 11.05 -3.48 16.10
N TYR C 529 12.32 -3.17 16.40
CA TYR C 529 12.81 -1.80 16.21
C TYR C 529 12.78 -1.41 14.74
N PHE C 530 13.12 -2.32 13.85
CA PHE C 530 13.21 -2.02 12.43
C PHE C 530 11.84 -1.71 11.84
N GLU C 531 10.83 -2.51 12.18
CA GLU C 531 9.49 -2.22 11.70
C GLU C 531 8.96 -0.92 12.29
N HIS C 532 9.25 -0.66 13.56
CA HIS C 532 8.72 0.58 14.14
C HIS C 532 9.47 1.82 13.66
N LEU C 533 10.70 1.67 13.18
CA LEU C 533 11.45 2.83 12.70
C LEU C 533 11.28 3.05 11.21
N THR C 534 11.34 1.99 10.39
CA THR C 534 11.17 2.14 8.96
C THR C 534 9.77 2.62 8.61
N SER C 535 8.75 2.11 9.31
CA SER C 535 7.39 2.62 9.14
C SER C 535 7.23 4.04 9.64
N GLN C 536 8.23 4.57 10.35
CA GLN C 536 8.25 5.95 10.83
C GLN C 536 7.12 6.23 11.81
N THR C 537 6.69 5.20 12.55
CA THR C 537 5.81 5.43 13.69
C THR C 537 6.55 6.08 14.84
N VAL C 538 7.86 5.91 14.91
CA VAL C 538 8.71 6.58 15.89
C VAL C 538 9.70 7.44 15.13
N CYS C 539 9.67 8.73 15.40
CA CYS C 539 10.52 9.68 14.68
C CYS C 539 11.57 10.17 15.67
N CYS C 540 12.75 9.57 15.58
CA CYS C 540 13.81 9.80 16.55
C CYS C 540 14.43 11.18 16.38
N SER C 541 15.15 11.61 17.41
CA SER C 541 15.77 12.91 17.40
C SER C 541 16.94 12.96 16.42
N THR C 542 17.30 14.18 16.02
CA THR C 542 18.38 14.36 15.06
C THR C 542 19.71 13.80 15.55
N PRO C 543 20.19 14.08 16.78
CA PRO C 543 21.45 13.47 17.21
C PRO C 543 21.39 11.95 17.26
N PHE C 544 20.25 11.37 17.64
CA PHE C 544 20.11 9.92 17.63
C PHE C 544 20.20 9.37 16.21
N MET C 545 19.49 10.01 15.27
CA MET C 545 19.53 9.55 13.90
C MET C 545 20.89 9.77 13.26
N ARG C 546 21.70 10.69 13.78
CA ARG C 546 22.98 11.01 13.18
C ARG C 546 24.13 10.21 13.77
N PHE C 547 24.12 9.91 15.07
CA PHE C 547 25.28 9.33 15.74
C PHE C 547 24.88 8.14 16.61
N ALA C 548 24.05 7.24 16.10
CA ALA C 548 23.69 6.02 16.82
C ALA C 548 24.59 4.90 16.32
N GLY C 549 25.65 4.61 17.07
CA GLY C 549 26.56 3.54 16.73
C GLY C 549 27.72 3.95 15.85
N VAL C 550 27.74 5.18 15.35
CA VAL C 550 28.85 5.65 14.52
C VAL C 550 29.72 6.69 15.22
N GLU C 551 29.25 7.32 16.28
CA GLU C 551 30.06 8.25 17.04
C GLU C 551 29.73 8.15 18.52
N ASN C 552 30.70 8.51 19.35
CA ASN C 552 30.52 8.55 20.79
C ASN C 552 29.98 9.89 21.28
N SER C 553 29.31 10.64 20.40
CA SER C 553 28.75 11.92 20.80
C SER C 553 27.46 11.71 21.59
N THR C 554 27.06 12.77 22.29
CA THR C 554 25.86 12.73 23.11
C THR C 554 24.62 12.56 22.23
N LEU C 555 23.73 11.66 22.64
CA LEU C 555 22.46 11.44 21.95
C LEU C 555 21.32 12.25 22.53
N ALA C 556 21.58 13.07 23.55
CA ALA C 556 20.57 13.92 24.15
C ALA C 556 20.49 15.22 23.37
N SER C 557 19.34 15.49 22.77
CA SER C 557 19.20 16.66 21.91
C SER C 557 19.04 17.95 22.71
N CYS C 558 18.37 17.89 23.86
CA CYS C 558 18.11 19.07 24.67
C CYS C 558 18.95 19.02 25.94
N ILE C 559 19.64 20.14 26.22
CA ILE C 559 20.43 20.30 27.43
C ILE C 559 20.05 21.63 28.06
N LEU C 560 19.77 21.62 29.36
CA LEU C 560 19.46 22.83 30.09
C LEU C 560 20.27 22.87 31.38
N THR C 561 20.85 24.05 31.67
CA THR C 561 21.69 24.22 32.85
C THR C 561 21.43 25.59 33.45
N THR C 562 21.65 25.70 34.76
CA THR C 562 21.51 26.95 35.50
C THR C 562 22.74 27.12 36.37
N PRO C 563 23.86 27.55 35.79
CA PRO C 563 25.09 27.68 36.58
C PRO C 563 25.00 28.83 37.58
N ASP C 564 25.95 28.83 38.51
CA ASP C 564 26.02 29.85 39.55
C ASP C 564 26.76 31.10 39.10
N LEU C 565 26.88 31.32 37.79
CA LEU C 565 27.56 32.49 37.26
C LEU C 565 26.84 33.77 37.66
N HIS C 578 32.47 24.60 32.79
CA HIS C 578 31.20 23.92 33.03
C HIS C 578 30.27 24.04 31.82
N LEU C 579 29.73 25.25 31.63
CA LEU C 579 28.87 25.49 30.47
C LEU C 579 29.65 25.42 29.17
N GLY C 580 30.96 25.71 29.21
CA GLY C 580 31.74 25.74 27.98
C GLY C 580 31.84 24.39 27.31
N ARG C 581 31.91 23.31 28.10
CA ARG C 581 32.05 21.98 27.51
C ARG C 581 30.83 21.55 26.74
N TYR C 582 29.67 22.17 26.96
CA TYR C 582 28.46 21.85 26.22
C TYR C 582 28.23 22.77 25.04
N LEU C 583 28.79 23.98 25.05
CA LEU C 583 28.69 24.85 23.89
C LEU C 583 29.46 24.28 22.69
N PHE C 584 30.53 23.53 22.95
CA PHE C 584 31.29 22.90 21.88
C PHE C 584 30.57 21.68 21.31
N GLN C 585 29.49 21.22 21.94
CA GLN C 585 28.74 20.08 21.44
C GLN C 585 27.81 20.54 20.31
N ARG C 586 26.90 19.68 19.90
CA ARG C 586 25.95 19.96 18.83
C ARG C 586 24.52 19.76 19.31
N ALA C 587 24.23 20.23 20.52
CA ALA C 587 22.91 20.13 21.10
C ALA C 587 22.48 21.48 21.65
N GLY C 588 21.18 21.73 21.63
CA GLY C 588 20.66 22.98 22.15
C GLY C 588 20.89 23.12 23.64
N VAL C 589 21.14 24.35 24.07
CA VAL C 589 21.47 24.64 25.46
C VAL C 589 20.49 25.70 25.97
N GLY C 590 19.90 25.44 27.13
CA GLY C 590 19.06 26.42 27.80
C GLY C 590 19.67 26.87 29.11
N VAL C 591 20.04 28.14 29.19
CA VAL C 591 20.80 28.68 30.33
C VAL C 591 19.91 29.62 31.12
N GLY C 592 19.89 29.45 32.44
CA GLY C 592 19.22 30.38 33.31
C GLY C 592 20.16 31.45 33.82
N VAL C 593 19.98 32.69 33.33
CA VAL C 593 20.90 33.77 33.64
C VAL C 593 20.26 34.74 34.62
N THR C 594 19.31 34.24 35.42
CA THR C 594 18.68 35.10 36.42
C THR C 594 19.66 35.51 37.51
N GLY C 595 20.65 34.67 37.79
CA GLY C 595 21.65 34.94 38.81
C GLY C 595 22.89 35.65 38.30
N ALA C 596 22.85 36.21 37.09
CA ALA C 596 24.04 36.87 36.55
C ALA C 596 24.45 38.07 37.39
N GLY C 597 23.48 38.86 37.85
CA GLY C 597 23.76 40.01 38.68
C GLY C 597 23.98 41.28 37.88
N GLN C 598 24.13 42.37 38.62
CA GLN C 598 24.38 43.68 38.01
C GLN C 598 25.84 44.09 38.17
N VAL C 625 26.45 26.67 18.86
CA VAL C 625 25.11 26.13 18.70
C VAL C 625 24.08 27.09 19.28
N SER C 626 22.80 26.79 19.04
CA SER C 626 21.73 27.65 19.53
C SER C 626 21.64 27.58 21.05
N VAL C 627 21.55 28.74 21.69
CA VAL C 627 21.48 28.85 23.14
C VAL C 627 20.27 29.72 23.50
N ALA C 628 19.50 29.27 24.47
CA ALA C 628 18.34 30.00 24.97
C ALA C 628 18.63 30.48 26.39
N ALA C 629 18.49 31.78 26.62
CA ALA C 629 18.73 32.38 27.92
C ALA C 629 17.39 32.73 28.57
N TYR C 630 17.21 32.30 29.81
CA TYR C 630 15.98 32.51 30.55
C TYR C 630 16.24 33.42 31.74
N MET C 631 15.32 34.35 31.96
CA MET C 631 15.47 35.33 33.03
C MET C 631 14.09 35.70 33.56
N GLU C 632 13.99 35.89 34.87
CA GLU C 632 12.72 36.27 35.46
C GLU C 632 12.47 37.76 35.28
N PRO C 633 11.21 38.16 35.11
CA PRO C 633 10.91 39.58 34.84
C PRO C 633 11.33 40.52 35.94
N TRP C 634 11.43 40.07 37.19
CA TRP C 634 11.82 40.96 38.28
C TRP C 634 13.31 41.28 38.27
N HIS C 635 14.06 40.81 37.28
CA HIS C 635 15.49 41.09 37.20
C HIS C 635 15.74 42.58 37.03
N SER C 636 16.87 43.04 37.56
CA SER C 636 17.21 44.46 37.47
C SER C 636 17.43 44.88 36.02
N GLN C 637 18.08 44.03 35.23
CA GLN C 637 18.33 44.32 33.81
C GLN C 637 17.37 43.55 32.92
N ILE C 638 16.10 43.43 33.32
CA ILE C 638 15.14 42.72 32.48
C ILE C 638 14.97 43.43 31.14
N PHE C 639 14.99 44.77 31.16
CA PHE C 639 14.85 45.51 29.92
C PHE C 639 16.08 45.37 29.03
N LYS C 640 17.27 45.43 29.62
CA LYS C 640 18.49 45.22 28.85
C LYS C 640 18.55 43.81 28.29
N PHE C 641 17.95 42.84 28.99
CA PHE C 641 17.91 41.46 28.52
C PHE C 641 16.88 41.28 27.41
N LEU C 642 15.77 42.03 27.46
CA LEU C 642 14.72 41.87 26.47
C LEU C 642 15.20 42.26 25.07
N GLU C 643 15.82 43.43 24.94
CA GLU C 643 16.30 43.92 23.66
C GLU C 643 17.82 43.89 23.67
N THR C 644 18.40 43.32 22.61
CA THR C 644 19.85 43.18 22.51
C THR C 644 20.36 43.66 21.16
N GLY C 655 21.03 34.46 17.15
CA GLY C 655 22.03 33.60 17.76
C GLY C 655 21.58 33.03 19.09
N ILE C 656 21.23 33.91 20.02
CA ILE C 656 20.79 33.53 21.35
C ILE C 656 19.32 33.91 21.51
N PHE C 657 18.53 32.99 22.06
CA PHE C 657 17.12 33.24 22.27
C PHE C 657 16.88 33.88 23.65
N THR C 658 15.62 34.15 23.95
CA THR C 658 15.24 34.84 25.17
C THR C 658 14.14 34.05 25.88
N GLY C 659 14.23 33.97 27.19
CA GLY C 659 13.25 33.24 27.98
C GLY C 659 12.78 34.05 29.17
N LEU C 660 11.48 33.98 29.44
CA LEU C 660 10.86 34.69 30.56
C LEU C 660 10.04 33.71 31.37
N PHE C 661 10.54 33.32 32.54
CA PHE C 661 9.76 32.54 33.49
C PHE C 661 8.92 33.52 34.31
N VAL C 662 7.76 33.86 33.76
CA VAL C 662 6.95 34.96 34.30
C VAL C 662 6.21 34.46 35.53
N PRO C 663 6.32 35.16 36.67
CA PRO C 663 5.53 34.80 37.84
C PRO C 663 4.06 35.09 37.65
N GLU C 664 3.24 34.38 38.43
CA GLU C 664 1.80 34.58 38.39
C GLU C 664 1.39 35.98 38.83
N LEU C 665 2.18 36.61 39.70
CA LEU C 665 1.84 37.95 40.17
C LEU C 665 1.86 38.95 39.02
N PHE C 666 2.74 38.75 38.04
CA PHE C 666 2.76 39.62 36.87
C PHE C 666 1.43 39.61 36.15
N PHE C 667 0.94 38.42 35.81
CA PHE C 667 -0.32 38.32 35.08
C PHE C 667 -1.50 38.77 35.93
N LYS C 668 -1.48 38.47 37.23
CA LYS C 668 -2.54 38.97 38.10
C LYS C 668 -2.58 40.50 38.09
N LEU C 669 -1.44 41.14 38.34
CA LEU C 669 -1.43 42.59 38.45
C LEU C 669 -1.68 43.27 37.12
N PHE C 670 -1.35 42.60 36.01
CA PHE C 670 -1.68 43.18 34.71
C PHE C 670 -3.14 43.00 34.35
N ARG C 671 -3.77 41.91 34.81
CA ARG C 671 -5.16 41.66 34.46
C ARG C 671 -6.09 42.69 35.11
N ASP C 672 -6.11 42.73 36.44
CA ASP C 672 -6.83 43.78 37.15
C ASP C 672 -5.84 44.74 37.78
N THR C 673 -6.24 46.00 37.86
CA THR C 673 -5.36 47.09 38.26
C THR C 673 -4.10 47.16 37.39
N PRO C 674 -4.24 47.39 36.08
CA PRO C 674 -3.04 47.51 35.24
C PRO C 674 -2.18 48.70 35.58
N TRP C 675 -2.72 49.70 36.27
CA TRP C 675 -1.93 50.85 36.69
C TRP C 675 -0.97 50.54 37.82
N SER C 676 -1.07 49.36 38.42
CA SER C 676 -0.16 48.98 39.50
C SER C 676 1.28 48.96 39.00
N ASP C 677 2.21 49.05 39.94
CA ASP C 677 3.61 49.28 39.62
C ASP C 677 4.42 48.03 39.90
N TRP C 678 5.12 47.53 38.89
CA TRP C 678 6.01 46.39 39.04
C TRP C 678 7.33 46.85 39.64
N TYR C 679 8.02 45.90 40.29
CA TYR C 679 9.29 46.19 40.95
C TYR C 679 10.37 45.27 40.41
N LEU C 680 11.59 45.81 40.28
CA LEU C 680 12.75 45.06 39.82
C LEU C 680 13.77 44.96 40.94
N PHE C 681 14.43 43.81 41.04
CA PHE C 681 15.42 43.56 42.07
C PHE C 681 16.71 43.07 41.44
N ASP C 682 17.84 43.56 41.93
CA ASP C 682 19.06 42.98 41.39
C ASP C 682 19.36 41.65 42.07
N PRO C 683 20.05 40.74 41.38
CA PRO C 683 20.37 39.44 41.99
C PRO C 683 21.42 39.50 43.09
N LYS C 684 21.95 40.68 43.41
CA LYS C 684 22.92 40.78 44.51
C LYS C 684 22.30 40.31 45.82
N ASP C 685 21.08 40.74 46.11
CA ASP C 685 20.31 40.20 47.23
C ASP C 685 19.08 39.46 46.75
N ALA C 686 18.19 40.14 46.02
CA ALA C 686 17.03 39.56 45.35
C ALA C 686 16.10 38.80 46.28
N GLY C 687 16.34 38.86 47.60
CA GLY C 687 15.58 38.04 48.52
C GLY C 687 15.73 36.57 48.17
N ASP C 688 14.59 35.85 48.16
CA ASP C 688 14.54 34.46 47.75
C ASP C 688 13.57 34.28 46.59
N LEU C 689 13.38 35.32 45.78
CA LEU C 689 12.39 35.26 44.70
C LEU C 689 12.75 34.20 43.67
N GLU C 690 14.04 34.12 43.30
CA GLU C 690 14.45 33.11 42.32
C GLU C 690 14.27 31.71 42.87
N ARG C 691 14.47 31.51 44.17
CA ARG C 691 14.46 30.17 44.74
C ARG C 691 13.04 29.60 44.80
N LEU C 692 12.07 30.41 45.21
CA LEU C 692 10.73 29.92 45.51
C LEU C 692 9.70 30.55 44.56
N TYR C 693 8.46 30.11 44.70
CA TYR C 693 7.38 30.49 43.81
C TYR C 693 6.07 30.45 44.58
N GLY C 694 4.98 30.68 43.87
CA GLY C 694 3.66 30.43 44.43
C GLY C 694 3.09 31.57 45.24
N GLU C 695 2.25 31.22 46.22
CA GLU C 695 1.67 32.22 47.10
C GLU C 695 2.75 32.86 47.97
N GLU C 696 3.74 32.08 48.40
CA GLU C 696 4.83 32.64 49.18
C GLU C 696 5.76 33.50 48.34
N PHE C 697 5.73 33.35 47.01
CA PHE C 697 6.39 34.32 46.14
C PHE C 697 5.75 35.69 46.30
N GLU C 698 4.41 35.72 46.34
CA GLU C 698 3.71 36.98 46.57
C GLU C 698 4.06 37.57 47.93
N ARG C 699 4.14 36.71 48.96
CA ARG C 699 4.53 37.18 50.28
C ARG C 699 5.97 37.67 50.29
N GLU C 700 6.87 36.94 49.64
CA GLU C 700 8.28 37.34 49.62
C GLU C 700 8.49 38.57 48.74
N TYR C 701 7.81 38.63 47.60
CA TYR C 701 7.92 39.80 46.73
C TYR C 701 7.40 41.05 47.45
N TYR C 702 6.25 40.94 48.11
CA TYR C 702 5.69 42.09 48.79
C TYR C 702 6.47 42.44 50.06
N ARG C 703 7.03 41.43 50.74
CA ARG C 703 7.92 41.73 51.85
C ARG C 703 9.15 42.49 51.37
N LEU C 704 9.70 42.10 50.22
CA LEU C 704 10.85 42.81 49.67
C LEU C 704 10.49 44.24 49.29
N VAL C 705 9.34 44.44 48.65
CA VAL C 705 9.00 45.80 48.24
C VAL C 705 8.67 46.67 49.46
N THR C 706 8.16 46.06 50.53
CA THR C 706 7.93 46.82 51.76
C THR C 706 9.24 47.11 52.48
N ALA C 707 10.26 46.26 52.29
CA ALA C 707 11.57 46.49 52.88
C ALA C 707 12.43 47.46 52.08
N GLY C 708 11.95 47.93 50.93
CA GLY C 708 12.68 48.89 50.14
C GLY C 708 13.95 48.36 49.51
N LYS C 709 13.93 47.11 49.03
CA LYS C 709 15.08 46.52 48.36
C LYS C 709 14.93 46.51 46.85
N PHE C 710 13.93 47.21 46.31
CA PHE C 710 13.67 47.20 44.88
C PHE C 710 14.57 48.21 44.17
N CYS C 711 15.24 47.76 43.12
CA CYS C 711 16.05 48.66 42.30
C CYS C 711 15.23 49.33 41.22
N GLY C 712 14.18 48.67 40.72
CA GLY C 712 13.36 49.19 39.65
C GLY C 712 12.03 49.72 40.13
N ARG C 713 11.41 50.55 39.29
CA ARG C 713 10.15 51.20 39.59
C ARG C 713 9.24 51.21 38.37
N VAL C 714 9.42 50.24 37.47
CA VAL C 714 8.76 50.28 36.17
C VAL C 714 7.31 49.80 36.30
N SER C 715 6.41 50.50 35.61
CA SER C 715 5.00 50.11 35.60
C SER C 715 4.82 48.77 34.91
N ILE C 716 3.90 47.96 35.43
CA ILE C 716 3.71 46.62 34.88
C ILE C 716 3.10 46.67 33.49
N LYS C 717 2.28 47.69 33.21
CA LYS C 717 1.73 47.85 31.86
C LYS C 717 2.84 48.07 30.85
N SER C 718 3.82 48.91 31.19
CA SER C 718 4.95 49.17 30.30
C SER C 718 5.77 47.91 30.06
N LEU C 719 6.03 47.14 31.12
CA LEU C 719 6.81 45.92 30.96
C LEU C 719 6.07 44.89 30.11
N MET C 720 4.76 44.73 30.34
CA MET C 720 3.98 43.79 29.54
C MET C 720 3.96 44.21 28.07
N PHE C 721 3.78 45.50 27.80
CA PHE C 721 3.79 45.96 26.42
C PHE C 721 5.17 45.82 25.79
N SER C 722 6.23 46.02 26.57
CA SER C 722 7.57 45.81 26.05
C SER C 722 7.79 44.35 25.66
N ILE C 723 7.34 43.42 26.52
CA ILE C 723 7.47 42.00 26.20
C ILE C 723 6.66 41.66 24.95
N VAL C 724 5.44 42.18 24.85
CA VAL C 724 4.61 41.90 23.68
C VAL C 724 5.25 42.44 22.41
N ASN C 725 5.78 43.66 22.47
CA ASN C 725 6.42 44.26 21.30
C ASN C 725 7.66 43.48 20.90
N CYS C 726 8.49 43.11 21.87
CA CYS C 726 9.68 42.33 21.55
C CYS C 726 9.32 40.96 21.00
N ALA C 727 8.16 40.43 21.39
CA ALA C 727 7.72 39.15 20.85
C ALA C 727 7.21 39.28 19.42
N VAL C 728 6.45 40.34 19.13
CA VAL C 728 5.90 40.48 17.79
C VAL C 728 6.99 40.86 16.79
N LYS C 729 7.96 41.68 17.21
CA LYS C 729 9.07 42.01 16.32
C LYS C 729 9.90 40.77 15.99
N ALA C 730 10.15 39.93 16.99
CA ALA C 730 10.90 38.70 16.78
C ALA C 730 10.48 37.68 17.83
N GLY C 731 10.52 36.41 17.45
CA GLY C 731 10.09 35.35 18.34
C GLY C 731 11.10 35.03 19.43
N SER C 732 11.96 35.99 19.74
CA SER C 732 13.01 35.76 20.73
C SER C 732 12.47 35.47 22.13
N PRO C 733 11.57 36.25 22.71
CA PRO C 733 11.19 36.01 24.10
C PRO C 733 10.28 34.80 24.22
N PHE C 734 10.59 33.91 25.17
CA PHE C 734 9.77 32.77 25.50
C PHE C 734 9.07 33.05 26.83
N ILE C 735 7.74 32.90 26.85
CA ILE C 735 6.95 33.17 28.04
C ILE C 735 6.54 31.83 28.63
N LEU C 736 6.99 31.57 29.86
CA LEU C 736 6.64 30.35 30.58
C LEU C 736 6.13 30.73 31.96
N LEU C 737 4.96 30.20 32.32
CA LEU C 737 4.38 30.47 33.63
C LEU C 737 5.14 29.67 34.69
N LYS C 738 5.71 30.37 35.67
CA LYS C 738 6.51 29.71 36.69
C LYS C 738 5.67 28.74 37.50
N GLU C 739 4.44 29.12 37.83
CA GLU C 739 3.59 28.28 38.67
C GLU C 739 3.25 26.97 37.98
N ALA C 740 2.81 27.03 36.72
CA ALA C 740 2.45 25.80 36.02
C ALA C 740 3.67 24.92 35.81
N CYS C 741 4.83 25.52 35.54
CA CYS C 741 6.04 24.74 35.33
C CYS C 741 6.49 24.03 36.60
N ASN C 742 6.42 24.72 37.75
CA ASN C 742 7.01 24.20 38.96
C ASN C 742 6.04 23.38 39.82
N ALA C 743 4.82 23.89 40.03
CA ALA C 743 3.86 23.22 40.90
C ALA C 743 3.37 21.90 40.34
N HIS C 744 3.59 21.63 39.05
CA HIS C 744 3.18 20.37 38.43
C HIS C 744 4.36 19.44 38.18
N PHE C 745 5.54 19.76 38.69
CA PHE C 745 6.66 18.84 38.66
C PHE C 745 6.41 17.68 39.61
N TRP C 746 7.04 16.54 39.33
CA TRP C 746 6.84 15.36 40.17
C TRP C 746 7.43 15.52 41.56
N ARG C 747 8.25 16.53 41.79
CA ARG C 747 8.76 16.87 43.11
C ARG C 747 8.05 18.12 43.62
N ASP C 748 8.24 18.41 44.91
CA ASP C 748 7.59 19.57 45.50
C ASP C 748 8.10 20.86 44.87
N LEU C 749 9.42 21.04 44.83
CA LEU C 749 10.10 22.21 44.27
C LEU C 749 9.67 23.52 44.91
N GLN C 750 8.92 23.48 46.02
CA GLN C 750 8.50 24.72 46.66
C GLN C 750 9.70 25.45 47.24
N GLY C 751 10.63 24.71 47.86
CA GLY C 751 11.81 25.34 48.43
C GLY C 751 12.72 25.92 47.36
N GLU C 752 13.07 25.12 46.36
CA GLU C 752 13.91 25.58 45.26
C GLU C 752 13.16 25.38 43.96
N ALA C 753 13.13 26.41 43.12
CA ALA C 753 12.34 26.41 41.90
C ALA C 753 13.24 26.62 40.70
N MET C 754 13.02 25.82 39.65
CA MET C 754 13.72 26.00 38.39
C MET C 754 13.24 27.27 37.71
N ASN C 755 14.14 27.90 36.95
CA ASN C 755 13.82 29.12 36.21
C ASN C 755 14.34 29.09 34.78
N ALA C 756 14.74 27.93 34.29
CA ALA C 756 15.28 27.79 32.95
C ALA C 756 14.70 26.56 32.28
N ALA C 757 14.39 26.68 31.00
CA ALA C 757 13.93 25.58 30.17
C ALA C 757 14.97 25.28 29.11
N ASN C 758 14.62 24.36 28.21
CA ASN C 758 15.53 23.98 27.13
C ASN C 758 15.47 25.02 26.01
N LEU C 759 16.04 24.68 24.86
CA LEU C 759 16.07 25.62 23.74
C LEU C 759 14.67 25.92 23.24
N CYS C 760 13.78 24.92 23.23
CA CYS C 760 12.46 25.06 22.66
C CYS C 760 11.38 25.27 23.71
N ALA C 761 11.77 25.57 24.96
CA ALA C 761 10.82 25.88 26.04
C ALA C 761 9.80 24.76 26.23
N GLU C 762 10.27 23.52 26.16
CA GLU C 762 9.41 22.35 26.30
C GLU C 762 9.99 21.28 27.22
N VAL C 763 11.15 21.52 27.82
CA VAL C 763 11.74 20.61 28.80
C VAL C 763 11.86 21.37 30.11
N LEU C 764 11.36 20.77 31.19
CA LEU C 764 11.30 21.42 32.49
C LEU C 764 11.93 20.51 33.55
N GLN C 765 13.20 20.73 33.86
CA GLN C 765 13.87 20.04 34.94
C GLN C 765 14.67 21.05 35.75
N PRO C 766 14.83 20.82 37.05
CA PRO C 766 15.81 21.61 37.81
C PRO C 766 17.21 21.37 37.27
N SER C 767 18.01 22.44 37.24
CA SER C 767 19.34 22.34 36.65
C SER C 767 20.41 23.06 37.47
N ARG C 768 20.12 23.46 38.70
CA ARG C 768 21.12 24.15 39.51
C ARG C 768 22.19 23.20 39.99
N LYS C 769 21.80 22.03 40.47
CA LYS C 769 22.77 21.11 41.06
C LYS C 769 23.64 20.45 39.99
N SER C 770 23.05 20.06 38.87
CA SER C 770 23.79 19.37 37.82
C SER C 770 23.14 19.66 36.48
N VAL C 771 23.90 19.39 35.41
CA VAL C 771 23.39 19.60 34.06
C VAL C 771 22.31 18.58 33.76
N ALA C 772 21.15 19.06 33.32
CA ALA C 772 20.02 18.21 33.01
C ALA C 772 19.86 18.12 31.50
N THR C 773 19.63 16.91 31.00
CA THR C 773 19.44 16.65 29.59
C THR C 773 18.07 16.02 29.35
N CYS C 774 17.71 15.88 28.08
CA CYS C 774 16.47 15.25 27.71
C CYS C 774 16.62 14.60 26.34
N ASN C 775 16.19 13.35 26.23
CA ASN C 775 16.24 12.60 24.99
C ASN C 775 14.84 12.52 24.40
N LEU C 776 14.71 12.92 23.13
CA LEU C 776 13.41 13.11 22.50
C LEU C 776 13.18 12.09 21.40
N ALA C 777 11.93 11.67 21.26
CA ALA C 777 11.50 10.84 20.14
C ALA C 777 10.05 11.16 19.84
N ASN C 778 9.76 11.43 18.57
CA ASN C 778 8.42 11.83 18.15
C ASN C 778 7.64 10.63 17.63
N ILE C 779 6.32 10.78 17.61
CA ILE C 779 5.40 9.77 17.10
C ILE C 779 4.57 10.43 16.01
N CYS C 780 4.74 9.98 14.77
CA CYS C 780 3.95 10.52 13.68
C CYS C 780 2.54 9.94 13.77
N LEU C 781 1.62 10.76 14.26
CA LEU C 781 0.25 10.28 14.46
C LEU C 781 -0.47 9.86 13.17
N PRO C 782 -0.17 10.40 11.99
CA PRO C 782 -0.78 9.83 10.78
C PRO C 782 -0.49 8.35 10.60
N ARG C 783 0.64 7.86 11.10
CA ARG C 783 0.91 6.43 11.08
C ARG C 783 0.00 5.65 12.02
N CYS C 784 -0.73 6.34 12.91
CA CYS C 784 -1.67 5.69 13.80
C CYS C 784 -3.06 5.54 13.19
N LEU C 785 -3.28 6.06 11.99
CA LEU C 785 -4.54 5.84 11.30
C LEU C 785 -4.67 4.38 10.87
N VAL C 786 -5.91 3.87 10.88
CA VAL C 786 -6.14 2.47 10.58
C VAL C 786 -5.75 2.13 9.15
N ASN C 787 -6.08 2.99 8.20
CA ASN C 787 -5.83 2.72 6.80
C ASN C 787 -4.41 3.01 6.37
N ALA C 788 -3.61 3.66 7.21
CA ALA C 788 -2.23 3.97 6.86
C ALA C 788 -1.40 2.69 6.88
N PRO C 789 -0.75 2.33 5.77
CA PRO C 789 0.09 1.12 5.78
C PRO C 789 1.29 1.28 6.70
N LEU C 790 1.67 0.18 7.33
CA LEU C 790 2.79 0.17 8.26
C LEU C 790 3.69 -1.02 7.97
N ALA C 791 4.99 -0.83 8.17
CA ALA C 791 5.91 -1.95 8.13
C ALA C 791 5.75 -2.86 9.34
N VAL C 792 5.07 -2.39 10.38
CA VAL C 792 4.80 -3.22 11.55
C VAL C 792 3.91 -4.39 11.14
N ARG C 793 4.28 -5.59 11.59
CA ARG C 793 3.54 -6.79 11.22
C ARG C 793 2.12 -6.74 11.79
N ALA C 794 1.18 -7.32 11.04
CA ALA C 794 -0.21 -7.34 11.48
C ALA C 794 -0.38 -8.13 12.77
N GLN C 795 0.42 -9.17 12.97
CA GLN C 795 0.32 -9.97 14.18
C GLN C 795 1.11 -9.34 15.33
N ARG C 796 0.91 -8.04 15.54
CA ARG C 796 1.49 -7.33 16.67
C ARG C 796 0.50 -6.47 17.42
N ALA C 797 -0.65 -6.12 16.84
CA ALA C 797 -1.71 -5.48 17.61
C ALA C 797 -2.18 -6.41 18.72
N ASP C 798 -2.34 -7.69 18.41
CA ASP C 798 -2.57 -8.71 19.43
C ASP C 798 -1.23 -9.12 20.05
N THR C 799 -1.31 -9.99 21.05
CA THR C 799 -0.12 -10.44 21.80
C THR C 799 0.66 -9.25 22.35
N GLN C 800 -0.08 -8.21 22.75
CA GLN C 800 0.56 -7.00 23.26
C GLN C 800 1.24 -7.27 24.60
N GLY C 801 0.59 -8.05 25.46
CA GLY C 801 1.26 -8.60 26.63
C GLY C 801 1.45 -7.68 27.81
N ASP C 802 0.86 -6.49 27.80
CA ASP C 802 0.83 -5.62 28.97
C ASP C 802 -0.61 -5.56 29.46
N GLU C 803 -0.83 -5.98 30.71
CA GLU C 803 -2.18 -6.10 31.21
C GLU C 803 -2.91 -4.76 31.28
N LEU C 804 -2.18 -3.65 31.30
CA LEU C 804 -2.80 -2.34 31.37
C LEU C 804 -3.07 -1.73 30.00
N LEU C 805 -2.66 -2.39 28.92
CA LEU C 805 -2.92 -1.91 27.57
C LEU C 805 -3.84 -2.82 26.77
N LEU C 806 -4.02 -4.07 27.19
CA LEU C 806 -5.03 -4.92 26.58
C LEU C 806 -6.44 -4.41 26.88
N ALA C 807 -6.66 -3.89 28.09
CA ALA C 807 -7.99 -3.44 28.50
C ALA C 807 -8.37 -2.09 27.91
N LEU C 808 -7.43 -1.35 27.35
CA LEU C 808 -7.76 -0.03 26.80
C LEU C 808 -8.50 -0.19 25.47
N PRO C 809 -9.49 0.67 25.22
CA PRO C 809 -10.22 0.60 23.95
C PRO C 809 -9.36 1.09 22.79
N ARG C 810 -9.73 0.64 21.60
CA ARG C 810 -9.03 1.03 20.37
C ARG C 810 -10.04 1.56 19.36
N LEU C 811 -9.52 1.97 18.20
CA LEU C 811 -10.26 2.60 17.10
C LEU C 811 -10.75 4.00 17.45
N SER C 812 -10.57 4.44 18.70
CA SER C 812 -10.78 5.82 19.12
C SER C 812 -12.06 6.40 18.55
N VAL C 813 -13.20 5.87 19.00
CA VAL C 813 -14.48 6.19 18.38
C VAL C 813 -14.79 7.68 18.57
N THR C 814 -14.70 8.44 17.48
CA THR C 814 -14.91 9.88 17.52
C THR C 814 -15.66 10.40 16.30
N LEU C 815 -16.32 9.53 15.53
CA LEU C 815 -17.14 9.91 14.38
C LEU C 815 -16.40 10.78 13.39
N PRO C 816 -15.50 10.21 12.58
CA PRO C 816 -14.80 11.00 11.56
C PRO C 816 -15.78 11.59 10.54
N GLY C 817 -15.38 12.73 9.99
CA GLY C 817 -16.25 13.48 9.10
C GLY C 817 -16.44 12.81 7.75
N GLU C 818 -17.28 13.45 6.93
CA GLU C 818 -17.63 12.89 5.63
C GLU C 818 -16.42 12.83 4.69
N GLY C 819 -15.63 13.89 4.65
CA GLY C 819 -14.46 13.93 3.79
C GLY C 819 -13.21 13.43 4.49
N ALA C 820 -13.30 12.24 5.07
CA ALA C 820 -12.21 11.69 5.89
C ALA C 820 -11.48 10.61 5.10
N VAL C 821 -10.19 10.85 4.82
CA VAL C 821 -9.35 9.80 4.27
C VAL C 821 -9.08 8.73 5.33
N GLY C 822 -8.79 9.15 6.56
CA GLY C 822 -8.64 8.21 7.64
C GLY C 822 -9.97 7.62 8.06
N ASP C 823 -9.90 6.50 8.78
CA ASP C 823 -11.08 5.73 9.12
C ASP C 823 -11.08 5.31 10.59
N GLY C 824 -10.60 6.19 11.48
CA GLY C 824 -10.77 5.92 12.89
C GLY C 824 -9.65 6.28 13.83
N PHE C 825 -8.40 6.33 13.38
CA PHE C 825 -7.26 6.58 14.26
C PHE C 825 -7.18 5.51 15.35
N SER C 826 -6.77 4.31 14.94
CA SER C 826 -6.80 3.09 15.76
C SER C 826 -6.59 3.30 17.25
N LEU C 827 -5.62 4.14 17.63
CA LEU C 827 -5.31 4.52 19.01
C LEU C 827 -4.68 3.37 19.79
N ALA C 828 -4.59 2.17 19.20
CA ALA C 828 -3.84 1.06 19.79
C ALA C 828 -2.43 0.96 19.23
N ARG C 829 -2.27 1.18 17.93
CA ARG C 829 -0.93 1.30 17.36
C ARG C 829 -0.25 2.59 17.82
N LEU C 830 -1.01 3.58 18.27
CA LEU C 830 -0.41 4.72 18.95
C LEU C 830 0.29 4.29 20.23
N ARG C 831 -0.34 3.40 20.99
CA ARG C 831 0.29 2.90 22.21
C ARG C 831 1.49 2.02 21.90
N ASP C 832 1.42 1.24 20.82
CA ASP C 832 2.59 0.46 20.41
C ASP C 832 3.74 1.37 20.01
N ALA C 833 3.44 2.44 19.27
CA ALA C 833 4.47 3.41 18.90
C ALA C 833 5.04 4.08 20.13
N THR C 834 4.19 4.40 21.10
CA THR C 834 4.67 5.00 22.34
C THR C 834 5.58 4.04 23.10
N GLN C 835 5.23 2.75 23.15
CA GLN C 835 6.09 1.77 23.79
C GLN C 835 7.45 1.70 23.11
N CYS C 836 7.46 1.60 21.77
CA CYS C 836 8.73 1.49 21.07
C CYS C 836 9.55 2.77 21.23
N ALA C 837 8.90 3.93 21.21
CA ALA C 837 9.61 5.18 21.42
C ALA C 837 10.19 5.26 22.82
N THR C 838 9.44 4.76 23.82
CA THR C 838 9.96 4.73 25.18
C THR C 838 11.20 3.86 25.28
N PHE C 839 11.16 2.68 24.64
CA PHE C 839 12.32 1.80 24.66
C PHE C 839 13.50 2.41 23.91
N VAL C 840 13.23 3.08 22.78
CA VAL C 840 14.29 3.73 22.02
C VAL C 840 14.94 4.84 22.84
N VAL C 841 14.12 5.64 23.53
CA VAL C 841 14.65 6.70 24.37
C VAL C 841 15.41 6.12 25.55
N ALA C 842 14.96 4.99 26.09
CA ALA C 842 15.72 4.33 27.15
C ALA C 842 17.10 3.91 26.66
N CYS C 843 17.16 3.32 25.46
CA CYS C 843 18.45 2.96 24.88
C CYS C 843 19.33 4.18 24.67
N SER C 844 18.75 5.27 24.15
CA SER C 844 19.53 6.49 23.92
C SER C 844 20.04 7.07 25.23
N ILE C 845 19.22 7.07 26.27
CA ILE C 845 19.63 7.58 27.57
C ILE C 845 20.78 6.72 28.12
N LEU C 846 20.65 5.40 28.01
CA LEU C 846 21.63 4.53 28.63
C LEU C 846 22.95 4.53 27.87
N GLN C 847 22.93 4.71 26.55
CA GLN C 847 24.15 4.61 25.75
C GLN C 847 24.64 5.93 25.20
N GLY C 848 24.02 7.06 25.53
CA GLY C 848 24.44 8.32 24.95
C GLY C 848 24.35 9.51 25.89
N SER C 849 24.17 9.28 27.17
CA SER C 849 24.12 10.38 28.11
C SER C 849 25.53 10.96 28.32
N PRO C 850 25.64 12.28 28.46
CA PRO C 850 26.97 12.88 28.62
C PRO C 850 27.50 12.77 30.05
N THR C 851 26.60 12.66 31.02
CA THR C 851 26.96 12.55 32.42
C THR C 851 26.13 11.45 33.08
N TYR C 852 26.67 10.91 34.17
CA TYR C 852 25.96 9.85 34.89
C TYR C 852 24.71 10.37 35.57
N ASP C 853 24.73 11.62 36.04
CA ASP C 853 23.54 12.20 36.66
C ASP C 853 22.40 12.31 35.64
N SER C 854 22.71 12.76 34.43
CA SER C 854 21.70 12.79 33.38
C SER C 854 21.28 11.39 32.98
N ARG C 855 22.22 10.44 32.97
CA ARG C 855 21.90 9.06 32.63
C ARG C 855 20.93 8.46 33.66
N ASP C 856 21.17 8.72 34.95
CA ASP C 856 20.27 8.21 35.98
C ASP C 856 18.92 8.91 35.98
N MET C 857 18.90 10.20 35.62
CA MET C 857 17.63 10.93 35.62
C MET C 857 16.67 10.36 34.59
N ALA C 858 17.19 10.00 33.41
CA ALA C 858 16.41 9.36 32.35
C ALA C 858 15.18 10.21 31.97
N SER C 859 15.46 11.45 31.61
CA SER C 859 14.40 12.36 31.17
C SER C 859 14.02 12.05 29.73
N MET C 860 12.74 11.76 29.51
CA MET C 860 12.23 11.38 28.20
C MET C 860 11.21 12.40 27.72
N GLY C 861 11.40 12.91 26.52
CA GLY C 861 10.39 13.75 25.90
C GLY C 861 9.77 13.09 24.69
N LEU C 862 8.51 12.67 24.82
CA LEU C 862 7.79 12.02 23.73
C LEU C 862 6.83 13.03 23.14
N GLY C 863 7.21 13.61 22.00
CA GLY C 863 6.35 14.52 21.29
C GLY C 863 5.53 13.82 20.22
N VAL C 864 4.74 14.60 19.51
CA VAL C 864 3.93 14.10 18.41
C VAL C 864 4.18 14.98 17.19
N GLN C 865 3.89 14.42 16.02
CA GLN C 865 3.92 15.18 14.78
C GLN C 865 2.81 14.66 13.89
N GLY C 866 2.34 15.51 12.99
CA GLY C 866 1.26 15.13 12.09
C GLY C 866 -0.13 15.20 12.68
N LEU C 867 -0.30 15.85 13.83
CA LEU C 867 -1.62 15.97 14.43
C LEU C 867 -2.57 16.73 13.51
N ALA C 868 -2.08 17.80 12.87
CA ALA C 868 -2.86 18.50 11.87
C ALA C 868 -3.17 17.59 10.69
N ASP C 869 -2.20 16.75 10.29
CA ASP C 869 -2.44 15.79 9.23
C ASP C 869 -3.52 14.78 9.64
N VAL C 870 -3.53 14.38 10.92
CA VAL C 870 -4.56 13.47 11.39
C VAL C 870 -5.93 14.14 11.33
N PHE C 871 -6.01 15.39 11.78
CA PHE C 871 -7.30 16.09 11.76
C PHE C 871 -7.80 16.30 10.34
N ALA C 872 -6.90 16.64 9.42
CA ALA C 872 -7.30 16.82 8.02
C ALA C 872 -7.73 15.49 7.40
N ASP C 873 -6.97 14.42 7.66
CA ASP C 873 -7.29 13.12 7.10
C ASP C 873 -8.59 12.55 7.67
N LEU C 874 -9.02 13.02 8.83
CA LEU C 874 -10.29 12.64 9.41
C LEU C 874 -11.40 13.62 9.09
N GLY C 875 -11.13 14.58 8.20
CA GLY C 875 -12.16 15.50 7.73
C GLY C 875 -12.69 16.46 8.77
N TRP C 876 -11.82 17.03 9.60
CA TRP C 876 -12.21 18.03 10.57
C TRP C 876 -11.30 19.23 10.47
N GLN C 877 -11.79 20.36 10.97
CA GLN C 877 -10.90 21.48 11.29
C GLN C 877 -10.12 21.13 12.54
N TYR C 878 -9.05 21.91 12.78
CA TYR C 878 -8.28 21.73 14.00
C TYR C 878 -9.11 22.01 15.25
N THR C 879 -10.11 22.88 15.12
CA THR C 879 -10.91 23.34 16.25
C THR C 879 -12.13 22.47 16.51
N ASP C 880 -12.54 21.63 15.56
CA ASP C 880 -13.79 20.90 15.67
C ASP C 880 -13.81 20.03 16.94
N PRO C 881 -14.98 19.86 17.54
CA PRO C 881 -15.08 19.10 18.80
C PRO C 881 -14.52 17.69 18.67
N PRO C 882 -14.74 16.98 17.56
CA PRO C 882 -14.04 15.69 17.41
C PRO C 882 -12.54 15.83 17.43
N SER C 883 -12.00 16.92 16.86
CA SER C 883 -10.56 17.13 16.91
C SER C 883 -10.07 17.32 18.34
N ARG C 884 -10.80 18.09 19.15
CA ARG C 884 -10.42 18.30 20.53
C ARG C 884 -10.49 17.00 21.33
N SER C 885 -11.56 16.22 21.13
CA SER C 885 -11.68 14.95 21.83
C SER C 885 -10.56 14.00 21.45
N LEU C 886 -10.23 13.92 20.16
CA LEU C 886 -9.13 13.07 19.72
C LEU C 886 -7.81 13.56 20.26
N ASN C 887 -7.61 14.88 20.33
CA ASN C 887 -6.40 15.43 20.90
C ASN C 887 -6.21 14.99 22.35
N LYS C 888 -7.25 15.18 23.17
CA LYS C 888 -7.18 14.76 24.56
C LYS C 888 -6.96 13.26 24.67
N GLU C 889 -7.66 12.47 23.85
CA GLU C 889 -7.48 11.02 23.86
C GLU C 889 -6.04 10.64 23.54
N ILE C 890 -5.47 11.24 22.49
CA ILE C 890 -4.13 10.91 22.06
C ILE C 890 -3.14 11.19 23.18
N PHE C 891 -3.21 12.38 23.77
CA PHE C 891 -2.19 12.74 24.75
C PHE C 891 -2.36 11.97 26.05
N GLU C 892 -3.59 11.75 26.50
CA GLU C 892 -3.80 10.92 27.68
C GLU C 892 -3.29 9.50 27.45
N HIS C 893 -3.61 8.91 26.30
CA HIS C 893 -3.22 7.54 26.04
C HIS C 893 -1.71 7.41 25.92
N MET C 894 -1.05 8.36 25.26
CA MET C 894 0.39 8.25 25.11
C MET C 894 1.10 8.49 26.44
N TYR C 895 0.57 9.39 27.28
CA TYR C 895 1.15 9.56 28.62
C TYR C 895 0.97 8.30 29.45
N PHE C 896 -0.20 7.67 29.38
CA PHE C 896 -0.43 6.43 30.12
C PHE C 896 0.51 5.33 29.65
N THR C 897 0.69 5.20 28.33
CA THR C 897 1.58 4.18 27.79
C THR C 897 3.02 4.44 28.18
N ALA C 898 3.45 5.70 28.14
CA ALA C 898 4.80 6.05 28.56
C ALA C 898 5.01 5.71 30.04
N LEU C 899 4.03 6.02 30.89
CA LEU C 899 4.14 5.69 32.30
C LEU C 899 4.26 4.19 32.51
N CYS C 900 3.40 3.41 31.85
CA CYS C 900 3.42 1.96 32.03
C CYS C 900 4.73 1.36 31.53
N THR C 901 5.19 1.80 30.36
CA THR C 901 6.43 1.26 29.80
C THR C 901 7.63 1.65 30.66
N SER C 902 7.66 2.89 31.16
CA SER C 902 8.76 3.30 32.02
C SER C 902 8.74 2.53 33.34
N SER C 903 7.55 2.25 33.87
CA SER C 903 7.47 1.44 35.08
C SER C 903 8.00 0.03 34.83
N LEU C 904 7.64 -0.56 33.69
CA LEU C 904 8.14 -1.90 33.36
C LEU C 904 9.66 -1.88 33.19
N ILE C 905 10.19 -0.86 32.52
CA ILE C 905 11.63 -0.75 32.33
C ILE C 905 12.34 -0.59 33.66
N GLY C 906 11.80 0.24 34.55
CA GLY C 906 12.40 0.40 35.85
C GLY C 906 12.34 -0.87 36.68
N LEU C 907 11.25 -1.61 36.59
CA LEU C 907 11.14 -2.87 37.33
C LEU C 907 12.16 -3.89 36.82
N HIS C 908 12.31 -4.01 35.50
CA HIS C 908 13.15 -5.06 34.93
C HIS C 908 14.60 -4.65 34.74
N THR C 909 14.94 -3.38 35.01
CA THR C 909 16.32 -2.92 35.02
C THR C 909 16.78 -2.50 36.40
N ARG C 910 15.86 -2.29 37.33
CA ARG C 910 16.13 -1.75 38.67
C ARG C 910 16.90 -0.44 38.62
N LYS C 911 16.75 0.31 37.54
CA LYS C 911 17.31 1.66 37.42
C LYS C 911 16.14 2.63 37.56
N ILE C 912 15.79 2.95 38.80
CA ILE C 912 14.74 3.91 39.11
C ILE C 912 15.39 5.27 39.31
N PHE C 913 14.77 6.32 38.77
CA PHE C 913 15.38 7.63 38.85
C PHE C 913 15.49 8.06 40.31
N PRO C 914 16.55 8.78 40.67
CA PRO C 914 16.94 8.88 42.10
C PRO C 914 15.86 9.42 43.01
N GLY C 915 15.04 10.35 42.55
CA GLY C 915 14.09 11.00 43.44
C GLY C 915 12.70 10.39 43.43
N PHE C 916 12.56 9.15 42.96
CA PHE C 916 11.23 8.55 42.87
C PHE C 916 10.58 8.40 44.23
N LYS C 917 11.34 7.96 45.23
CA LYS C 917 10.81 7.89 46.57
C LYS C 917 10.53 9.29 47.09
N GLN C 918 9.66 9.36 48.10
CA GLN C 918 9.17 10.60 48.71
C GLN C 918 8.81 11.65 47.66
N SER C 919 8.34 11.20 46.50
CA SER C 919 7.90 12.07 45.43
C SER C 919 6.39 11.90 45.23
N LYS C 920 5.87 12.58 44.21
CA LYS C 920 4.44 12.53 43.96
C LYS C 920 4.00 11.18 43.39
N TYR C 921 4.79 10.63 42.47
CA TYR C 921 4.44 9.35 41.86
C TYR C 921 4.41 8.23 42.90
N ALA C 922 5.32 8.27 43.86
CA ALA C 922 5.40 7.21 44.86
C ALA C 922 4.17 7.16 45.76
N GLY C 923 3.42 8.24 45.86
CA GLY C 923 2.21 8.28 46.65
C GLY C 923 0.93 8.19 45.86
N GLY C 924 1.01 8.14 44.54
CA GLY C 924 -0.18 8.12 43.70
C GLY C 924 -0.45 9.49 43.11
N TRP C 925 -0.04 9.69 41.86
CA TRP C 925 -0.10 10.99 41.20
C TRP C 925 0.24 10.80 39.73
N PHE C 926 -0.45 11.53 38.87
CA PHE C 926 -0.25 11.33 37.44
C PHE C 926 -0.25 12.65 36.65
N HIS C 927 0.00 13.77 37.31
CA HIS C 927 0.17 15.07 36.66
C HIS C 927 -1.13 15.57 36.04
N TRP C 928 -2.18 14.76 36.05
CA TRP C 928 -3.51 15.24 35.73
C TRP C 928 -4.40 15.35 36.96
N HIS C 929 -3.88 14.95 38.12
CA HIS C 929 -4.60 15.18 39.37
C HIS C 929 -4.75 16.68 39.65
N ASP C 930 -3.70 17.44 39.38
CA ASP C 930 -3.67 18.88 39.69
C ASP C 930 -4.14 19.72 38.51
N TRP C 931 -5.32 19.40 37.99
CA TRP C 931 -5.97 20.20 36.97
C TRP C 931 -7.48 20.14 37.20
N ALA C 932 -8.17 21.13 36.66
CA ALA C 932 -9.61 21.27 36.85
C ALA C 932 -10.36 20.90 35.58
N GLY C 933 -11.43 20.13 35.73
CA GLY C 933 -12.26 19.76 34.60
C GLY C 933 -11.59 18.86 33.59
N THR C 934 -10.88 17.83 34.05
CA THR C 934 -10.21 16.88 33.17
C THR C 934 -11.08 15.65 33.00
N ASP C 935 -11.38 15.31 31.76
CA ASP C 935 -12.14 14.10 31.43
C ASP C 935 -11.19 13.06 30.88
N LEU C 936 -11.24 11.86 31.46
CA LEU C 936 -10.33 10.77 31.13
C LEU C 936 -11.03 9.78 30.21
N SER C 937 -10.32 9.35 29.17
CA SER C 937 -10.79 8.24 28.36
C SER C 937 -10.53 6.89 29.03
N ILE C 938 -9.79 6.87 30.13
CA ILE C 938 -9.51 5.67 30.90
C ILE C 938 -10.47 5.64 32.07
N PRO C 939 -11.01 4.48 32.45
CA PRO C 939 -12.11 4.45 33.43
C PRO C 939 -11.75 4.78 34.87
N ARG C 940 -10.54 5.29 35.12
CA ARG C 940 -10.06 5.66 36.45
C ARG C 940 -9.75 4.42 37.28
N GLU C 941 -10.13 3.24 36.80
CA GLU C 941 -9.75 2.01 37.48
C GLU C 941 -8.44 1.46 36.96
N ILE C 942 -8.13 1.73 35.69
CA ILE C 942 -6.83 1.35 35.14
C ILE C 942 -5.77 2.36 35.54
N TRP C 943 -6.16 3.62 35.76
CA TRP C 943 -5.24 4.58 36.35
C TRP C 943 -4.83 4.17 37.76
N SER C 944 -5.77 3.64 38.54
CA SER C 944 -5.45 3.16 39.87
C SER C 944 -4.48 1.98 39.81
N ARG C 945 -4.69 1.07 38.87
CA ARG C 945 -3.77 -0.05 38.71
C ARG C 945 -2.39 0.42 38.28
N LEU C 946 -2.33 1.43 37.40
CA LEU C 946 -1.05 2.00 37.01
C LEU C 946 -0.36 2.63 38.22
N SER C 947 -1.11 3.33 39.06
CA SER C 947 -0.54 3.91 40.26
C SER C 947 -0.01 2.84 41.20
N GLU C 948 -0.75 1.74 41.36
CA GLU C 948 -0.30 0.66 42.23
C GLU C 948 0.99 0.04 41.70
N ARG C 949 1.06 -0.22 40.39
CA ARG C 949 2.26 -0.83 39.85
C ARG C 949 3.44 0.13 39.87
N ILE C 950 3.20 1.44 39.69
CA ILE C 950 4.27 2.42 39.81
C ILE C 950 4.79 2.47 41.25
N VAL C 951 3.88 2.46 42.22
CA VAL C 951 4.27 2.51 43.62
C VAL C 951 5.10 1.28 43.99
N ARG C 952 4.65 0.10 43.57
CA ARG C 952 5.33 -1.12 43.98
C ARG C 952 6.52 -1.45 43.09
N ASP C 953 6.71 -0.76 41.97
CA ASP C 953 7.80 -1.04 41.06
C ASP C 953 8.74 0.14 40.86
N GLY C 954 8.19 1.33 40.61
CA GLY C 954 8.97 2.50 40.32
C GLY C 954 8.86 2.90 38.86
N LEU C 955 9.57 3.98 38.52
CA LEU C 955 9.60 4.50 37.16
C LEU C 955 11.05 4.66 36.72
N PHE C 956 11.37 4.10 35.55
CA PHE C 956 12.70 4.28 34.99
C PHE C 956 12.93 5.74 34.60
N ASN C 957 11.94 6.37 33.99
CA ASN C 957 12.04 7.76 33.55
C ASN C 957 11.40 8.68 34.57
N SER C 958 11.93 9.91 34.64
CA SER C 958 11.34 10.94 35.49
C SER C 958 10.38 11.84 34.74
N GLN C 959 10.59 12.01 33.43
CA GLN C 959 9.72 12.81 32.58
C GLN C 959 9.37 12.00 31.34
N PHE C 960 8.13 12.13 30.87
CA PHE C 960 7.61 11.26 29.83
C PHE C 960 7.20 12.00 28.57
N ILE C 961 6.32 12.99 28.67
CA ILE C 961 5.73 13.64 27.51
C ILE C 961 6.21 15.07 27.43
N ALA C 962 6.73 15.46 26.28
CA ALA C 962 7.18 16.82 26.03
C ALA C 962 7.08 17.09 24.54
N LEU C 963 6.33 18.12 24.17
CA LEU C 963 6.00 18.37 22.77
C LEU C 963 7.05 19.29 22.15
N MET C 964 7.90 18.69 21.33
CA MET C 964 8.98 19.20 20.50
C MET C 964 8.42 19.75 19.18
N PRO C 965 8.92 20.90 18.71
CA PRO C 965 8.53 21.36 17.37
C PRO C 965 8.94 20.39 16.27
N THR C 966 9.95 19.56 16.51
CA THR C 966 10.44 18.51 15.59
C THR C 966 10.38 18.96 14.13
N SER C 967 11.02 20.10 13.86
CA SER C 967 11.06 20.63 12.51
C SER C 967 11.99 19.85 11.59
N GLY C 968 12.89 19.04 12.14
CA GLY C 968 13.84 18.31 11.33
C GLY C 968 13.41 16.89 11.00
N CYS C 969 13.00 16.13 12.01
CA CYS C 969 12.60 14.75 11.74
C CYS C 969 11.28 14.68 10.99
N ALA C 970 10.49 15.76 10.99
CA ALA C 970 9.24 15.75 10.24
C ALA C 970 9.46 15.88 8.74
N GLN C 971 10.55 16.51 8.33
CA GLN C 971 10.80 16.73 6.90
C GLN C 971 10.96 15.41 6.16
N VAL C 972 11.71 14.47 6.74
CA VAL C 972 11.94 13.19 6.07
C VAL C 972 10.74 12.27 6.10
N THR C 973 9.71 12.61 6.88
CA THR C 973 8.53 11.77 6.97
C THR C 973 7.31 12.38 6.31
N GLY C 974 7.29 13.70 6.10
CA GLY C 974 6.14 14.36 5.55
C GLY C 974 5.04 14.65 6.54
N CYS C 975 5.20 14.27 7.80
CA CYS C 975 4.22 14.57 8.82
C CYS C 975 4.17 16.06 9.07
N SER C 976 3.00 16.56 9.49
CA SER C 976 2.89 17.98 9.79
C SER C 976 3.74 18.34 11.00
N ASP C 977 4.16 19.60 11.06
CA ASP C 977 5.12 20.04 12.05
C ASP C 977 4.49 19.99 13.44
N ALA C 978 4.88 19.00 14.23
CA ALA C 978 4.51 18.87 15.64
C ALA C 978 2.98 18.83 15.75
N PHE C 979 2.45 19.39 16.84
CA PHE C 979 1.01 19.45 17.08
C PHE C 979 0.38 20.72 16.53
N TYR C 980 1.15 21.60 15.89
CA TYR C 980 0.61 22.83 15.35
C TYR C 980 -0.27 22.54 14.14
N PRO C 981 -1.22 23.43 13.85
CA PRO C 981 -1.93 23.34 12.56
C PRO C 981 -0.99 23.65 11.41
N PHE C 982 -1.49 23.57 10.18
CA PHE C 982 -0.66 23.86 9.01
C PHE C 982 -0.24 25.33 9.03
N TYR C 983 1.07 25.57 8.97
CA TYR C 983 1.57 26.93 8.83
C TYR C 983 2.76 27.05 7.92
N ALA C 984 3.18 25.98 7.25
CA ALA C 984 4.33 26.03 6.36
C ALA C 984 4.00 25.40 5.00
N GLY C 1020 -0.92 27.91 -1.91
CA GLY C 1020 -2.06 27.45 -1.12
C GLY C 1020 -3.13 28.51 -0.95
N ARG C 1021 -2.83 29.50 -0.11
CA ARG C 1021 -3.72 30.63 0.23
C ARG C 1021 -5.18 30.18 0.32
N VAL C 1022 -5.42 29.24 1.24
CA VAL C 1022 -6.77 28.73 1.45
C VAL C 1022 -7.72 29.86 1.83
N SER C 1023 -7.27 30.77 2.70
CA SER C 1023 -8.09 31.93 3.04
C SER C 1023 -8.29 32.83 1.83
N CYS C 1024 -7.24 33.06 1.04
CA CYS C 1024 -7.32 33.91 -0.14
C CYS C 1024 -7.67 33.08 -1.38
N LEU C 1025 -8.78 32.36 -1.27
CA LEU C 1025 -9.25 31.47 -2.32
C LEU C 1025 -10.76 31.65 -2.44
N PRO C 1026 -11.32 31.46 -3.64
CA PRO C 1026 -12.76 31.70 -3.81
C PRO C 1026 -13.60 30.80 -2.92
N GLU C 1027 -14.78 31.31 -2.55
CA GLU C 1027 -15.65 30.61 -1.61
C GLU C 1027 -16.06 29.25 -2.13
N ALA C 1028 -16.10 29.07 -3.46
CA ALA C 1028 -16.41 27.76 -4.01
C ALA C 1028 -15.38 26.73 -3.59
N LEU C 1029 -14.09 27.05 -3.79
CA LEU C 1029 -13.01 26.19 -3.31
C LEU C 1029 -12.51 26.65 -1.94
N ARG C 1030 -13.43 26.85 -1.00
CA ARG C 1030 -13.04 27.23 0.34
C ARG C 1030 -13.67 26.35 1.41
N GLN C 1031 -14.91 25.92 1.23
CA GLN C 1031 -15.53 25.01 2.17
C GLN C 1031 -15.00 23.59 2.02
N ARG C 1032 -14.73 23.18 0.77
CA ARG C 1032 -14.19 21.84 0.54
C ARG C 1032 -12.75 21.72 1.03
N TYR C 1033 -12.01 22.84 1.05
CA TYR C 1033 -10.65 22.87 1.58
C TYR C 1033 -10.55 23.63 2.89
N LEU C 1034 -11.67 23.73 3.62
CA LEU C 1034 -11.67 24.46 4.88
C LEU C 1034 -10.77 23.78 5.93
N ARG C 1035 -10.64 22.46 5.85
CA ARG C 1035 -9.77 21.75 6.79
C ARG C 1035 -8.30 22.03 6.55
N PHE C 1036 -7.94 22.65 5.43
CA PHE C 1036 -6.58 23.09 5.17
C PHE C 1036 -6.32 24.51 5.62
N GLN C 1037 -7.15 25.04 6.51
CA GLN C 1037 -6.94 26.38 7.05
C GLN C 1037 -5.60 26.45 7.77
N THR C 1038 -4.89 27.56 7.57
CA THR C 1038 -3.62 27.75 8.24
C THR C 1038 -3.86 28.01 9.73
N ALA C 1039 -2.77 27.89 10.50
CA ALA C 1039 -2.87 28.12 11.94
C ALA C 1039 -3.30 29.54 12.26
N PHE C 1040 -2.96 30.50 11.39
CA PHE C 1040 -3.40 31.87 11.60
C PHE C 1040 -4.90 32.02 11.39
N ASP C 1041 -5.49 31.21 10.51
CA ASP C 1041 -6.92 31.30 10.27
C ASP C 1041 -7.73 30.89 11.50
N TYR C 1042 -7.28 29.86 12.21
CA TYR C 1042 -7.97 29.41 13.40
C TYR C 1042 -7.90 30.47 14.50
N ASN C 1043 -8.96 30.55 15.29
CA ASN C 1043 -8.98 31.45 16.43
C ASN C 1043 -7.93 31.01 17.44
N GLN C 1044 -7.09 31.95 17.87
CA GLN C 1044 -6.01 31.61 18.80
C GLN C 1044 -6.55 31.19 20.16
N GLU C 1045 -7.73 31.67 20.54
CA GLU C 1045 -8.36 31.22 21.76
C GLU C 1045 -8.62 29.72 21.72
N ASP C 1046 -9.08 29.22 20.57
CA ASP C 1046 -9.33 27.78 20.43
C ASP C 1046 -8.04 26.99 20.54
N LEU C 1047 -6.97 27.48 19.94
CA LEU C 1047 -5.68 26.79 20.04
C LEU C 1047 -5.18 26.76 21.48
N ILE C 1048 -5.31 27.87 22.19
CA ILE C 1048 -4.90 27.91 23.58
C ILE C 1048 -5.75 26.96 24.43
N GLN C 1049 -7.05 26.91 24.14
CA GLN C 1049 -7.92 26.00 24.89
C GLN C 1049 -7.56 24.54 24.62
N MET C 1050 -7.24 24.20 23.38
CA MET C 1050 -6.81 22.84 23.08
C MET C 1050 -5.48 22.51 23.75
N SER C 1051 -4.57 23.49 23.77
CA SER C 1051 -3.30 23.30 24.48
C SER C 1051 -3.55 23.03 25.97
N ARG C 1052 -4.46 23.77 26.57
CA ARG C 1052 -4.79 23.52 27.98
C ARG C 1052 -5.47 22.18 28.15
N ASP C 1053 -6.29 21.76 27.18
CA ASP C 1053 -6.94 20.46 27.26
C ASP C 1053 -5.93 19.33 27.26
N ARG C 1054 -4.88 19.44 26.43
CA ARG C 1054 -3.84 18.43 26.40
C ARG C 1054 -2.80 18.61 27.49
N ALA C 1055 -2.77 19.77 28.16
CA ALA C 1055 -1.76 20.02 29.19
C ALA C 1055 -1.75 19.02 30.35
N PRO C 1056 -2.89 18.59 30.92
CA PRO C 1056 -2.80 17.69 32.08
C PRO C 1056 -2.06 16.39 31.80
N PHE C 1057 -2.03 15.94 30.55
CA PHE C 1057 -1.37 14.70 30.18
C PHE C 1057 0.01 14.92 29.57
N VAL C 1058 0.54 16.13 29.65
CA VAL C 1058 1.90 16.43 29.25
C VAL C 1058 2.65 16.83 30.52
N ASP C 1059 3.42 15.89 31.08
CA ASP C 1059 4.08 16.16 32.35
C ASP C 1059 5.10 17.28 32.23
N GLN C 1060 5.86 17.31 31.14
CA GLN C 1060 6.74 18.43 30.86
C GLN C 1060 5.93 19.53 30.17
N SER C 1061 6.63 20.52 29.61
CA SER C 1061 5.97 21.59 28.89
C SER C 1061 5.77 21.21 27.43
N GLN C 1062 5.12 22.10 26.69
CA GLN C 1062 4.89 21.92 25.27
C GLN C 1062 5.20 23.22 24.55
N SER C 1063 5.85 23.12 23.40
CA SER C 1063 6.28 24.33 22.69
C SER C 1063 5.09 25.02 22.04
N HIS C 1064 4.23 25.61 22.87
CA HIS C 1064 3.01 26.25 22.40
C HIS C 1064 3.37 27.58 21.74
N SER C 1065 3.09 27.70 20.45
CA SER C 1065 3.37 28.91 19.69
C SER C 1065 2.06 29.55 19.26
N LEU C 1066 2.02 30.88 19.33
CA LEU C 1066 0.84 31.64 18.91
C LEU C 1066 1.03 32.14 17.49
N PHE C 1067 -0.03 32.05 16.69
CA PHE C 1067 -0.01 32.42 15.29
C PHE C 1067 -0.91 33.64 15.10
N LEU C 1068 -0.30 34.78 14.80
CA LEU C 1068 -1.03 36.03 14.66
C LEU C 1068 -0.73 36.65 13.30
N ARG C 1069 -1.72 37.34 12.75
CA ARG C 1069 -1.58 38.06 11.50
C ARG C 1069 -1.14 39.50 11.76
N GLU C 1070 -0.72 40.18 10.68
CA GLU C 1070 -0.28 41.55 10.81
C GLU C 1070 -1.47 42.50 10.80
N GLU C 1071 -2.50 42.21 11.60
CA GLU C 1071 -3.64 43.09 11.76
C GLU C 1071 -3.96 43.25 13.24
N ASP C 1072 -3.62 42.22 14.03
CA ASP C 1072 -3.80 42.25 15.47
C ASP C 1072 -2.51 42.16 16.26
N ALA C 1073 -1.44 41.62 15.67
CA ALA C 1073 -0.15 41.63 16.34
C ALA C 1073 0.37 43.05 16.54
N ALA C 1074 0.17 43.91 15.53
CA ALA C 1074 0.59 45.30 15.64
C ALA C 1074 -0.22 46.05 16.69
N ARG C 1075 -1.41 45.57 17.04
CA ARG C 1075 -2.20 46.23 18.08
C ARG C 1075 -1.54 46.12 19.45
N ALA C 1076 -0.82 45.03 19.69
CA ALA C 1076 -0.08 44.81 20.95
C ALA C 1076 -1.01 44.79 22.15
N SER C 1077 -2.28 44.43 21.94
CA SER C 1077 -3.22 44.27 23.04
C SER C 1077 -3.92 42.93 22.93
N THR C 1078 -4.04 42.41 21.71
CA THR C 1078 -4.59 41.07 21.53
C THR C 1078 -3.63 40.01 22.06
N LEU C 1079 -2.33 40.18 21.79
CA LEU C 1079 -1.35 39.24 22.31
C LEU C 1079 -1.31 39.28 23.84
N ALA C 1080 -1.44 40.47 24.42
CA ALA C 1080 -1.46 40.58 25.87
C ALA C 1080 -2.65 39.84 26.46
N ASN C 1081 -3.83 39.99 25.85
CA ASN C 1081 -5.00 39.26 26.33
C ASN C 1081 -4.83 37.77 26.16
N LEU C 1082 -4.22 37.34 25.05
CA LEU C 1082 -3.95 35.93 24.85
C LEU C 1082 -3.04 35.38 25.94
N LEU C 1083 -1.98 36.12 26.28
CA LEU C 1083 -1.08 35.67 27.33
C LEU C 1083 -1.78 35.62 28.68
N VAL C 1084 -2.60 36.63 28.98
CA VAL C 1084 -3.30 36.66 30.27
C VAL C 1084 -4.27 35.48 30.37
N ARG C 1085 -5.00 35.20 29.31
CA ARG C 1085 -5.95 34.10 29.37
C ARG C 1085 -5.28 32.73 29.28
N SER C 1086 -4.08 32.67 28.70
CA SER C 1086 -3.27 31.46 28.84
C SER C 1086 -2.84 31.26 30.28
N TYR C 1087 -2.51 32.35 30.97
CA TYR C 1087 -2.30 32.29 32.42
C TYR C 1087 -3.54 31.75 33.12
N GLU C 1088 -4.72 32.29 32.78
CA GLU C 1088 -5.94 31.89 33.46
C GLU C 1088 -6.22 30.40 33.30
N LEU C 1089 -5.73 29.79 32.23
CA LEU C 1089 -5.89 28.36 32.01
C LEU C 1089 -4.76 27.54 32.59
N GLY C 1090 -3.72 28.17 33.12
CA GLY C 1090 -2.65 27.44 33.78
C GLY C 1090 -1.67 26.74 32.87
N LEU C 1091 -1.48 27.24 31.65
CA LEU C 1091 -0.51 26.64 30.74
C LEU C 1091 0.91 26.84 31.26
N LYS C 1092 1.79 25.90 30.92
CA LYS C 1092 3.19 26.02 31.31
C LYS C 1092 3.94 26.95 30.37
N THR C 1093 4.03 26.58 29.09
CA THR C 1093 4.63 27.46 28.08
C THR C 1093 3.51 28.30 27.47
N ILE C 1094 3.40 29.54 27.95
CA ILE C 1094 2.34 30.42 27.48
C ILE C 1094 2.57 30.80 26.02
N MET C 1095 3.82 31.02 25.63
CA MET C 1095 4.14 31.43 24.27
C MET C 1095 5.56 31.01 23.95
N TYR C 1096 5.74 30.20 22.90
CA TYR C 1096 7.07 29.82 22.46
C TYR C 1096 7.54 30.74 21.34
N TYR C 1097 6.82 30.76 20.22
CA TYR C 1097 7.06 31.68 19.11
C TYR C 1097 5.78 32.45 18.82
N CYS C 1098 5.92 33.76 18.62
CA CYS C 1098 4.81 34.58 18.17
C CYS C 1098 4.92 34.69 16.65
N ARG C 1099 4.42 33.65 15.98
CA ARG C 1099 4.49 33.60 14.52
C ARG C 1099 3.63 34.70 13.92
N ILE C 1100 4.22 35.44 12.98
CA ILE C 1100 3.54 36.54 12.31
C ILE C 1100 3.59 36.30 10.80
N GLU C 1101 2.45 36.44 10.15
CA GLU C 1101 2.39 36.29 8.70
C GLU C 1101 2.11 37.63 8.03
N MET D 1 51.17 -4.36 29.63
CA MET D 1 50.10 -3.93 28.74
C MET D 1 50.57 -2.83 27.80
N ASP D 2 50.23 -2.98 26.53
CA ASP D 2 50.53 -1.95 25.54
C ASP D 2 49.60 -0.76 25.74
N PRO D 3 50.00 0.43 25.30
CA PRO D 3 49.10 1.60 25.39
C PRO D 3 48.00 1.53 24.34
N ASP D 4 47.19 2.59 24.25
CA ASP D 4 46.11 2.74 23.29
C ASP D 4 44.97 1.77 23.59
N THR D 5 45.12 0.89 24.57
CA THR D 5 44.03 0.07 25.08
C THR D 5 43.73 0.31 26.55
N PHE D 6 44.73 0.69 27.34
CA PHE D 6 44.48 1.12 28.71
C PHE D 6 43.60 2.36 28.72
N THR D 7 43.91 3.33 27.85
CA THR D 7 43.08 4.53 27.75
C THR D 7 41.69 4.20 27.25
N PHE D 8 41.59 3.27 26.29
CA PHE D 8 40.30 2.95 25.70
C PHE D 8 39.39 2.24 26.69
N ASN D 9 39.88 1.20 27.36
CA ASN D 9 39.06 0.40 28.24
C ASN D 9 39.10 0.83 29.69
N PHE D 10 39.84 1.90 30.02
CA PHE D 10 39.82 2.47 31.35
C PHE D 10 39.23 3.86 31.39
N ASN D 11 38.79 4.40 30.26
CA ASN D 11 38.07 5.67 30.26
C ASN D 11 36.71 5.49 30.91
N ASN D 12 36.35 6.44 31.79
CA ASN D 12 35.11 6.38 32.53
C ASN D 12 34.02 7.28 31.95
N ASP D 13 34.21 7.75 30.73
CA ASP D 13 33.21 8.60 30.09
C ASP D 13 31.97 7.77 29.79
N PRO D 14 30.77 8.21 30.22
CA PRO D 14 29.56 7.45 29.89
C PRO D 14 29.32 7.29 28.41
N LEU D 15 29.83 8.22 27.58
CA LEU D 15 29.72 8.08 26.14
C LEU D 15 30.61 6.98 25.57
N VAL D 16 31.51 6.43 26.39
CA VAL D 16 32.40 5.35 25.97
C VAL D 16 31.91 4.00 26.47
N LEU D 17 30.78 3.97 27.17
CA LEU D 17 30.19 2.73 27.67
C LEU D 17 29.78 1.78 26.55
N ARG D 18 29.95 2.19 25.29
CA ARG D 18 29.51 1.37 24.17
C ARG D 18 30.25 0.03 24.11
N ARG D 19 31.55 0.03 24.37
CA ARG D 19 32.38 -1.15 24.21
C ARG D 19 32.78 -1.68 25.58
N ARG D 20 32.61 -2.99 25.78
CA ARG D 20 32.87 -3.64 27.07
C ARG D 20 33.99 -4.65 26.88
N GLN D 21 34.97 -4.61 27.78
CA GLN D 21 35.93 -5.71 27.91
C GLN D 21 36.66 -5.55 29.23
N THR D 22 36.50 -6.53 30.12
CA THR D 22 37.11 -6.43 31.44
C THR D 22 38.62 -6.60 31.37
N TYR D 23 39.35 -5.69 32.03
CA TYR D 23 40.80 -5.80 32.19
C TYR D 23 41.12 -5.65 33.67
N LEU D 24 41.57 -6.74 34.29
CA LEU D 24 41.87 -6.76 35.72
C LEU D 24 43.38 -6.64 35.90
N CYS D 25 43.83 -5.46 36.30
CA CYS D 25 45.22 -5.27 36.70
C CYS D 25 45.37 -5.63 38.17
N TYR D 26 46.29 -6.54 38.46
CA TYR D 26 46.41 -7.10 39.80
C TYR D 26 47.82 -6.94 40.33
N GLU D 27 47.92 -6.81 41.65
CA GLU D 27 49.20 -6.79 42.34
C GLU D 27 48.96 -7.27 43.76
N VAL D 28 49.96 -7.95 44.32
CA VAL D 28 49.84 -8.58 45.64
C VAL D 28 50.79 -7.85 46.59
N GLU D 29 50.30 -7.60 47.81
CA GLU D 29 51.08 -6.93 48.83
C GLU D 29 51.09 -7.77 50.09
N ARG D 30 52.27 -8.02 50.64
CA ARG D 30 52.44 -8.82 51.83
C ARG D 30 52.53 -7.93 53.06
N LEU D 31 51.86 -8.33 54.14
CA LEU D 31 51.86 -7.55 55.38
C LEU D 31 53.09 -7.93 56.18
N ASP D 32 54.22 -7.34 55.82
CA ASP D 32 55.46 -7.49 56.58
C ASP D 32 55.48 -6.43 57.68
N ASN D 33 55.70 -6.86 58.92
CA ASN D 33 55.65 -5.98 60.08
C ASN D 33 54.28 -5.32 60.16
N GLY D 34 54.17 -4.10 59.63
CA GLY D 34 52.91 -3.40 59.63
C GLY D 34 52.65 -2.63 58.33
N THR D 35 53.53 -2.80 57.36
CA THR D 35 53.45 -2.10 56.09
C THR D 35 53.36 -3.11 54.95
N TRP D 36 52.44 -2.88 54.03
CA TRP D 36 52.33 -3.73 52.85
C TRP D 36 53.54 -3.55 51.95
N VAL D 37 54.03 -4.66 51.40
CA VAL D 37 55.24 -4.67 50.59
C VAL D 37 54.90 -5.23 49.22
N LEU D 38 55.30 -4.52 48.17
CA LEU D 38 55.03 -4.92 46.80
C LEU D 38 56.25 -5.61 46.20
N MET D 39 55.99 -6.60 45.35
CA MET D 39 57.03 -7.31 44.62
C MET D 39 56.73 -7.27 43.13
N ASP D 40 57.79 -7.30 42.33
CA ASP D 40 57.65 -7.14 40.89
C ASP D 40 57.17 -8.41 40.19
N GLN D 41 57.37 -9.58 40.79
CA GLN D 41 57.03 -10.82 40.10
C GLN D 41 55.54 -11.03 40.00
N HIS D 42 54.79 -10.65 41.03
CA HIS D 42 53.34 -10.85 41.03
C HIS D 42 52.58 -9.72 40.34
N MET D 43 53.26 -8.69 39.88
CA MET D 43 52.60 -7.65 39.10
C MET D 43 52.20 -8.21 37.74
N GLY D 44 51.00 -7.85 37.29
CA GLY D 44 50.52 -8.32 36.01
C GLY D 44 49.12 -7.80 35.73
N PHE D 45 48.56 -8.28 34.63
CA PHE D 45 47.22 -7.89 34.21
C PHE D 45 46.58 -9.05 33.47
N LEU D 46 45.26 -8.99 33.36
CA LEU D 46 44.47 -10.01 32.68
C LEU D 46 43.52 -9.34 31.68
N CYS D 47 42.99 -10.16 30.79
CA CYS D 47 42.03 -9.69 29.80
C CYS D 47 40.75 -10.51 29.86
N ASN D 48 39.83 -10.29 28.93
CA ASN D 48 38.57 -11.01 28.92
C ASN D 48 38.58 -12.14 27.89
N HIS D 61 35.22 -13.69 32.10
CA HIS D 61 35.12 -12.65 33.10
C HIS D 61 36.40 -12.63 33.92
N ALA D 62 37.27 -11.65 33.66
CA ALA D 62 38.59 -11.57 34.27
C ALA D 62 38.59 -11.89 35.77
N GLU D 63 37.49 -11.60 36.47
CA GLU D 63 37.46 -11.83 37.92
C GLU D 63 37.74 -13.29 38.24
N LEU D 64 37.01 -14.20 37.58
CA LEU D 64 37.24 -15.62 37.79
C LEU D 64 38.64 -16.01 37.33
N ARG D 65 39.03 -15.62 36.10
CA ARG D 65 40.39 -15.88 35.65
C ARG D 65 41.40 -15.61 36.76
N PHE D 66 41.26 -14.48 37.45
CA PHE D 66 42.14 -14.22 38.58
C PHE D 66 41.87 -15.17 39.75
N LEU D 67 40.60 -15.53 39.96
CA LEU D 67 40.30 -16.47 41.05
C LEU D 67 40.90 -17.84 40.78
N ASP D 68 41.03 -18.23 39.51
CA ASP D 68 41.67 -19.48 39.14
C ASP D 68 43.20 -19.36 39.19
N LEU D 69 43.74 -18.18 38.89
CA LEU D 69 45.19 -18.02 38.93
C LEU D 69 45.73 -17.86 40.34
N VAL D 70 44.92 -17.40 41.29
CA VAL D 70 45.45 -17.10 42.63
C VAL D 70 45.88 -18.37 43.38
N PRO D 71 45.30 -19.56 43.18
CA PRO D 71 45.91 -20.75 43.81
C PRO D 71 47.32 -21.02 43.35
N SER D 72 47.66 -20.72 42.09
CA SER D 72 48.97 -20.97 41.53
C SER D 72 49.86 -19.73 41.54
N LEU D 73 49.69 -18.87 42.53
CA LEU D 73 50.47 -17.63 42.63
C LEU D 73 51.44 -17.67 43.81
N GLN D 74 51.89 -18.88 44.18
CA GLN D 74 52.80 -19.06 45.31
C GLN D 74 52.22 -18.47 46.60
N LEU D 75 50.94 -18.72 46.83
CA LEU D 75 50.28 -18.23 48.03
C LEU D 75 50.82 -18.93 49.26
N ASP D 76 51.01 -18.16 50.34
CA ASP D 76 51.45 -18.69 51.62
C ASP D 76 50.39 -18.45 52.67
N PRO D 77 49.71 -19.49 53.17
CA PRO D 77 48.68 -19.26 54.20
C PRO D 77 49.20 -18.62 55.47
N ALA D 78 50.46 -18.89 55.85
CA ALA D 78 50.99 -18.35 57.10
C ALA D 78 51.04 -16.83 57.07
N GLN D 79 51.49 -16.25 55.95
CA GLN D 79 51.60 -14.80 55.81
C GLN D 79 50.37 -14.28 55.10
N ILE D 80 49.63 -13.39 55.76
CA ILE D 80 48.41 -12.84 55.17
C ILE D 80 48.78 -11.83 54.09
N TYR D 81 48.10 -11.94 52.95
CA TYR D 81 48.38 -11.09 51.79
C TYR D 81 47.19 -10.19 51.50
N ARG D 82 47.43 -9.17 50.69
CA ARG D 82 46.38 -8.29 50.20
C ARG D 82 46.60 -8.06 48.71
N VAL D 83 45.53 -8.19 47.93
CA VAL D 83 45.59 -8.03 46.48
C VAL D 83 44.63 -6.92 46.08
N THR D 84 45.07 -6.08 45.15
CA THR D 84 44.29 -4.95 44.67
C THR D 84 43.92 -5.16 43.22
N TRP D 85 42.63 -5.00 42.91
CA TRP D 85 42.13 -5.14 41.55
C TRP D 85 41.94 -3.76 40.94
N PHE D 86 42.70 -3.48 39.88
CA PHE D 86 42.47 -2.29 39.07
C PHE D 86 41.64 -2.66 37.85
N ILE D 87 40.41 -3.08 38.14
CA ILE D 87 39.52 -3.66 37.14
C ILE D 87 38.77 -2.54 36.41
N SER D 88 38.55 -2.73 35.11
CA SER D 88 37.88 -1.72 34.32
C SER D 88 36.40 -1.62 34.68
N TRP D 89 35.73 -2.76 34.84
CA TRP D 89 34.32 -2.80 35.17
C TRP D 89 34.13 -3.34 36.58
N SER D 90 33.11 -2.85 37.26
CA SER D 90 32.77 -3.36 38.58
C SER D 90 32.34 -4.83 38.46
N PRO D 91 32.66 -5.65 39.45
CA PRO D 91 32.24 -7.06 39.40
C PRO D 91 30.73 -7.21 39.32
N CYS D 92 30.30 -8.19 38.55
CA CYS D 92 28.90 -8.42 38.22
C CYS D 92 28.32 -9.55 39.06
N PHE D 93 26.99 -9.67 39.01
CA PHE D 93 26.24 -10.58 39.88
C PHE D 93 25.58 -11.73 39.12
N SER D 94 24.80 -11.44 38.09
CA SER D 94 24.02 -12.50 37.46
C SER D 94 24.90 -13.49 36.73
N TRP D 95 26.05 -13.06 36.21
CA TRP D 95 27.04 -14.01 35.75
C TRP D 95 27.72 -14.75 36.89
N GLY D 96 27.50 -14.33 38.13
CA GLY D 96 27.98 -15.04 39.29
C GLY D 96 29.28 -14.55 39.88
N CYS D 97 29.97 -13.62 39.22
CA CYS D 97 31.33 -13.24 39.63
C CYS D 97 31.38 -12.79 41.07
N ALA D 98 30.43 -11.96 41.50
CA ALA D 98 30.40 -11.55 42.89
C ALA D 98 30.24 -12.76 43.81
N GLY D 99 29.49 -13.77 43.36
CA GLY D 99 29.33 -14.98 44.16
C GLY D 99 30.63 -15.73 44.37
N GLU D 100 31.41 -15.92 43.30
CA GLU D 100 32.68 -16.63 43.46
C GLU D 100 33.69 -15.79 44.24
N VAL D 101 33.67 -14.47 44.06
CA VAL D 101 34.59 -13.62 44.82
C VAL D 101 34.26 -13.69 46.30
N ARG D 102 32.97 -13.64 46.65
CA ARG D 102 32.57 -13.77 48.04
C ARG D 102 32.94 -15.15 48.59
N ALA D 103 32.70 -16.20 47.80
CA ALA D 103 33.04 -17.54 48.24
C ALA D 103 34.54 -17.71 48.44
N PHE D 104 35.33 -17.14 47.53
CA PHE D 104 36.79 -17.21 47.68
C PHE D 104 37.25 -16.51 48.95
N LEU D 105 36.68 -15.34 49.24
CA LEU D 105 37.04 -14.61 50.45
C LEU D 105 36.36 -15.16 51.69
N GLN D 106 35.33 -16.01 51.53
CA GLN D 106 34.68 -16.60 52.69
C GLN D 106 35.55 -17.69 53.32
N GLU D 107 36.20 -18.50 52.49
CA GLU D 107 37.04 -19.58 53.00
C GLU D 107 38.50 -19.16 53.16
N ASN D 108 39.01 -18.37 52.22
CA ASN D 108 40.38 -17.86 52.29
C ASN D 108 40.34 -16.56 53.07
N THR D 109 40.46 -16.67 54.39
CA THR D 109 40.36 -15.52 55.28
C THR D 109 41.67 -14.79 55.47
N HIS D 110 42.76 -15.26 54.87
CA HIS D 110 44.06 -14.61 55.00
C HIS D 110 44.41 -13.73 53.81
N VAL D 111 43.46 -13.48 52.92
CA VAL D 111 43.66 -12.63 51.75
C VAL D 111 42.62 -11.52 51.77
N ARG D 112 43.08 -10.28 51.65
CA ARG D 112 42.21 -9.12 51.56
C ARG D 112 42.19 -8.60 50.13
N LEU D 113 41.00 -8.24 49.65
CA LEU D 113 40.81 -7.80 48.27
C LEU D 113 40.49 -6.31 48.24
N ARG D 114 41.17 -5.58 47.36
CA ARG D 114 40.88 -4.19 47.08
C ARG D 114 40.46 -4.07 45.62
N ILE D 115 39.31 -3.44 45.38
CA ILE D 115 38.77 -3.31 44.04
C ILE D 115 38.70 -1.84 43.69
N PHE D 116 39.34 -1.46 42.59
CA PHE D 116 39.29 -0.12 42.04
C PHE D 116 38.66 -0.21 40.66
N ALA D 117 37.37 0.08 40.58
CA ALA D 117 36.63 -0.04 39.33
C ALA D 117 36.64 1.30 38.61
N ALA D 118 37.17 1.32 37.38
CA ALA D 118 37.13 2.53 36.58
C ALA D 118 35.71 2.91 36.20
N ARG D 119 34.84 1.91 36.04
CA ARG D 119 33.43 2.14 35.74
C ARG D 119 32.61 1.16 36.55
N ILE D 120 31.33 1.50 36.72
CA ILE D 120 30.37 0.64 37.41
C ILE D 120 29.63 -0.17 36.36
N TYR D 121 29.79 -1.49 36.39
CA TYR D 121 29.15 -2.37 35.42
C TYR D 121 27.67 -2.48 35.76
N ASP D 122 26.94 -1.41 35.45
CA ASP D 122 25.50 -1.36 35.64
C ASP D 122 24.76 -2.10 34.53
N TYR D 123 25.48 -2.65 33.55
CA TYR D 123 24.85 -3.45 32.52
C TYR D 123 24.12 -4.64 33.12
N ASP D 124 24.67 -5.19 34.19
CA ASP D 124 24.00 -6.23 34.96
C ASP D 124 22.91 -5.59 35.80
N PRO D 125 21.66 -6.06 35.73
CA PRO D 125 20.60 -5.48 36.57
C PRO D 125 20.86 -5.63 38.05
N LEU D 126 21.73 -6.55 38.45
CA LEU D 126 21.98 -6.89 39.85
C LEU D 126 23.31 -6.33 40.34
N TYR D 127 23.77 -5.23 39.72
CA TYR D 127 25.08 -4.67 40.05
C TYR D 127 25.10 -4.10 41.46
N LYS D 128 24.01 -3.47 41.89
CA LYS D 128 23.95 -2.97 43.25
C LYS D 128 24.08 -4.09 44.27
N GLU D 129 23.39 -5.21 44.03
CA GLU D 129 23.50 -6.36 44.92
C GLU D 129 24.91 -6.94 44.89
N ALA D 130 25.53 -6.98 43.71
CA ALA D 130 26.89 -7.48 43.61
C ALA D 130 27.84 -6.62 44.44
N LEU D 131 27.73 -5.30 44.32
CA LEU D 131 28.59 -4.41 45.10
C LEU D 131 28.32 -4.56 46.59
N GLN D 132 27.05 -4.71 46.96
CA GLN D 132 26.70 -4.86 48.37
C GLN D 132 27.30 -6.13 48.96
N MET D 133 27.23 -7.24 48.23
CA MET D 133 27.79 -8.48 48.76
C MET D 133 29.31 -8.47 48.72
N LEU D 134 29.91 -7.75 47.77
CA LEU D 134 31.35 -7.56 47.79
C LEU D 134 31.78 -6.80 49.03
N ARG D 135 31.01 -5.77 49.40
CA ARG D 135 31.27 -5.06 50.66
C ARG D 135 31.09 -5.99 51.85
N ASP D 136 30.04 -6.81 51.82
CA ASP D 136 29.80 -7.77 52.90
C ASP D 136 30.87 -8.86 52.95
N ALA D 137 31.60 -9.08 51.86
CA ALA D 137 32.64 -10.10 51.82
C ALA D 137 33.94 -9.65 52.46
N GLY D 138 33.97 -8.46 53.06
CA GLY D 138 35.17 -7.95 53.68
C GLY D 138 36.13 -7.24 52.74
N ALA D 139 35.79 -7.13 51.46
CA ALA D 139 36.62 -6.44 50.48
C ALA D 139 36.00 -5.08 50.18
N GLN D 140 36.78 -4.02 50.39
CA GLN D 140 36.29 -2.67 50.12
C GLN D 140 36.42 -2.38 48.63
N VAL D 141 35.37 -1.76 48.06
CA VAL D 141 35.33 -1.45 46.64
C VAL D 141 35.23 0.06 46.49
N SER D 142 36.02 0.61 45.56
CA SER D 142 36.05 2.05 45.33
C SER D 142 36.08 2.32 43.84
N ILE D 143 36.16 3.60 43.48
CA ILE D 143 36.22 4.03 42.09
C ILE D 143 37.55 4.74 41.87
N MET D 144 38.21 4.41 40.76
CA MET D 144 39.53 4.95 40.47
C MET D 144 39.46 6.48 40.33
N THR D 145 40.38 7.15 41.01
CA THR D 145 40.60 8.58 40.85
C THR D 145 41.83 8.76 39.96
N TYR D 146 42.29 10.01 39.79
CA TYR D 146 43.40 10.26 38.89
C TYR D 146 44.66 9.53 39.33
N ASP D 147 44.93 9.47 40.63
CA ASP D 147 46.17 8.86 41.10
C ASP D 147 46.18 7.35 40.83
N GLU D 148 45.05 6.67 41.00
CA GLU D 148 45.02 5.25 40.63
C GLU D 148 45.26 5.08 39.13
N PHE D 149 44.68 5.96 38.31
CA PHE D 149 44.87 5.85 36.87
C PHE D 149 46.33 6.04 36.48
N GLU D 150 47.00 7.04 37.06
CA GLU D 150 48.41 7.25 36.74
C GLU D 150 49.28 6.13 37.30
N TYR D 151 48.94 5.58 38.46
CA TYR D 151 49.67 4.44 38.99
C TYR D 151 49.53 3.23 38.07
N CYS D 152 48.33 3.00 37.56
CA CYS D 152 48.14 1.92 36.58
C CYS D 152 48.96 2.19 35.33
N TRP D 153 48.97 3.43 34.86
CA TRP D 153 49.68 3.76 33.63
C TRP D 153 51.18 3.54 33.77
N ASP D 154 51.75 3.94 34.90
CA ASP D 154 53.20 3.80 35.07
C ASP D 154 53.61 2.49 35.73
N THR D 155 52.66 1.61 36.05
CA THR D 155 52.99 0.29 36.58
C THR D 155 52.69 -0.84 35.60
N PHE D 156 51.46 -0.93 35.10
CA PHE D 156 51.04 -2.07 34.28
C PHE D 156 51.05 -1.79 32.79
N VAL D 157 51.27 -0.55 32.37
CA VAL D 157 51.23 -0.17 30.96
C VAL D 157 52.65 0.03 30.46
N TYR D 158 52.96 -0.58 29.32
CA TYR D 158 54.28 -0.45 28.71
C TYR D 158 54.33 0.95 28.10
N ARG D 159 54.61 1.95 28.94
CA ARG D 159 54.62 3.34 28.51
C ARG D 159 55.91 3.76 27.79
N GLN D 160 57.01 3.05 28.05
CA GLN D 160 58.35 3.27 27.50
C GLN D 160 58.74 4.72 27.74
N GLY D 161 58.33 5.25 28.90
CA GLY D 161 58.74 6.58 29.31
C GLY D 161 57.74 7.68 29.04
N CYS D 162 56.72 7.43 28.23
CA CYS D 162 55.72 8.45 27.95
C CYS D 162 54.90 8.72 29.21
N PRO D 163 54.71 9.98 29.60
CA PRO D 163 53.91 10.27 30.80
C PRO D 163 52.44 9.95 30.59
N PHE D 164 51.66 10.06 31.66
CA PHE D 164 50.23 9.75 31.60
C PHE D 164 49.44 10.94 31.09
N GLN D 165 48.65 10.72 30.04
CA GLN D 165 47.83 11.78 29.47
C GLN D 165 46.37 11.58 29.88
N PRO D 166 45.82 12.43 30.74
CA PRO D 166 44.42 12.26 31.14
C PRO D 166 43.47 12.53 29.99
N TRP D 167 42.30 11.90 30.05
CA TRP D 167 41.23 12.18 29.11
C TRP D 167 40.31 13.25 29.67
N ASP D 168 39.46 13.79 28.81
CA ASP D 168 38.53 14.84 29.22
C ASP D 168 37.48 14.27 30.17
N GLY D 169 37.18 15.03 31.22
CA GLY D 169 36.15 14.64 32.14
C GLY D 169 36.50 13.50 33.07
N LEU D 170 37.79 13.28 33.33
CA LEU D 170 38.18 12.21 34.24
C LEU D 170 37.69 12.47 35.65
N GLU D 171 37.96 13.68 36.17
CA GLU D 171 37.62 14.00 37.55
C GLU D 171 36.12 13.98 37.78
N GLU D 172 35.35 14.58 36.87
CA GLU D 172 33.91 14.67 37.06
C GLU D 172 33.27 13.28 37.05
N HIS D 173 33.64 12.46 36.07
CA HIS D 173 33.08 11.11 35.99
C HIS D 173 33.53 10.26 37.18
N SER D 174 34.77 10.41 37.60
CA SER D 174 35.25 9.67 38.77
C SER D 174 34.47 10.06 40.02
N GLN D 175 34.23 11.35 40.21
CA GLN D 175 33.45 11.79 41.38
C GLN D 175 32.02 11.29 41.30
N ALA D 176 31.41 11.34 40.12
CA ALA D 176 30.03 10.85 39.98
C ALA D 176 29.95 9.36 40.28
N LEU D 177 30.88 8.58 39.76
CA LEU D 177 30.87 7.14 40.04
C LEU D 177 31.15 6.86 41.50
N SER D 178 32.05 7.61 42.12
CA SER D 178 32.31 7.42 43.56
C SER D 178 31.07 7.74 44.38
N GLY D 179 30.35 8.81 44.02
CA GLY D 179 29.12 9.13 44.72
C GLY D 179 28.07 8.04 44.56
N ARG D 180 27.93 7.53 43.33
CA ARG D 180 26.97 6.45 43.11
C ARG D 180 27.34 5.21 43.92
N LEU D 181 28.62 4.85 43.95
CA LEU D 181 29.04 3.67 44.68
C LEU D 181 28.85 3.84 46.18
N ARG D 182 29.19 5.02 46.71
CA ARG D 182 29.02 5.24 48.14
C ARG D 182 27.55 5.33 48.53
N ALA D 183 26.68 5.72 47.59
CA ALA D 183 25.25 5.65 47.85
C ALA D 183 24.75 4.21 47.81
N ILE D 184 25.36 3.38 46.96
CA ILE D 184 24.96 1.98 46.87
C ILE D 184 25.34 1.23 48.14
N LEU D 185 26.58 1.42 48.60
CA LEU D 185 27.06 0.66 49.75
C LEU D 185 26.33 1.03 51.03
N GLN D 186 26.02 2.32 51.22
CA GLN D 186 25.35 2.73 52.45
C GLN D 186 23.93 2.18 52.53
N ASN D 187 23.29 1.98 51.38
CA ASN D 187 21.92 1.44 51.28
C ASN D 187 20.96 2.01 52.33
#